data_5UWU
#
_entry.id   5UWU
#
_cell.length_a   106.385
_cell.length_b   106.385
_cell.length_c   304.222
_cell.angle_alpha   90.00
_cell.angle_beta   90.00
_cell.angle_gamma   90.00
#
_symmetry.space_group_name_H-M   'P 43 21 2'
#
loop_
_entity.id
_entity.type
_entity.pdbx_description
1 polymer 'GTP-binding nuclear protein Ran'
2 polymer 'Ran-specific GTPase-activating protein 1'
3 polymer Exportin-1
4 polymer 'Mothers against decapentaplegic homolog 4'
5 non-polymer 'PHOSPHOAMINOPHOSPHONIC ACID-GUANYLATE ESTER'
6 non-polymer 'MAGNESIUM ION'
7 non-polymer GLYCEROL
8 non-polymer 'CHLORIDE ION'
9 water water
#
loop_
_entity_poly.entity_id
_entity_poly.type
_entity_poly.pdbx_seq_one_letter_code
_entity_poly.pdbx_strand_id
1 'polypeptide(L)'
;METGSSHHHHHHSSGLPRGSHMAAQGEPQVQFKLVLVGDGGTGKTTFVKRHLTGEFEKKYVATLGVEVHPLVFHTNRGPI
KFNVWDTAGQEKFGGLRDGYYIQAQCAIIMFDVTSRVTYKNVPNWHRDLVRVCENIPIVLCGNKVDIKDRKVKAKSIVFH
RKKNLQYYDISAKSNYNFEKPFLWLARKLIGDPNLEFVAMPALAPPEVVMDPALAAQYEHDLEVAQTTALPDEDDDL
;
A
2 'polypeptide(L)'
;GGSDIHFEPVVHLEKVDVKTMEEDEEVLYKVRAKLFRFDADAKEWKERGTGDCKFLKNKKTNKVRILMRRDKTLKICANH
IIAPEYTLKPNVGSDRSWVYACTADIAEGEAEAFTFAIRFGSKENADKFKEEFEKAQEINKKA
;
B
3 'polypeptide(L)'
;GGSMEGILDFSNDLDIALLDQVVSTFYQGSGVQQKQAQEILTKFQDNPDAWQKADQILQFSTNPQSKFIALSILDKLITR
KWKLLPNDHRIGIRNFVVGMIISMCQDDEVFKTQKNLINKSDLTLVQILKQEWPQNWPEFIPELIGSSSSSVNVCENNMI
VLKLLSEEVFDFSAEQMTQAKALHLKNSMSKEFEQIFKLCFQVLEQGSSSSLIVATLESLLRYLHWIPYRYIYETNILEL
LSTKFMTSPDTRAITLKCLTEVSNLKIPQDNDLIKRQTVLFFQNTLQQIATSVMPVTADLKATYANANGNDQSFLQDLAM
FLTTYLARNRALLESDESLRELLLNAHQYLIQLSKIEERELFKTTLDYWHNLVADLFYEPLKKHIYEEICSQLRLVIIEN
MVRPEEDLVVENDEGEIVREFVKESDTIQLYKSEREVLVYLTHLNVIDTEEIMISKLARQIDGSEWSWHNINTLSWAIGS
ISGTMSEDTEKRFVVTVIKDLLGLCEQKRGKDNKAVVASDIMYVVGQYPRFLKAHWNFLRTVILKLFEFMHETHEGVQDM
ACDTFIKIVQKCKYHFVIQQPRESEPFIQTIIRDIQKTTADLQPQQVHTFYKACGIIISEERSVAERNRLLSDLMQLPNM
AWDTIVEQSTANPTLLLDSETVKIIANIIKTNVAVCTSMGADFYPQLGHIYYNMLQLYRAVSSMISAQVAAEGLIATKTP
KVRGLRTIKKEILKLVETYISKARNLDDVVKVLVEPLLNAVLEDYMNNVPDARDAEVLNCMTTVVEKVGHMIPQGVILIL
QSVFECTLDMINKDFTEYPEHRVEFYKLLKVINEKSFAAFLELPPAAFKLFVDAICWAFKHNNRDVEVNGLQIALDLVKN
IERMGNVPFANEFHKNYFFIFVSETFFVLTDSDHKSGFSKQALLLMKLISLVYDNKISVPLYQEAEVPQGTSNQVYLSQY
LANMLSNAFPHLTSEQIASFLSALTKQCKDLVVFKGTLRDFLVQIKEVGGDPTDYLFAEDKENA
;
C
4 'polypeptide(L)' GGSYERVVSPGIDLSGLTLQ D
#
loop_
_chem_comp.id
_chem_comp.type
_chem_comp.name
_chem_comp.formula
CL non-polymer 'CHLORIDE ION' 'Cl -1'
GNP non-polymer 'PHOSPHOAMINOPHOSPHONIC ACID-GUANYLATE ESTER' 'C10 H17 N6 O13 P3'
GOL non-polymer GLYCEROL 'C3 H8 O3'
MG non-polymer 'MAGNESIUM ION' 'Mg 2'
#
# COMPACT_ATOMS: atom_id res chain seq x y z
N VAL A 30 0.33 -8.64 30.17
CA VAL A 30 1.80 -8.66 30.19
C VAL A 30 2.35 -9.34 28.93
N GLN A 31 1.72 -10.42 28.48
CA GLN A 31 2.24 -11.19 27.35
C GLN A 31 1.12 -11.69 26.44
N PHE A 32 1.26 -11.43 25.14
CA PHE A 32 0.21 -11.73 24.18
C PHE A 32 0.82 -12.28 22.89
N LYS A 33 0.22 -13.34 22.35
CA LYS A 33 0.69 -13.96 21.13
C LYS A 33 0.06 -13.25 19.94
N LEU A 34 0.91 -12.75 19.03
CA LEU A 34 0.47 -12.05 17.84
C LEU A 34 0.96 -12.80 16.61
N VAL A 35 0.04 -13.14 15.72
CA VAL A 35 0.38 -13.80 14.47
C VAL A 35 0.30 -12.78 13.35
N LEU A 36 1.33 -12.75 12.52
CA LEU A 36 1.46 -11.80 11.43
C LEU A 36 1.46 -12.61 10.14
N VAL A 37 0.49 -12.33 9.26
CA VAL A 37 0.27 -13.12 8.06
C VAL A 37 0.07 -12.19 6.87
N GLY A 38 0.19 -12.77 5.69
CA GLY A 38 0.07 -12.03 4.44
C GLY A 38 0.98 -12.58 3.37
N ASP A 39 0.76 -12.13 2.14
CA ASP A 39 1.50 -12.66 1.00
C ASP A 39 3.00 -12.44 1.17
N GLY A 40 3.78 -13.24 0.45
CA GLY A 40 5.22 -13.08 0.46
C GLY A 40 5.61 -11.76 -0.16
N GLY A 41 6.58 -11.09 0.46
CA GLY A 41 7.10 -9.83 -0.04
C GLY A 41 6.32 -8.61 0.37
N THR A 42 5.30 -8.76 1.22
CA THR A 42 4.49 -7.62 1.61
C THR A 42 5.17 -6.76 2.68
N GLY A 43 6.21 -7.27 3.32
CA GLY A 43 6.98 -6.51 4.28
C GLY A 43 6.78 -6.89 5.73
N LYS A 44 6.23 -8.08 6.00
CA LYS A 44 5.95 -8.48 7.37
C LYS A 44 7.22 -8.51 8.21
N THR A 45 8.26 -9.18 7.71
CA THR A 45 9.50 -9.32 8.47
C THR A 45 10.22 -7.98 8.59
N THR A 46 10.22 -7.18 7.53
CA THR A 46 10.83 -5.85 7.59
C THR A 46 10.15 -4.98 8.63
N PHE A 47 8.82 -5.06 8.71
CA PHE A 47 8.05 -4.32 9.70
C PHE A 47 8.48 -4.71 11.11
N VAL A 48 8.54 -6.02 11.38
CA VAL A 48 8.90 -6.48 12.71
C VAL A 48 10.33 -6.06 13.04
N LYS A 49 11.25 -6.25 12.09
CA LYS A 49 12.65 -5.86 12.31
C LYS A 49 12.76 -4.39 12.65
N ARG A 50 12.02 -3.54 11.94
CA ARG A 50 12.05 -2.11 12.25
C ARG A 50 11.71 -1.88 13.71
N HIS A 51 10.70 -2.59 14.22
CA HIS A 51 10.29 -2.42 15.61
C HIS A 51 11.28 -3.05 16.58
N LEU A 52 12.02 -4.07 16.15
CA LEU A 52 12.93 -4.77 17.06
C LEU A 52 14.24 -4.03 17.25
N THR A 53 14.83 -3.55 16.15
CA THR A 53 16.16 -2.93 16.19
C THR A 53 16.19 -1.51 15.65
N GLY A 54 15.13 -1.05 14.99
CA GLY A 54 15.14 0.24 14.31
C GLY A 54 15.67 0.21 12.90
N GLU A 55 16.12 -0.94 12.41
CA GLU A 55 16.74 -1.02 11.10
C GLU A 55 15.68 -1.21 10.00
N PHE A 56 16.06 -0.83 8.79
CA PHE A 56 15.27 -1.11 7.60
C PHE A 56 16.05 -2.07 6.72
N GLU A 57 15.62 -3.32 6.68
CA GLU A 57 16.26 -4.34 5.85
C GLU A 57 15.81 -4.19 4.42
N LYS A 58 16.75 -3.91 3.50
CA LYS A 58 16.41 -3.68 2.10
C LYS A 58 16.24 -4.97 1.32
N LYS A 59 16.88 -6.04 1.75
CA LYS A 59 16.84 -7.30 1.00
C LYS A 59 15.60 -8.10 1.35
N TYR A 60 15.16 -8.92 0.39
CA TYR A 60 14.04 -9.85 0.59
C TYR A 60 14.61 -11.23 0.83
N VAL A 61 14.70 -11.63 2.09
CA VAL A 61 15.04 -12.99 2.48
C VAL A 61 13.78 -13.63 3.01
N ALA A 62 13.20 -14.54 2.24
CA ALA A 62 11.91 -15.11 2.56
C ALA A 62 11.95 -15.84 3.89
N THR A 63 10.96 -15.59 4.74
CA THR A 63 10.82 -16.30 6.00
C THR A 63 10.47 -17.76 5.73
N LEU A 64 11.04 -18.66 6.53
CA LEU A 64 10.82 -20.09 6.39
C LEU A 64 9.95 -20.57 7.55
N GLY A 65 8.68 -20.84 7.28
CA GLY A 65 7.76 -21.23 8.32
C GLY A 65 7.38 -20.06 9.21
N VAL A 66 8.12 -19.86 10.29
CA VAL A 66 7.85 -18.77 11.21
C VAL A 66 9.13 -18.40 11.95
N GLU A 67 9.21 -17.14 12.36
CA GLU A 67 10.20 -16.67 13.32
C GLU A 67 9.47 -15.95 14.44
N VAL A 68 9.75 -16.36 15.67
CA VAL A 68 9.11 -15.80 16.86
C VAL A 68 10.03 -14.72 17.43
N HIS A 69 9.47 -13.53 17.67
CA HIS A 69 10.24 -12.41 18.19
C HIS A 69 9.51 -11.75 19.36
N PRO A 70 10.13 -11.64 20.53
CA PRO A 70 9.54 -10.82 21.60
C PRO A 70 9.64 -9.34 21.29
N LEU A 71 8.56 -8.61 21.59
CA LEU A 71 8.50 -7.18 21.35
C LEU A 71 7.79 -6.51 22.51
N VAL A 72 8.48 -5.63 23.21
CA VAL A 72 7.96 -4.96 24.41
C VAL A 72 7.72 -3.50 24.08
N PHE A 73 6.57 -2.99 24.51
CA PHE A 73 6.26 -1.58 24.44
C PHE A 73 6.00 -1.07 25.86
N HIS A 74 6.46 0.14 26.14
CA HIS A 74 6.23 0.77 27.43
C HIS A 74 5.02 1.67 27.34
N THR A 75 4.05 1.46 28.24
CA THR A 75 2.80 2.20 28.22
C THR A 75 2.53 2.80 29.58
N ASN A 76 1.54 3.69 29.63
CA ASN A 76 1.11 4.27 30.90
C ASN A 76 0.39 3.26 31.78
N ARG A 77 0.15 2.05 31.28
CA ARG A 77 -0.36 0.95 32.09
C ARG A 77 0.70 -0.10 32.35
N GLY A 78 1.98 0.25 32.16
CA GLY A 78 3.05 -0.70 32.32
C GLY A 78 3.48 -1.30 31.00
N PRO A 79 4.51 -2.14 31.03
CA PRO A 79 4.97 -2.76 29.79
C PRO A 79 4.01 -3.82 29.28
N ILE A 80 3.91 -3.92 27.96
CA ILE A 80 3.15 -4.97 27.30
C ILE A 80 4.09 -5.72 26.39
N LYS A 81 4.05 -7.04 26.44
CA LYS A 81 4.93 -7.88 25.64
C LYS A 81 4.11 -8.57 24.56
N PHE A 82 4.53 -8.40 23.32
CA PHE A 82 4.01 -9.15 22.18
C PHE A 82 5.00 -10.25 21.82
N ASN A 83 4.52 -11.48 21.73
CA ASN A 83 5.28 -12.58 21.15
C ASN A 83 4.83 -12.69 19.70
N VAL A 84 5.62 -12.10 18.79
CA VAL A 84 5.21 -11.96 17.40
C VAL A 84 5.61 -13.22 16.64
N TRP A 85 4.61 -13.91 16.09
CA TRP A 85 4.85 -15.05 15.20
C TRP A 85 4.81 -14.51 13.78
N ASP A 86 5.99 -14.24 13.23
CA ASP A 86 6.14 -13.71 11.87
C ASP A 86 6.17 -14.89 10.92
N THR A 87 5.04 -15.15 10.26
CA THR A 87 4.91 -16.34 9.44
C THR A 87 5.32 -16.06 7.99
N ALA A 88 5.51 -17.14 7.24
CA ALA A 88 5.90 -17.08 5.84
C ALA A 88 4.67 -16.91 4.98
N GLY A 89 4.74 -16.01 4.01
CA GLY A 89 3.67 -15.79 3.06
C GLY A 89 3.81 -16.57 1.77
N GLN A 90 5.02 -17.02 1.46
CA GLN A 90 5.25 -17.83 0.27
C GLN A 90 4.82 -19.26 0.55
N GLU A 91 3.99 -19.81 -0.35
CA GLU A 91 3.36 -21.10 -0.06
C GLU A 91 4.40 -22.22 0.08
N LYS A 92 5.42 -22.22 -0.77
CA LYS A 92 6.44 -23.27 -0.67
C LYS A 92 7.28 -23.15 0.59
N PHE A 93 7.09 -22.09 1.39
CA PHE A 93 7.78 -21.95 2.67
C PHE A 93 6.80 -21.89 3.83
N GLY A 94 5.55 -22.29 3.60
CA GLY A 94 4.49 -22.08 4.56
C GLY A 94 4.67 -22.81 5.89
N GLY A 95 5.43 -23.90 5.90
CA GLY A 95 5.60 -24.64 7.14
C GLY A 95 4.28 -25.20 7.63
N LEU A 96 3.97 -24.93 8.89
CA LEU A 96 2.74 -25.44 9.51
C LEU A 96 1.51 -24.61 9.14
N ARG A 97 1.67 -23.50 8.41
CA ARG A 97 0.55 -22.72 7.93
C ARG A 97 -0.39 -22.34 9.07
N ASP A 98 -1.66 -22.73 9.00
CA ASP A 98 -2.58 -22.33 10.06
C ASP A 98 -2.27 -22.95 11.41
N GLY A 99 -1.36 -23.94 11.45
CA GLY A 99 -0.90 -24.44 12.73
C GLY A 99 -0.22 -23.39 13.58
N TYR A 100 0.26 -22.31 12.95
CA TYR A 100 0.90 -21.23 13.69
C TYR A 100 -0.11 -20.34 14.42
N TYR A 101 -1.39 -20.42 14.03
CA TYR A 101 -2.39 -19.49 14.58
C TYR A 101 -2.97 -19.95 15.91
N ILE A 102 -2.74 -21.21 16.29
CA ILE A 102 -3.37 -21.76 17.49
C ILE A 102 -3.03 -20.88 18.69
N GLN A 103 -4.06 -20.51 19.44
CA GLN A 103 -3.93 -19.76 20.69
C GLN A 103 -3.38 -18.35 20.49
N ALA A 104 -3.41 -17.82 19.28
CA ALA A 104 -3.09 -16.42 19.10
C ALA A 104 -4.15 -15.55 19.76
N GLN A 105 -3.72 -14.42 20.29
CA GLN A 105 -4.63 -13.48 20.94
C GLN A 105 -4.84 -12.21 20.12
N CYS A 106 -4.08 -12.02 19.06
CA CYS A 106 -4.26 -10.89 18.15
C CYS A 106 -3.51 -11.21 16.87
N ALA A 107 -3.71 -10.38 15.86
CA ALA A 107 -3.10 -10.66 14.57
C ALA A 107 -3.01 -9.40 13.74
N ILE A 108 -2.07 -9.42 12.79
CA ILE A 108 -1.93 -8.41 11.76
C ILE A 108 -1.96 -9.13 10.42
N ILE A 109 -2.82 -8.67 9.53
CA ILE A 109 -2.84 -9.12 8.14
C ILE A 109 -2.22 -8.03 7.30
N MET A 110 -1.20 -8.39 6.52
N MET A 110 -1.18 -8.35 6.55
CA MET A 110 -0.41 -7.45 5.74
CA MET A 110 -0.44 -7.36 5.79
C MET A 110 -0.66 -7.64 4.26
C MET A 110 -0.56 -7.62 4.29
N PHE A 111 -0.69 -6.54 3.52
CA PHE A 111 -0.64 -6.59 2.07
C PHE A 111 0.18 -5.40 1.60
N ASP A 112 0.39 -5.34 0.30
CA ASP A 112 1.30 -4.37 -0.31
C ASP A 112 0.49 -3.51 -1.27
N VAL A 113 0.38 -2.21 -0.98
CA VAL A 113 -0.46 -1.35 -1.80
C VAL A 113 0.07 -1.19 -3.21
N THR A 114 1.28 -1.67 -3.49
CA THR A 114 1.80 -1.65 -4.86
C THR A 114 1.54 -2.95 -5.61
N SER A 115 0.86 -3.91 -5.00
CA SER A 115 0.62 -5.22 -5.62
C SER A 115 -0.82 -5.65 -5.35
N ARG A 116 -1.68 -5.52 -6.37
CA ARG A 116 -3.11 -5.81 -6.20
C ARG A 116 -3.34 -7.25 -5.73
N VAL A 117 -2.56 -8.20 -6.23
CA VAL A 117 -2.80 -9.59 -5.88
C VAL A 117 -2.73 -9.78 -4.37
N THR A 118 -1.82 -9.07 -3.70
CA THR A 118 -1.70 -9.24 -2.25
C THR A 118 -2.95 -8.76 -1.53
N TYR A 119 -3.66 -7.78 -2.08
CA TYR A 119 -4.94 -7.41 -1.49
C TYR A 119 -6.01 -8.44 -1.82
N LYS A 120 -6.02 -8.93 -3.06
CA LYS A 120 -6.98 -9.97 -3.44
C LYS A 120 -6.88 -11.19 -2.53
N ASN A 121 -5.70 -11.45 -1.94
CA ASN A 121 -5.51 -12.63 -1.09
C ASN A 121 -5.83 -12.37 0.38
N VAL A 122 -6.08 -11.13 0.77
CA VAL A 122 -6.40 -10.75 2.15
C VAL A 122 -7.58 -11.59 2.64
N PRO A 123 -8.65 -11.76 1.86
CA PRO A 123 -9.75 -12.63 2.33
C PRO A 123 -9.32 -14.06 2.59
N ASN A 124 -8.35 -14.59 1.83
CA ASN A 124 -7.90 -15.96 2.06
C ASN A 124 -7.13 -16.07 3.37
N TRP A 125 -6.18 -15.15 3.59
CA TRP A 125 -5.48 -15.14 4.87
C TRP A 125 -6.46 -14.97 6.02
N HIS A 126 -7.44 -14.07 5.86
CA HIS A 126 -8.40 -13.83 6.93
C HIS A 126 -9.24 -15.07 7.20
N ARG A 127 -9.69 -15.74 6.15
CA ARG A 127 -10.44 -16.99 6.29
C ARG A 127 -9.67 -17.98 7.15
N ASP A 128 -8.42 -18.29 6.76
CA ASP A 128 -7.65 -19.28 7.48
C ASP A 128 -7.34 -18.83 8.91
N LEU A 129 -7.28 -17.52 9.13
CA LEU A 129 -6.95 -17.01 10.46
C LEU A 129 -8.12 -17.17 11.43
N VAL A 130 -9.31 -16.69 11.05
CA VAL A 130 -10.43 -16.68 11.99
C VAL A 130 -11.09 -18.03 12.13
N ARG A 131 -10.75 -19.00 11.26
CA ARG A 131 -11.22 -20.36 11.49
C ARG A 131 -10.54 -20.98 12.70
N VAL A 132 -9.29 -20.57 12.98
CA VAL A 132 -8.60 -21.01 14.19
C VAL A 132 -8.84 -20.04 15.35
N CYS A 133 -8.78 -18.73 15.08
CA CYS A 133 -8.91 -17.70 16.12
C CYS A 133 -10.21 -16.94 15.89
N GLU A 134 -11.28 -17.38 16.55
CA GLU A 134 -12.63 -16.97 16.19
C GLU A 134 -12.99 -15.58 16.72
N ASN A 135 -12.30 -15.08 17.75
CA ASN A 135 -12.70 -13.80 18.33
C ASN A 135 -11.44 -13.10 18.88
N ILE A 136 -10.61 -12.58 17.97
CA ILE A 136 -9.41 -11.85 18.38
C ILE A 136 -9.37 -10.51 17.68
N PRO A 137 -8.73 -9.50 18.26
CA PRO A 137 -8.53 -8.24 17.54
C PRO A 137 -7.52 -8.42 16.41
N ILE A 138 -7.87 -7.90 15.23
CA ILE A 138 -7.08 -8.05 14.03
C ILE A 138 -6.92 -6.69 13.36
N VAL A 139 -5.68 -6.37 12.96
CA VAL A 139 -5.39 -5.16 12.21
C VAL A 139 -5.03 -5.55 10.79
N LEU A 140 -5.62 -4.85 9.83
CA LEU A 140 -5.27 -4.98 8.43
C LEU A 140 -4.34 -3.83 8.05
N CYS A 141 -3.19 -4.15 7.47
CA CYS A 141 -2.17 -3.15 7.17
C CYS A 141 -1.85 -3.19 5.67
N GLY A 142 -2.00 -2.03 5.03
CA GLY A 142 -1.53 -1.87 3.66
C GLY A 142 -0.17 -1.20 3.68
N ASN A 143 0.86 -1.98 3.37
CA ASN A 143 2.24 -1.53 3.54
C ASN A 143 2.76 -0.89 2.25
N LYS A 144 3.88 -0.18 2.39
CA LYS A 144 4.64 0.38 1.28
C LYS A 144 3.96 1.60 0.66
N VAL A 145 3.18 2.36 1.46
CA VAL A 145 2.57 3.57 0.94
C VAL A 145 3.59 4.63 0.58
N ASP A 146 4.87 4.41 0.90
CA ASP A 146 5.92 5.32 0.49
C ASP A 146 6.16 5.30 -1.01
N ILE A 147 5.77 4.24 -1.69
N ILE A 147 5.76 4.25 -1.70
CA ILE A 147 6.03 4.11 -3.13
CA ILE A 147 6.05 4.11 -3.13
C ILE A 147 5.05 5.00 -3.88
C ILE A 147 5.05 4.94 -3.93
N LYS A 148 5.57 5.77 -4.83
CA LYS A 148 4.73 6.72 -5.57
C LYS A 148 3.61 6.03 -6.34
N ASP A 149 3.93 4.96 -7.05
CA ASP A 149 2.98 4.34 -7.97
C ASP A 149 2.13 3.33 -7.19
N ARG A 150 1.19 3.85 -6.42
CA ARG A 150 0.30 3.02 -5.63
C ARG A 150 -0.75 2.37 -6.52
N LYS A 151 -0.96 1.06 -6.32
CA LYS A 151 -1.90 0.31 -7.14
C LYS A 151 -3.21 0.01 -6.43
N VAL A 152 -3.19 -0.28 -5.13
CA VAL A 152 -4.42 -0.55 -4.38
C VAL A 152 -4.87 0.79 -3.78
N LYS A 153 -5.81 1.43 -4.44
CA LYS A 153 -6.22 2.76 -4.04
C LYS A 153 -7.00 2.72 -2.73
N ALA A 154 -6.90 3.82 -1.98
CA ALA A 154 -7.54 3.89 -0.66
C ALA A 154 -9.01 3.53 -0.72
N LYS A 155 -9.73 4.04 -1.72
CA LYS A 155 -11.17 3.79 -1.82
C LYS A 155 -11.49 2.34 -2.16
N SER A 156 -10.53 1.59 -2.70
CA SER A 156 -10.76 0.17 -2.98
C SER A 156 -10.68 -0.69 -1.73
N ILE A 157 -10.14 -0.17 -0.63
CA ILE A 157 -9.83 -0.98 0.55
C ILE A 157 -11.05 -0.91 1.47
N VAL A 158 -11.88 -1.95 1.44
CA VAL A 158 -13.12 -1.98 2.20
C VAL A 158 -13.34 -3.32 2.90
N PHE A 159 -12.44 -4.29 2.68
CA PHE A 159 -12.68 -5.64 3.20
C PHE A 159 -12.81 -5.65 4.72
N HIS A 160 -12.07 -4.78 5.41
CA HIS A 160 -12.09 -4.72 6.87
C HIS A 160 -13.46 -4.35 7.44
N ARG A 161 -14.34 -3.73 6.65
CA ARG A 161 -15.55 -3.14 7.23
C ARG A 161 -16.47 -4.20 7.81
N LYS A 162 -16.89 -5.16 7.00
CA LYS A 162 -17.80 -6.19 7.51
C LYS A 162 -17.10 -7.14 8.46
N LYS A 163 -15.77 -7.21 8.44
CA LYS A 163 -15.03 -8.13 9.29
C LYS A 163 -14.54 -7.48 10.59
N ASN A 164 -14.82 -6.19 10.79
CA ASN A 164 -14.51 -5.50 12.04
C ASN A 164 -13.01 -5.48 12.30
N LEU A 165 -12.22 -5.36 11.24
CA LEU A 165 -10.78 -5.20 11.37
C LEU A 165 -10.44 -3.72 11.41
N GLN A 166 -9.47 -3.36 12.23
CA GLN A 166 -8.84 -2.04 12.12
C GLN A 166 -7.96 -1.99 10.88
N TYR A 167 -8.01 -0.89 10.15
CA TYR A 167 -7.19 -0.70 8.96
C TYR A 167 -6.23 0.46 9.14
N TYR A 168 -4.98 0.27 8.70
CA TYR A 168 -4.01 1.35 8.61
C TYR A 168 -3.19 1.23 7.34
N ASP A 169 -3.04 2.35 6.63
CA ASP A 169 -1.90 2.56 5.74
C ASP A 169 -0.64 2.59 6.57
N ILE A 170 0.39 1.83 6.17
CA ILE A 170 1.68 1.88 6.85
C ILE A 170 2.81 1.85 5.83
N SER A 171 3.99 2.25 6.31
CA SER A 171 5.23 2.09 5.55
C SER A 171 6.35 1.75 6.54
N ALA A 172 6.88 0.53 6.44
CA ALA A 172 8.05 0.20 7.25
C ALA A 172 9.26 1.03 6.84
N LYS A 173 9.26 1.60 5.63
CA LYS A 173 10.41 2.33 5.14
C LYS A 173 10.42 3.77 5.64
N SER A 174 9.27 4.44 5.56
CA SER A 174 9.15 5.81 6.06
C SER A 174 8.63 5.87 7.49
N ASN A 175 8.27 4.73 8.08
CA ASN A 175 7.71 4.63 9.43
C ASN A 175 6.32 5.23 9.53
N TYR A 176 5.69 5.59 8.41
CA TYR A 176 4.32 6.10 8.45
C TYR A 176 3.41 5.13 9.16
N ASN A 177 2.78 5.60 10.24
CA ASN A 177 1.83 4.82 11.02
C ASN A 177 2.40 3.51 11.55
N PHE A 178 3.73 3.37 11.62
CA PHE A 178 4.29 2.05 11.93
C PHE A 178 3.99 1.60 13.34
N GLU A 179 3.62 2.53 14.23
CA GLU A 179 3.30 2.19 15.60
C GLU A 179 1.82 1.93 15.81
N LYS A 180 0.97 2.34 14.87
CA LYS A 180 -0.47 2.26 15.10
C LYS A 180 -0.98 0.85 15.28
N PRO A 181 -0.54 -0.15 14.52
CA PRO A 181 -1.07 -1.50 14.74
C PRO A 181 -0.88 -2.00 16.15
N PHE A 182 0.29 -1.74 16.75
CA PHE A 182 0.56 -2.24 18.09
C PHE A 182 -0.16 -1.41 19.15
N LEU A 183 -0.25 -0.10 18.94
CA LEU A 183 -1.00 0.73 19.88
C LEU A 183 -2.46 0.31 19.92
N TRP A 184 -3.08 0.13 18.75
CA TRP A 184 -4.49 -0.27 18.71
C TRP A 184 -4.69 -1.63 19.38
N LEU A 185 -3.79 -2.59 19.10
CA LEU A 185 -3.92 -3.91 19.71
C LEU A 185 -3.71 -3.86 21.22
N ALA A 186 -2.74 -3.08 21.67
CA ALA A 186 -2.51 -2.94 23.11
C ALA A 186 -3.76 -2.43 23.81
N ARG A 187 -4.46 -1.46 23.21
CA ARG A 187 -5.68 -0.94 23.80
C ARG A 187 -6.76 -2.02 23.86
N LYS A 188 -6.91 -2.79 22.78
CA LYS A 188 -7.89 -3.87 22.77
C LYS A 188 -7.55 -4.93 23.82
N LEU A 189 -6.28 -5.37 23.84
CA LEU A 189 -5.91 -6.49 24.70
C LEU A 189 -5.96 -6.11 26.17
N ILE A 190 -5.51 -4.90 26.52
CA ILE A 190 -5.58 -4.43 27.90
C ILE A 190 -6.98 -3.95 28.27
N GLY A 191 -7.80 -3.60 27.28
CA GLY A 191 -9.12 -3.08 27.57
C GLY A 191 -9.13 -1.67 28.07
N ASP A 192 -8.21 -0.83 27.61
CA ASP A 192 -8.11 0.56 28.04
C ASP A 192 -7.98 1.43 26.80
N PRO A 193 -9.03 2.16 26.40
CA PRO A 193 -8.92 2.97 25.17
C PRO A 193 -7.97 4.16 25.30
N ASN A 194 -7.56 4.52 26.52
CA ASN A 194 -6.68 5.65 26.73
C ASN A 194 -5.24 5.23 27.00
N LEU A 195 -4.90 3.98 26.76
CA LEU A 195 -3.53 3.53 26.89
C LEU A 195 -2.64 4.26 25.89
N GLU A 196 -1.44 4.62 26.33
CA GLU A 196 -0.49 5.37 25.52
C GLU A 196 0.89 4.79 25.68
N PHE A 197 1.67 4.84 24.60
CA PHE A 197 3.10 4.59 24.71
C PHE A 197 3.75 5.74 25.49
N VAL A 198 4.69 5.40 26.38
CA VAL A 198 5.38 6.39 27.18
C VAL A 198 6.88 6.17 27.08
N ALA A 199 7.63 7.21 27.44
CA ALA A 199 9.09 7.16 27.39
C ALA A 199 9.62 6.19 28.44
N MET A 200 10.30 5.15 27.98
CA MET A 200 10.97 4.23 28.87
C MET A 200 12.02 4.99 29.70
N PRO A 201 12.24 4.61 30.96
CA PRO A 201 13.23 5.31 31.79
C PRO A 201 14.62 5.24 31.19
N ALA A 202 15.39 6.31 31.37
CA ALA A 202 16.71 6.45 30.77
C ALA A 202 17.74 6.56 31.90
N LEU A 203 18.32 5.41 32.26
CA LEU A 203 19.30 5.37 33.33
C LEU A 203 20.55 6.16 32.97
N ALA A 204 21.28 6.57 34.00
CA ALA A 204 22.56 7.24 33.78
C ALA A 204 23.54 6.28 33.13
N PRO A 205 24.18 6.63 32.02
CA PRO A 205 25.14 5.73 31.41
C PRO A 205 26.45 5.73 32.19
N PRO A 206 27.19 4.64 32.15
CA PRO A 206 28.43 4.56 32.95
C PRO A 206 29.55 5.38 32.34
N GLU A 207 30.63 5.48 33.10
CA GLU A 207 31.80 6.24 32.67
C GLU A 207 32.74 5.36 31.87
N VAL A 208 33.62 6.01 31.11
CA VAL A 208 34.40 5.37 30.06
C VAL A 208 35.83 5.17 30.55
N VAL A 209 36.38 3.99 30.26
CA VAL A 209 37.81 3.72 30.38
C VAL A 209 38.20 2.79 29.24
N MET A 210 38.62 3.35 28.12
CA MET A 210 39.01 2.52 26.99
C MET A 210 40.31 1.80 27.29
N ASP A 211 40.41 0.57 26.81
CA ASP A 211 41.59 -0.26 27.02
C ASP A 211 42.66 0.13 26.00
N PRO A 212 43.89 0.46 26.44
CA PRO A 212 44.95 0.74 25.46
C PRO A 212 45.36 -0.48 24.65
N ALA A 213 45.02 -1.68 25.10
CA ALA A 213 45.31 -2.88 24.33
C ALA A 213 44.33 -3.05 23.16
N LEU A 214 43.11 -2.56 23.31
CA LEU A 214 42.13 -2.59 22.24
C LEU A 214 42.13 -1.32 21.40
N ALA A 215 43.05 -0.39 21.66
CA ALA A 215 43.11 0.84 20.89
C ALA A 215 43.45 0.58 19.44
N ALA A 216 44.27 -0.44 19.16
CA ALA A 216 44.61 -0.78 17.79
C ALA A 216 43.46 -1.50 17.09
N GLN A 217 42.67 -2.28 17.82
CA GLN A 217 41.55 -2.99 17.22
C GLN A 217 40.39 -2.06 16.92
N TYR A 218 40.24 -0.97 17.69
CA TYR A 218 39.15 -0.04 17.44
C TYR A 218 39.42 0.85 16.23
N GLU A 219 40.68 1.16 15.95
CA GLU A 219 41.01 1.92 14.74
C GLU A 219 40.70 1.11 13.48
N HIS A 220 40.90 -0.21 13.54
CA HIS A 220 40.56 -1.06 12.40
C HIS A 220 39.06 -1.05 12.14
N ASP A 221 38.26 -1.24 13.18
CA ASP A 221 36.81 -1.23 13.03
C ASP A 221 36.31 0.14 12.61
N LEU A 222 37.03 1.20 13.00
CA LEU A 222 36.59 2.56 12.70
C LEU A 222 36.94 2.95 11.27
N GLU A 223 38.13 2.57 10.80
CA GLU A 223 38.52 2.89 9.43
C GLU A 223 37.55 2.29 8.43
N VAL A 224 37.18 1.02 8.62
CA VAL A 224 36.20 0.38 7.76
C VAL A 224 34.89 1.16 7.80
N ALA A 225 34.44 1.52 9.00
CA ALA A 225 33.16 2.20 9.16
C ALA A 225 33.18 3.57 8.47
N GLN A 226 34.31 4.28 8.54
CA GLN A 226 34.41 5.58 7.90
C GLN A 226 34.32 5.47 6.39
N THR A 227 34.88 4.40 5.83
CA THR A 227 34.94 4.21 4.39
C THR A 227 33.82 3.33 3.85
N THR A 228 32.81 3.03 4.67
CA THR A 228 31.57 2.40 4.23
C THR A 228 30.50 3.48 4.21
N ALA A 229 29.97 3.77 3.03
CA ALA A 229 29.04 4.89 2.88
C ALA A 229 27.73 4.59 3.60
N LEU A 230 27.21 5.60 4.29
CA LEU A 230 25.89 5.48 4.90
C LEU A 230 24.83 5.32 3.80
N PRO A 231 23.79 4.53 4.05
CA PRO A 231 22.77 4.32 3.03
C PRO A 231 21.78 5.47 2.93
N ASP A 232 21.10 5.52 1.78
CA ASP A 232 20.01 6.45 1.55
C ASP A 232 20.42 7.89 1.86
N GLU A 233 21.54 8.32 1.28
CA GLU A 233 22.06 9.65 1.55
C GLU A 233 21.16 10.76 1.02
N ASP A 234 20.13 10.43 0.23
CA ASP A 234 19.20 11.43 -0.27
C ASP A 234 17.99 11.63 0.63
N ASP A 235 17.79 10.77 1.61
CA ASP A 235 16.69 10.96 2.56
C ASP A 235 16.81 12.31 3.26
N ASP A 236 15.70 12.76 3.83
CA ASP A 236 15.74 13.96 4.67
C ASP A 236 16.55 13.73 5.94
N LEU A 237 16.71 12.48 6.36
CA LEU A 237 17.60 12.14 7.46
C LEU A 237 18.30 10.82 7.17
N ILE B 5 -19.94 27.29 54.12
CA ILE B 5 -20.02 25.84 54.26
C ILE B 5 -19.04 25.18 53.29
N HIS B 6 -18.13 24.39 53.84
CA HIS B 6 -17.12 23.69 53.06
C HIS B 6 -17.76 22.58 52.24
N PHE B 7 -17.69 22.68 50.91
CA PHE B 7 -18.20 21.66 50.01
C PHE B 7 -17.03 20.83 49.49
N GLU B 8 -16.92 19.61 49.97
CA GLU B 8 -15.84 18.71 49.59
C GLU B 8 -15.80 18.56 48.07
N PRO B 9 -14.69 18.89 47.41
CA PRO B 9 -14.65 18.79 45.96
C PRO B 9 -14.44 17.35 45.48
N VAL B 10 -14.72 17.15 44.19
CA VAL B 10 -14.54 15.83 43.60
C VAL B 10 -13.07 15.40 43.72
N VAL B 11 -12.86 14.09 43.85
CA VAL B 11 -11.52 13.54 43.93
C VAL B 11 -10.77 13.83 42.64
N THR B 20 10.64 9.32 33.60
CA THR B 20 11.50 9.17 32.43
C THR B 20 12.98 9.13 32.84
N MET B 21 13.26 9.62 34.05
CA MET B 21 14.62 9.71 34.58
C MET B 21 15.46 10.74 33.82
N GLU B 22 14.81 11.82 33.36
CA GLU B 22 15.50 12.96 32.76
C GLU B 22 15.15 14.26 33.46
N GLU B 23 14.50 14.18 34.63
CA GLU B 23 14.01 15.38 35.30
C GLU B 23 15.11 16.13 36.03
N ASP B 24 16.16 15.44 36.46
CA ASP B 24 17.29 16.06 37.13
C ASP B 24 18.40 16.47 36.17
N GLU B 25 18.07 16.68 34.89
CA GLU B 25 19.05 17.04 33.89
C GLU B 25 18.58 18.27 33.13
N GLU B 26 19.54 18.93 32.48
CA GLU B 26 19.31 20.16 31.72
C GLU B 26 19.64 19.90 30.25
N VAL B 27 18.87 20.49 29.35
CA VAL B 27 19.00 20.24 27.91
C VAL B 27 19.89 21.33 27.33
N LEU B 28 21.12 20.95 26.97
CA LEU B 28 22.05 21.91 26.37
C LEU B 28 21.82 22.04 24.87
N TYR B 29 21.63 20.92 24.18
CA TYR B 29 21.47 20.90 22.74
C TYR B 29 20.38 19.91 22.37
N LYS B 30 19.68 20.20 21.28
CA LYS B 30 18.63 19.33 20.78
C LYS B 30 18.59 19.45 19.26
N VAL B 31 18.65 18.31 18.57
CA VAL B 31 18.64 18.30 17.11
C VAL B 31 18.00 17.01 16.63
N ARG B 32 17.26 17.10 15.53
CA ARG B 32 16.74 15.91 14.86
C ARG B 32 17.88 15.20 14.13
N ALA B 33 17.89 13.87 14.21
CA ALA B 33 18.98 13.11 13.63
C ALA B 33 18.54 11.67 13.41
N LYS B 34 19.27 11.00 12.52
CA LYS B 34 19.15 9.57 12.31
C LYS B 34 20.46 8.91 12.75
N LEU B 35 20.35 7.86 13.56
CA LEU B 35 21.50 7.20 14.15
C LEU B 35 21.69 5.84 13.52
N PHE B 36 22.92 5.52 13.15
CA PHE B 36 23.30 4.22 12.62
C PHE B 36 24.32 3.55 13.53
N ARG B 37 24.33 2.23 13.48
CA ARG B 37 25.37 1.41 14.10
C ARG B 37 25.99 0.55 13.01
N PHE B 38 27.30 0.32 13.09
CA PHE B 38 28.00 -0.42 12.06
C PHE B 38 28.03 -1.89 12.43
N ASP B 39 27.45 -2.72 11.56
CA ASP B 39 27.51 -4.18 11.70
C ASP B 39 28.79 -4.64 11.02
N ALA B 40 29.85 -4.80 11.81
CA ALA B 40 31.14 -5.20 11.26
C ALA B 40 31.06 -6.55 10.56
N ASP B 41 30.26 -7.47 11.09
CA ASP B 41 30.16 -8.79 10.50
C ASP B 41 29.54 -8.74 9.11
N ALA B 42 28.49 -7.93 8.94
CA ALA B 42 27.85 -7.74 7.65
C ALA B 42 28.46 -6.60 6.85
N LYS B 43 29.45 -5.91 7.40
CA LYS B 43 30.08 -4.76 6.76
C LYS B 43 29.05 -3.83 6.14
N GLU B 44 28.05 -3.45 6.94
CA GLU B 44 27.08 -2.46 6.50
C GLU B 44 26.56 -1.67 7.69
N TRP B 45 26.12 -0.45 7.41
CA TRP B 45 25.49 0.38 8.42
C TRP B 45 24.02 0.00 8.56
N LYS B 46 23.55 -0.04 9.81
CA LYS B 46 22.17 -0.36 10.10
C LYS B 46 21.55 0.77 10.90
N GLU B 47 20.34 1.17 10.51
CA GLU B 47 19.62 2.21 11.23
C GLU B 47 19.26 1.72 12.62
N ARG B 48 19.43 2.61 13.60
CA ARG B 48 19.07 2.32 14.98
C ARG B 48 17.91 3.16 15.49
N GLY B 49 17.63 4.30 14.87
CA GLY B 49 16.55 5.15 15.32
C GLY B 49 16.59 6.55 14.75
N THR B 50 15.41 7.14 14.56
CA THR B 50 15.27 8.51 14.12
C THR B 50 14.46 9.27 15.17
N GLY B 51 14.97 10.43 15.57
CA GLY B 51 14.31 11.20 16.61
C GLY B 51 15.18 12.35 17.06
N ASP B 52 14.80 12.93 18.20
CA ASP B 52 15.55 14.04 18.79
C ASP B 52 16.77 13.52 19.51
N CYS B 53 17.95 13.99 19.10
CA CYS B 53 19.18 13.76 19.85
C CYS B 53 19.38 14.91 20.82
N LYS B 54 19.59 14.59 22.10
CA LYS B 54 19.66 15.59 23.16
C LYS B 54 20.97 15.46 23.92
N PHE B 55 21.57 16.60 24.23
CA PHE B 55 22.71 16.66 25.14
C PHE B 55 22.18 17.05 26.51
N LEU B 56 22.25 16.12 27.46
CA LEU B 56 21.66 16.28 28.78
C LEU B 56 22.75 16.45 29.82
N LYS B 57 22.67 17.54 30.59
CA LYS B 57 23.65 17.84 31.63
C LYS B 57 23.03 17.52 32.99
N ASN B 58 23.62 16.54 33.68
CA ASN B 58 23.17 16.21 35.03
C ASN B 58 23.39 17.38 35.97
N LYS B 59 22.32 17.77 36.68
CA LYS B 59 22.40 18.91 37.59
C LYS B 59 23.32 18.62 38.77
N LYS B 60 23.40 17.36 39.21
CA LYS B 60 24.22 17.02 40.37
C LYS B 60 25.70 16.95 40.00
N THR B 61 26.02 16.14 38.98
CA THR B 61 27.40 15.85 38.63
C THR B 61 27.94 16.73 37.51
N ASN B 62 27.08 17.49 36.82
CA ASN B 62 27.47 18.31 35.69
C ASN B 62 28.02 17.48 34.52
N LYS B 63 27.79 16.17 34.55
CA LYS B 63 28.20 15.30 33.44
C LYS B 63 27.16 15.33 32.32
N VAL B 64 27.65 15.41 31.09
CA VAL B 64 26.78 15.53 29.91
C VAL B 64 26.74 14.19 29.20
N ARG B 65 25.53 13.77 28.81
CA ARG B 65 25.34 12.55 28.03
C ARG B 65 24.55 12.85 26.77
N ILE B 66 24.66 11.94 25.82
CA ILE B 66 23.76 11.88 24.67
C ILE B 66 22.58 11.00 25.05
N LEU B 67 21.36 11.50 24.83
CA LEU B 67 20.17 10.67 24.97
C LEU B 67 19.28 10.90 23.76
N MET B 68 18.91 9.80 23.09
CA MET B 68 18.15 9.87 21.86
C MET B 68 17.04 8.83 21.89
N ARG B 69 15.83 9.26 21.53
CA ARG B 69 14.65 8.41 21.53
C ARG B 69 14.03 8.36 20.15
N ARG B 70 13.46 7.21 19.80
CA ARG B 70 12.73 7.07 18.54
C ARG B 70 11.40 7.78 18.61
N ASP B 71 11.00 8.39 17.49
CA ASP B 71 9.68 8.96 17.39
C ASP B 71 8.61 7.89 17.64
N LYS B 72 7.48 8.34 18.19
CA LYS B 72 6.29 7.51 18.34
C LYS B 72 6.42 6.51 19.47
N THR B 73 7.34 5.56 19.36
CA THR B 73 7.51 4.58 20.42
C THR B 73 8.30 5.14 21.59
N LEU B 74 9.14 6.14 21.34
CA LEU B 74 9.95 6.82 22.35
C LEU B 74 11.05 5.93 22.92
N LYS B 75 11.30 4.79 22.30
CA LYS B 75 12.31 3.87 22.82
C LYS B 75 13.71 4.46 22.64
N ILE B 76 14.59 4.15 23.58
CA ILE B 76 15.92 4.73 23.64
C ILE B 76 16.80 4.06 22.60
N CYS B 77 17.39 4.86 21.71
CA CYS B 77 18.36 4.34 20.74
C CYS B 77 19.76 4.88 20.94
N ALA B 78 19.99 5.76 21.92
CA ALA B 78 21.34 6.13 22.31
C ALA B 78 21.32 6.68 23.72
N ASN B 79 22.29 6.24 24.53
CA ASN B 79 22.38 6.69 25.93
C ASN B 79 23.81 6.41 26.38
N HIS B 80 24.65 7.44 26.37
CA HIS B 80 26.04 7.28 26.75
C HIS B 80 26.65 8.64 27.06
N ILE B 81 27.72 8.62 27.85
CA ILE B 81 28.46 9.84 28.15
C ILE B 81 29.19 10.31 26.91
N ILE B 82 29.27 11.63 26.72
CA ILE B 82 30.07 12.21 25.67
C ILE B 82 31.52 12.23 26.13
N ALA B 83 32.17 11.06 26.10
CA ALA B 83 33.51 10.93 26.66
C ALA B 83 34.47 11.91 25.99
N PRO B 84 35.36 12.55 26.76
CA PRO B 84 36.35 13.44 26.13
C PRO B 84 37.34 12.73 25.21
N GLU B 85 37.44 11.40 25.30
CA GLU B 85 38.35 10.67 24.43
C GLU B 85 37.75 10.35 23.05
N TYR B 86 36.46 10.65 22.85
CA TYR B 86 35.82 10.35 21.58
C TYR B 86 36.21 11.38 20.53
N THR B 87 36.13 10.95 19.26
CA THR B 87 36.58 11.76 18.14
C THR B 87 35.60 11.62 17.00
N LEU B 88 35.01 12.74 16.58
CA LEU B 88 34.05 12.73 15.48
C LEU B 88 34.79 12.77 14.15
N LYS B 89 34.54 11.76 13.31
CA LYS B 89 35.16 11.66 12.00
C LYS B 89 34.12 11.76 10.89
N PRO B 90 34.47 12.28 9.72
CA PRO B 90 33.53 12.29 8.60
C PRO B 90 33.33 10.88 8.05
N ASN B 91 32.20 10.70 7.38
CA ASN B 91 31.92 9.49 6.63
C ASN B 91 32.13 9.77 5.15
N VAL B 92 32.67 8.78 4.43
CA VAL B 92 33.04 8.99 3.03
C VAL B 92 31.86 9.48 2.21
N GLY B 93 30.64 9.07 2.56
CA GLY B 93 29.50 9.33 1.71
C GLY B 93 28.69 10.55 2.05
N SER B 94 29.08 11.34 3.06
CA SER B 94 28.19 12.37 3.57
C SER B 94 28.97 13.58 4.05
N ASP B 95 28.44 14.77 3.76
CA ASP B 95 28.93 16.01 4.33
C ASP B 95 28.07 16.50 5.49
N ARG B 96 27.27 15.60 6.08
CA ARG B 96 26.33 15.98 7.13
C ARG B 96 26.20 14.87 8.16
N SER B 97 27.29 14.17 8.42
CA SER B 97 27.27 13.05 9.36
C SER B 97 28.58 13.00 10.10
N TRP B 98 28.58 12.31 11.23
CA TRP B 98 29.79 12.03 11.99
C TRP B 98 29.82 10.56 12.35
N VAL B 99 31.04 10.01 12.35
CA VAL B 99 31.29 8.64 12.78
C VAL B 99 32.17 8.71 14.02
N TYR B 100 31.85 7.89 15.02
CA TYR B 100 32.72 7.83 16.18
C TYR B 100 32.48 6.54 16.95
N ALA B 101 33.52 6.11 17.66
CA ALA B 101 33.47 4.91 18.47
C ALA B 101 32.89 5.23 19.83
N CYS B 102 32.05 4.32 20.32
CA CYS B 102 31.45 4.44 21.64
C CYS B 102 31.68 3.14 22.38
N THR B 103 32.25 3.24 23.59
CA THR B 103 32.61 2.06 24.36
C THR B 103 31.52 1.59 25.32
N ALA B 104 30.57 2.47 25.70
CA ALA B 104 29.59 2.08 26.71
C ALA B 104 28.27 2.83 26.44
N ASP B 105 27.41 2.20 25.65
CA ASP B 105 26.05 2.68 25.42
C ASP B 105 25.06 1.66 26.01
N ILE B 106 24.02 2.19 26.67
CA ILE B 106 23.09 1.34 27.42
C ILE B 106 21.68 1.45 26.89
N ALA B 107 21.53 1.71 25.59
CA ALA B 107 20.19 1.84 25.02
C ALA B 107 19.40 0.55 25.16
N GLU B 108 20.04 -0.59 24.88
CA GLU B 108 19.35 -1.88 24.88
C GLU B 108 19.69 -2.72 26.11
N GLY B 109 20.47 -2.19 27.05
CA GLY B 109 20.73 -2.90 28.28
C GLY B 109 22.16 -2.78 28.77
N GLU B 110 22.89 -3.90 28.76
CA GLU B 110 24.24 -3.92 29.29
C GLU B 110 25.15 -2.99 28.49
N ALA B 111 26.04 -2.29 29.18
CA ALA B 111 26.96 -1.38 28.52
C ALA B 111 27.69 -2.10 27.39
N GLU B 112 27.35 -1.75 26.16
CA GLU B 112 27.89 -2.38 24.97
C GLU B 112 28.63 -1.34 24.15
N ALA B 113 29.67 -1.78 23.44
CA ALA B 113 30.46 -0.89 22.59
C ALA B 113 29.88 -0.86 21.18
N PHE B 114 30.00 0.29 20.54
CA PHE B 114 29.46 0.48 19.20
C PHE B 114 30.31 1.45 18.40
N THR B 115 30.29 1.30 17.08
CA THR B 115 30.71 2.34 16.16
C THR B 115 29.43 2.99 15.61
N PHE B 116 29.20 4.24 15.99
CA PHE B 116 27.99 4.96 15.61
C PHE B 116 28.27 5.87 14.42
N ALA B 117 27.20 6.13 13.66
CA ALA B 117 27.15 7.26 12.75
C ALA B 117 25.83 7.97 12.98
N ILE B 118 25.87 9.30 12.99
CA ILE B 118 24.68 10.11 13.19
C ILE B 118 24.62 11.14 12.06
N ARG B 119 23.45 11.23 11.42
CA ARG B 119 23.26 12.10 10.27
C ARG B 119 22.16 13.11 10.59
N PHE B 120 22.27 14.27 9.98
CA PHE B 120 21.43 15.41 10.31
C PHE B 120 20.76 15.94 9.04
N GLY B 121 19.87 16.92 9.22
CA GLY B 121 19.11 17.44 8.11
C GLY B 121 19.94 18.26 7.14
N SER B 122 21.04 18.84 7.61
CA SER B 122 21.85 19.72 6.79
C SER B 122 23.29 19.67 7.27
N LYS B 123 24.20 20.14 6.41
CA LYS B 123 25.61 20.20 6.80
C LYS B 123 25.81 21.14 7.99
N GLU B 124 24.98 22.20 8.09
CA GLU B 124 25.20 23.15 9.17
C GLU B 124 24.65 22.64 10.49
N ASN B 125 23.62 21.79 10.46
CA ASN B 125 23.23 21.07 11.67
C ASN B 125 24.33 20.14 12.13
N ALA B 126 24.99 19.47 11.18
CA ALA B 126 26.08 18.56 11.52
C ALA B 126 27.24 19.33 12.13
N ASP B 127 27.60 20.48 11.55
CA ASP B 127 28.71 21.27 12.08
C ASP B 127 28.38 21.82 13.46
N LYS B 128 27.11 22.20 13.69
CA LYS B 128 26.73 22.69 15.01
C LYS B 128 26.77 21.56 16.03
N PHE B 129 26.23 20.39 15.68
CA PHE B 129 26.35 19.22 16.54
C PHE B 129 27.79 18.98 16.94
N LYS B 130 28.72 19.09 15.99
CA LYS B 130 30.14 18.97 16.30
C LYS B 130 30.55 20.02 17.32
N GLU B 131 30.16 21.27 17.10
CA GLU B 131 30.46 22.34 18.04
C GLU B 131 29.96 22.00 19.43
N GLU B 132 28.66 21.71 19.55
CA GLU B 132 28.08 21.38 20.85
C GLU B 132 28.71 20.12 21.45
N PHE B 133 29.01 19.14 20.60
CA PHE B 133 29.61 17.89 21.07
C PHE B 133 30.96 18.15 21.73
N GLU B 134 31.74 19.08 21.17
CA GLU B 134 33.07 19.36 21.72
C GLU B 134 33.01 20.26 22.94
N LYS B 135 32.06 21.20 22.99
CA LYS B 135 31.77 21.88 24.25
C LYS B 135 31.50 20.87 25.35
N ALA B 136 30.62 19.90 25.07
CA ALA B 136 30.22 18.93 26.08
C ALA B 136 31.40 18.11 26.56
N GLN B 137 32.33 17.79 25.67
CA GLN B 137 33.54 17.08 26.10
C GLN B 137 34.33 17.89 27.10
N GLU B 138 34.39 19.21 26.91
CA GLU B 138 35.08 20.07 27.87
C GLU B 138 34.36 20.06 29.21
N ILE B 139 33.03 20.16 29.20
CA ILE B 139 32.26 20.07 30.44
C ILE B 139 32.64 18.80 31.19
N ASN B 140 32.69 17.67 30.48
CA ASN B 140 32.96 16.40 31.11
C ASN B 140 34.40 16.26 31.58
N LYS B 141 35.32 17.08 31.05
CA LYS B 141 36.71 17.01 31.50
C LYS B 141 36.86 17.56 32.92
N LYS B 142 36.37 18.77 33.16
CA LYS B 142 36.39 19.39 34.48
C LYS B 142 36.08 18.40 35.60
N GLY C 2 20.00 -33.44 17.82
CA GLY C 2 19.37 -33.52 19.17
C GLY C 2 18.51 -34.75 19.37
N SER C 3 17.86 -34.83 20.54
CA SER C 3 16.97 -35.95 20.82
C SER C 3 15.61 -35.76 20.17
N MET C 4 15.12 -34.51 20.12
CA MET C 4 13.79 -34.26 19.58
C MET C 4 13.65 -34.79 18.16
N GLU C 5 14.75 -34.89 17.42
CA GLU C 5 14.70 -35.31 16.01
C GLU C 5 14.24 -36.75 15.83
N GLY C 6 13.90 -37.46 16.91
CA GLY C 6 13.56 -38.87 16.78
C GLY C 6 12.29 -39.12 15.98
N ILE C 7 11.30 -38.23 16.11
CA ILE C 7 10.05 -38.42 15.39
C ILE C 7 10.27 -38.43 13.88
N LEU C 8 11.41 -37.90 13.43
CA LEU C 8 11.73 -37.84 12.00
C LEU C 8 12.23 -39.17 11.43
N ASP C 9 12.23 -40.25 12.21
CA ASP C 9 12.71 -41.56 11.76
C ASP C 9 11.52 -42.51 11.75
N PHE C 10 11.05 -42.85 10.54
CA PHE C 10 9.84 -43.63 10.37
C PHE C 10 10.10 -45.14 10.34
N SER C 11 11.36 -45.58 10.27
CA SER C 11 11.63 -47.01 10.35
C SER C 11 11.15 -47.57 11.68
N ASN C 12 11.23 -46.78 12.75
CA ASN C 12 10.72 -47.16 14.05
C ASN C 12 9.29 -46.68 14.21
N ASP C 13 8.62 -47.19 15.24
CA ASP C 13 7.28 -46.74 15.55
C ASP C 13 7.32 -45.30 16.07
N LEU C 14 6.26 -44.55 15.78
CA LEU C 14 6.19 -43.18 16.25
C LEU C 14 5.92 -43.14 17.74
N ASP C 15 6.79 -42.47 18.49
CA ASP C 15 6.63 -42.29 19.93
C ASP C 15 5.74 -41.08 20.17
N ILE C 16 4.48 -41.33 20.54
CA ILE C 16 3.51 -40.26 20.68
C ILE C 16 3.95 -39.27 21.76
N ALA C 17 4.57 -39.77 22.83
CA ALA C 17 5.04 -38.87 23.88
C ALA C 17 6.18 -37.99 23.40
N LEU C 18 7.02 -38.50 22.49
CA LEU C 18 8.07 -37.66 21.92
C LEU C 18 7.48 -36.58 21.02
N LEU C 19 6.48 -36.93 20.22
CA LEU C 19 5.78 -35.93 19.42
C LEU C 19 5.23 -34.81 20.30
N ASP C 20 4.53 -35.18 21.38
CA ASP C 20 3.93 -34.18 22.25
C ASP C 20 4.97 -33.30 22.90
N GLN C 21 6.17 -33.82 23.16
CA GLN C 21 7.23 -32.98 23.72
C GLN C 21 7.69 -31.94 22.70
N VAL C 22 7.88 -32.36 21.45
CA VAL C 22 8.28 -31.42 20.41
C VAL C 22 7.20 -30.36 20.21
N VAL C 23 5.94 -30.78 20.20
CA VAL C 23 4.84 -29.84 20.01
C VAL C 23 4.78 -28.85 21.16
N SER C 24 4.80 -29.36 22.39
CA SER C 24 4.79 -28.48 23.56
C SER C 24 5.94 -27.48 23.51
N THR C 25 7.14 -27.94 23.17
CA THR C 25 8.29 -27.03 23.12
C THR C 25 8.09 -25.93 22.08
N PHE C 26 7.50 -26.26 20.94
CA PHE C 26 7.27 -25.26 19.91
C PHE C 26 6.25 -24.23 20.36
N TYR C 27 5.08 -24.68 20.82
CA TYR C 27 4.00 -23.75 21.15
C TYR C 27 4.24 -23.02 22.47
N GLN C 28 4.81 -23.72 23.46
CA GLN C 28 4.94 -23.17 24.81
C GLN C 28 6.35 -22.73 25.17
N GLY C 29 7.34 -23.09 24.36
CA GLY C 29 8.73 -22.78 24.66
C GLY C 29 9.15 -21.43 24.11
N SER C 30 10.47 -21.25 24.03
CA SER C 30 11.03 -19.98 23.58
C SER C 30 12.41 -20.21 22.97
N GLY C 31 12.93 -19.16 22.34
CA GLY C 31 14.25 -19.15 21.74
C GLY C 31 14.66 -20.40 20.98
N VAL C 32 15.81 -20.97 21.35
CA VAL C 32 16.44 -22.00 20.53
C VAL C 32 15.67 -23.30 20.62
N GLN C 33 15.24 -23.69 21.82
CA GLN C 33 14.37 -24.86 21.97
C GLN C 33 13.20 -24.78 21.00
N GLN C 34 12.45 -23.67 21.07
CA GLN C 34 11.31 -23.48 20.18
C GLN C 34 11.73 -23.55 18.72
N LYS C 35 12.74 -22.75 18.34
CA LYS C 35 13.18 -22.71 16.95
C LYS C 35 13.56 -24.11 16.46
N GLN C 36 14.21 -24.90 17.30
CA GLN C 36 14.61 -26.25 16.89
C GLN C 36 13.38 -27.12 16.66
N ALA C 37 12.43 -27.11 17.60
CA ALA C 37 11.22 -27.92 17.45
C ALA C 37 10.43 -27.51 16.22
N GLN C 38 10.40 -26.21 15.92
CA GLN C 38 9.69 -25.74 14.73
C GLN C 38 10.17 -26.46 13.48
N GLU C 39 11.49 -26.47 13.26
CA GLU C 39 12.05 -27.11 12.07
C GLU C 39 11.78 -28.60 12.06
N ILE C 40 11.70 -29.23 13.24
CA ILE C 40 11.41 -30.65 13.30
C ILE C 40 9.95 -30.92 12.92
N LEU C 41 9.03 -30.14 13.48
CA LEU C 41 7.62 -30.33 13.17
C LEU C 41 7.34 -30.11 11.69
N THR C 42 7.97 -29.08 11.10
CA THR C 42 7.80 -28.86 9.66
C THR C 42 8.32 -30.06 8.87
N LYS C 43 9.49 -30.58 9.25
CA LYS C 43 10.01 -31.76 8.56
C LYS C 43 9.09 -32.96 8.75
N PHE C 44 8.52 -33.11 9.96
CA PHE C 44 7.57 -34.19 10.19
C PHE C 44 6.34 -34.05 9.28
N GLN C 45 5.65 -32.90 9.38
N GLN C 45 5.66 -32.90 9.36
CA GLN C 45 4.43 -32.70 8.61
CA GLN C 45 4.41 -32.76 8.62
C GLN C 45 4.66 -32.90 7.13
C GLN C 45 4.64 -32.85 7.11
N ASP C 46 5.83 -32.51 6.64
CA ASP C 46 6.13 -32.55 5.21
C ASP C 46 6.61 -33.92 4.73
N ASN C 47 6.74 -34.89 5.61
CA ASN C 47 7.08 -36.25 5.17
C ASN C 47 5.89 -36.81 4.40
N PRO C 48 6.07 -37.26 3.15
CA PRO C 48 4.91 -37.72 2.36
C PRO C 48 4.25 -38.98 2.91
N ASP C 49 4.80 -39.59 3.96
CA ASP C 49 4.17 -40.74 4.61
C ASP C 49 3.60 -40.38 5.97
N ALA C 50 3.72 -39.13 6.41
CA ALA C 50 3.27 -38.76 7.75
C ALA C 50 1.76 -38.98 7.92
N TRP C 51 1.01 -38.92 6.82
CA TRP C 51 -0.45 -39.10 6.92
C TRP C 51 -0.80 -40.48 7.42
N GLN C 52 0.05 -41.48 7.16
CA GLN C 52 -0.21 -42.83 7.63
C GLN C 52 -0.23 -42.91 9.15
N LYS C 53 0.42 -41.97 9.83
CA LYS C 53 0.53 -41.99 11.29
C LYS C 53 -0.47 -41.06 11.95
N ALA C 54 -1.44 -40.53 11.20
CA ALA C 54 -2.40 -39.59 11.76
C ALA C 54 -3.48 -40.30 12.57
N ASP C 55 -3.90 -41.49 12.14
CA ASP C 55 -4.87 -42.24 12.92
C ASP C 55 -4.32 -42.60 14.29
N GLN C 56 -3.01 -42.88 14.38
CA GLN C 56 -2.39 -43.10 15.68
C GLN C 56 -2.47 -41.84 16.54
N ILE C 57 -1.97 -40.73 16.00
CA ILE C 57 -1.94 -39.47 16.75
C ILE C 57 -3.35 -39.12 17.25
N LEU C 58 -4.34 -39.22 16.37
CA LEU C 58 -5.70 -38.83 16.73
C LEU C 58 -6.33 -39.79 17.73
N GLN C 59 -5.83 -41.01 17.85
CA GLN C 59 -6.35 -41.96 18.83
C GLN C 59 -5.63 -41.89 20.17
N PHE C 60 -4.31 -41.73 20.15
CA PHE C 60 -3.49 -41.95 21.34
C PHE C 60 -2.83 -40.69 21.89
N SER C 61 -2.79 -39.60 21.14
CA SER C 61 -2.20 -38.37 21.67
C SER C 61 -3.10 -37.77 22.74
N THR C 62 -2.47 -37.07 23.69
CA THR C 62 -3.18 -36.30 24.71
C THR C 62 -2.88 -34.81 24.56
N ASN C 63 -2.52 -34.38 23.36
CA ASN C 63 -2.17 -32.99 23.08
C ASN C 63 -3.02 -32.51 21.91
N PRO C 64 -3.91 -31.53 22.10
CA PRO C 64 -4.74 -31.09 20.97
C PRO C 64 -3.94 -30.46 19.84
N GLN C 65 -2.81 -29.81 20.12
CA GLN C 65 -2.01 -29.26 19.03
C GLN C 65 -1.43 -30.37 18.16
N SER C 66 -1.04 -31.49 18.77
CA SER C 66 -0.55 -32.62 17.99
C SER C 66 -1.64 -33.16 17.07
N LYS C 67 -2.88 -33.21 17.55
CA LYS C 67 -3.98 -33.69 16.72
C LYS C 67 -4.28 -32.70 15.61
N PHE C 68 -4.26 -31.40 15.92
CA PHE C 68 -4.43 -30.38 14.88
C PHE C 68 -3.42 -30.59 13.76
N ILE C 69 -2.14 -30.72 14.11
CA ILE C 69 -1.11 -30.96 13.11
C ILE C 69 -1.42 -32.24 12.33
N ALA C 70 -1.81 -33.30 13.04
CA ALA C 70 -2.20 -34.54 12.36
C ALA C 70 -3.26 -34.27 11.30
N LEU C 71 -4.23 -33.41 11.62
CA LEU C 71 -5.29 -33.10 10.65
C LEU C 71 -4.77 -32.23 9.51
N SER C 72 -3.83 -31.31 9.80
CA SER C 72 -3.19 -30.58 8.71
C SER C 72 -2.53 -31.54 7.73
N ILE C 73 -1.85 -32.56 8.25
CA ILE C 73 -1.21 -33.55 7.39
C ILE C 73 -2.26 -34.27 6.54
N LEU C 74 -3.35 -34.70 7.18
CA LEU C 74 -4.44 -35.31 6.42
C LEU C 74 -5.00 -34.36 5.38
N ASP C 75 -5.14 -33.08 5.74
CA ASP C 75 -5.69 -32.10 4.80
C ASP C 75 -4.86 -32.03 3.53
N LYS C 76 -3.53 -31.92 3.68
CA LYS C 76 -2.65 -31.95 2.51
C LYS C 76 -2.95 -33.15 1.62
N LEU C 77 -3.10 -34.33 2.22
CA LEU C 77 -3.30 -35.55 1.45
C LEU C 77 -4.65 -35.54 0.73
N ILE C 78 -5.72 -35.18 1.44
CA ILE C 78 -7.05 -35.13 0.83
C ILE C 78 -7.06 -34.14 -0.32
N THR C 79 -6.37 -33.01 -0.15
CA THR C 79 -6.45 -31.93 -1.13
C THR C 79 -5.66 -32.25 -2.40
N ARG C 80 -4.57 -33.00 -2.29
CA ARG C 80 -3.63 -33.14 -3.39
C ARG C 80 -3.50 -34.56 -3.93
N LYS C 81 -3.66 -35.59 -3.09
CA LYS C 81 -3.39 -36.97 -3.49
C LYS C 81 -4.52 -37.93 -3.17
N TRP C 82 -5.72 -37.43 -2.86
CA TRP C 82 -6.84 -38.28 -2.48
C TRP C 82 -7.09 -39.38 -3.52
N LYS C 83 -7.16 -39.00 -4.79
CA LYS C 83 -7.59 -39.94 -5.83
C LYS C 83 -6.50 -40.94 -6.21
N LEU C 84 -5.26 -40.70 -5.81
CA LEU C 84 -4.18 -41.67 -6.02
C LEU C 84 -4.25 -42.83 -5.04
N LEU C 85 -4.94 -42.65 -3.90
CA LEU C 85 -4.93 -43.64 -2.84
C LEU C 85 -5.66 -44.91 -3.28
N PRO C 86 -5.33 -46.04 -2.66
CA PRO C 86 -6.21 -47.21 -2.77
C PRO C 86 -7.56 -46.89 -2.16
N ASN C 87 -8.63 -47.40 -2.79
CA ASN C 87 -9.97 -47.05 -2.33
C ASN C 87 -10.21 -47.44 -0.88
N ASP C 88 -9.47 -48.43 -0.36
CA ASP C 88 -9.62 -48.80 1.04
C ASP C 88 -9.20 -47.66 1.96
N HIS C 89 -8.09 -47.00 1.66
CA HIS C 89 -7.64 -45.89 2.49
C HIS C 89 -8.64 -44.73 2.46
N ARG C 90 -9.18 -44.42 1.27
CA ARG C 90 -10.18 -43.36 1.17
C ARG C 90 -11.36 -43.64 2.10
N ILE C 91 -11.91 -44.84 2.06
CA ILE C 91 -12.99 -45.22 2.96
C ILE C 91 -12.50 -45.19 4.41
N GLY C 92 -11.30 -45.71 4.65
CA GLY C 92 -10.78 -45.75 6.01
C GLY C 92 -10.59 -44.36 6.59
N ILE C 93 -10.02 -43.44 5.80
CA ILE C 93 -9.80 -42.08 6.28
C ILE C 93 -11.12 -41.40 6.57
N ARG C 94 -12.09 -41.53 5.65
CA ARG C 94 -13.43 -41.01 5.94
C ARG C 94 -13.95 -41.55 7.26
N ASN C 95 -13.77 -42.86 7.49
CA ASN C 95 -14.43 -43.51 8.61
C ASN C 95 -13.93 -42.98 9.95
N PHE C 96 -12.62 -42.80 10.11
CA PHE C 96 -12.13 -42.35 11.41
C PHE C 96 -12.09 -40.83 11.54
N VAL C 97 -12.40 -40.08 10.47
CA VAL C 97 -12.73 -38.67 10.64
C VAL C 97 -14.16 -38.52 11.14
N VAL C 98 -15.10 -39.21 10.50
CA VAL C 98 -16.49 -39.19 10.96
C VAL C 98 -16.57 -39.65 12.40
N GLY C 99 -15.89 -40.75 12.72
CA GLY C 99 -15.94 -41.27 14.08
C GLY C 99 -15.32 -40.33 15.09
N MET C 100 -14.17 -39.74 14.74
CA MET C 100 -13.51 -38.81 15.65
C MET C 100 -14.41 -37.63 16.00
N ILE C 101 -15.17 -37.13 15.01
CA ILE C 101 -16.04 -35.99 15.25
C ILE C 101 -17.19 -36.40 16.16
N ILE C 102 -17.80 -37.56 15.91
CA ILE C 102 -18.92 -38.00 16.72
C ILE C 102 -18.50 -38.13 18.18
N SER C 103 -17.35 -38.77 18.43
CA SER C 103 -16.93 -39.02 19.80
C SER C 103 -16.53 -37.73 20.52
N MET C 104 -16.04 -36.73 19.79
CA MET C 104 -15.73 -35.46 20.44
C MET C 104 -17.00 -34.69 20.78
N CYS C 105 -18.07 -34.85 19.99
N CYS C 105 -18.07 -34.85 19.99
CA CYS C 105 -19.33 -34.19 20.32
CA CYS C 105 -19.34 -34.20 20.31
C CYS C 105 -20.04 -34.89 21.47
C CYS C 105 -20.06 -34.89 21.45
N GLN C 106 -19.89 -36.21 21.60
CA GLN C 106 -20.59 -36.93 22.66
C GLN C 106 -19.99 -36.68 24.03
N ASP C 107 -18.68 -36.43 24.11
CA ASP C 107 -18.03 -36.09 25.37
C ASP C 107 -18.21 -34.60 25.62
N ASP C 108 -19.11 -34.26 26.55
CA ASP C 108 -19.44 -32.86 26.80
C ASP C 108 -18.22 -32.06 27.26
N GLU C 109 -17.28 -32.71 27.96
CA GLU C 109 -16.07 -32.00 28.38
C GLU C 109 -15.21 -31.63 27.18
N VAL C 110 -15.04 -32.57 26.24
CA VAL C 110 -14.23 -32.30 25.05
C VAL C 110 -14.91 -31.27 24.16
N PHE C 111 -16.23 -31.33 24.05
CA PHE C 111 -16.94 -30.43 23.14
C PHE C 111 -16.75 -28.98 23.54
N LYS C 112 -16.66 -28.69 24.84
CA LYS C 112 -16.56 -27.32 25.31
C LYS C 112 -15.13 -26.81 25.36
N THR C 113 -14.15 -27.71 25.52
CA THR C 113 -12.79 -27.30 25.80
C THR C 113 -11.85 -27.42 24.61
N GLN C 114 -12.25 -28.06 23.52
CA GLN C 114 -11.37 -28.28 22.36
C GLN C 114 -12.06 -27.82 21.08
N LYS C 115 -12.60 -26.60 21.10
CA LYS C 115 -13.29 -26.08 19.93
C LYS C 115 -12.36 -25.97 18.73
N ASN C 116 -11.10 -25.58 18.95
CA ASN C 116 -10.15 -25.48 17.84
C ASN C 116 -9.96 -26.83 17.15
N LEU C 117 -9.90 -27.91 17.93
CA LEU C 117 -9.67 -29.23 17.34
C LEU C 117 -10.91 -29.73 16.61
N ILE C 118 -12.09 -29.50 17.18
CA ILE C 118 -13.32 -29.89 16.51
C ILE C 118 -13.51 -29.11 15.22
N ASN C 119 -13.18 -27.81 15.24
CA ASN C 119 -13.31 -27.00 14.04
C ASN C 119 -12.35 -27.47 12.95
N LYS C 120 -11.15 -27.89 13.33
CA LYS C 120 -10.20 -28.41 12.33
C LYS C 120 -10.68 -29.75 11.77
N SER C 121 -11.27 -30.59 12.62
CA SER C 121 -11.82 -31.86 12.16
C SER C 121 -13.01 -31.63 11.24
N ASP C 122 -13.87 -30.67 11.57
CA ASP C 122 -14.96 -30.30 10.67
C ASP C 122 -14.43 -29.87 9.31
N LEU C 123 -13.45 -28.97 9.29
CA LEU C 123 -12.90 -28.53 8.02
C LEU C 123 -12.29 -29.69 7.25
N THR C 124 -11.59 -30.59 7.94
CA THR C 124 -11.03 -31.76 7.28
C THR C 124 -12.14 -32.61 6.66
N LEU C 125 -13.23 -32.81 7.38
CA LEU C 125 -14.39 -33.49 6.83
C LEU C 125 -14.89 -32.82 5.56
N VAL C 126 -14.95 -31.49 5.56
CA VAL C 126 -15.44 -30.76 4.38
C VAL C 126 -14.55 -31.03 3.19
N GLN C 127 -13.23 -31.14 3.40
CA GLN C 127 -12.34 -31.48 2.30
C GLN C 127 -12.70 -32.83 1.69
N ILE C 128 -13.03 -33.80 2.53
CA ILE C 128 -13.46 -35.10 2.05
C ILE C 128 -14.76 -34.97 1.26
N LEU C 129 -15.70 -34.17 1.76
CA LEU C 129 -16.96 -33.98 1.06
C LEU C 129 -16.73 -33.40 -0.33
N LYS C 130 -15.80 -32.45 -0.45
CA LYS C 130 -15.51 -31.87 -1.75
C LYS C 130 -15.00 -32.91 -2.74
N GLN C 131 -14.38 -33.98 -2.23
CA GLN C 131 -13.90 -35.07 -3.07
C GLN C 131 -14.99 -36.11 -3.33
N GLU C 132 -15.79 -36.44 -2.32
CA GLU C 132 -16.60 -37.64 -2.31
C GLU C 132 -18.09 -37.39 -2.46
N TRP C 133 -18.56 -36.18 -2.21
CA TRP C 133 -19.98 -35.95 -2.05
C TRP C 133 -20.53 -35.10 -3.21
N PRO C 134 -21.76 -35.38 -3.68
CA PRO C 134 -22.68 -36.44 -3.27
C PRO C 134 -22.54 -37.77 -4.02
N GLN C 135 -21.66 -37.83 -5.03
CA GLN C 135 -21.66 -38.98 -5.93
C GLN C 135 -21.27 -40.27 -5.22
N ASN C 136 -20.40 -40.20 -4.20
CA ASN C 136 -20.01 -41.38 -3.42
C ASN C 136 -20.44 -41.22 -1.96
N TRP C 137 -21.48 -40.45 -1.71
CA TRP C 137 -21.94 -40.21 -0.34
C TRP C 137 -23.34 -39.61 -0.38
N PRO C 138 -24.25 -40.21 -1.13
CA PRO C 138 -25.55 -39.55 -1.36
C PRO C 138 -26.35 -39.31 -0.10
N GLU C 139 -26.06 -40.02 0.98
CA GLU C 139 -26.84 -39.95 2.21
C GLU C 139 -26.23 -39.04 3.25
N PHE C 140 -25.21 -38.26 2.90
CA PHE C 140 -24.56 -37.42 3.89
C PHE C 140 -25.55 -36.44 4.54
N ILE C 141 -26.31 -35.72 3.71
CA ILE C 141 -27.20 -34.68 4.21
C ILE C 141 -28.36 -35.32 4.96
N PRO C 142 -29.07 -36.31 4.39
CA PRO C 142 -30.11 -36.98 5.17
C PRO C 142 -29.63 -37.50 6.53
N GLU C 143 -28.45 -38.12 6.58
CA GLU C 143 -27.94 -38.62 7.85
C GLU C 143 -27.51 -37.47 8.77
N LEU C 144 -26.99 -36.37 8.21
CA LEU C 144 -26.70 -35.21 9.03
C LEU C 144 -27.96 -34.69 9.71
N ILE C 145 -29.02 -34.48 8.93
CA ILE C 145 -30.28 -33.98 9.49
C ILE C 145 -30.80 -34.94 10.55
N GLY C 146 -30.67 -36.23 10.32
CA GLY C 146 -31.17 -37.21 11.28
C GLY C 146 -30.39 -37.19 12.57
N SER C 147 -29.06 -37.21 12.49
CA SER C 147 -28.24 -37.20 13.69
C SER C 147 -28.36 -35.89 14.47
N SER C 148 -28.89 -34.83 13.85
CA SER C 148 -29.02 -33.56 14.54
C SER C 148 -30.04 -33.63 15.67
N SER C 149 -31.06 -34.49 15.55
CA SER C 149 -32.11 -34.57 16.56
C SER C 149 -31.69 -35.39 17.78
N SER C 150 -30.62 -36.18 17.68
CA SER C 150 -30.20 -37.03 18.77
C SER C 150 -29.37 -36.30 19.81
N SER C 151 -28.98 -35.05 19.56
CA SER C 151 -28.04 -34.37 20.44
C SER C 151 -27.86 -32.91 20.08
N VAL C 152 -27.96 -32.02 21.06
CA VAL C 152 -27.71 -30.60 20.83
C VAL C 152 -26.28 -30.39 20.33
N ASN C 153 -25.32 -31.09 20.94
CA ASN C 153 -23.92 -30.89 20.59
C ASN C 153 -23.66 -31.29 19.15
N VAL C 154 -24.19 -32.44 18.72
CA VAL C 154 -24.00 -32.86 17.34
C VAL C 154 -24.74 -31.93 16.39
N CYS C 155 -25.94 -31.49 16.78
CA CYS C 155 -26.69 -30.54 15.96
C CYS C 155 -25.91 -29.24 15.77
N GLU C 156 -25.36 -28.71 16.86
CA GLU C 156 -24.56 -27.49 16.77
C GLU C 156 -23.35 -27.70 15.86
N ASN C 157 -22.65 -28.82 16.02
CA ASN C 157 -21.46 -29.04 15.21
C ASN C 157 -21.81 -29.22 13.74
N ASN C 158 -22.99 -29.78 13.45
CA ASN C 158 -23.42 -29.90 12.06
C ASN C 158 -23.65 -28.53 11.42
N MET C 159 -24.11 -27.55 12.20
CA MET C 159 -24.23 -26.19 11.68
C MET C 159 -22.87 -25.65 11.28
N ILE C 160 -21.83 -25.96 12.06
CA ILE C 160 -20.48 -25.55 11.71
C ILE C 160 -20.03 -26.25 10.43
N VAL C 161 -20.29 -27.56 10.32
CA VAL C 161 -19.91 -28.29 9.12
C VAL C 161 -20.62 -27.70 7.91
N LEU C 162 -21.92 -27.42 8.02
CA LEU C 162 -22.65 -26.84 6.91
C LEU C 162 -22.16 -25.44 6.58
N LYS C 163 -21.74 -24.68 7.60
CA LYS C 163 -21.19 -23.35 7.35
C LYS C 163 -19.91 -23.44 6.54
N LEU C 164 -18.99 -24.31 6.95
CA LEU C 164 -17.73 -24.45 6.23
C LEU C 164 -17.96 -25.01 4.82
N LEU C 165 -18.92 -25.92 4.68
CA LEU C 165 -19.24 -26.45 3.36
C LEU C 165 -19.75 -25.33 2.45
N SER C 166 -20.70 -24.54 2.93
CA SER C 166 -21.18 -23.42 2.15
C SER C 166 -20.04 -22.49 1.75
N GLU C 167 -19.15 -22.17 2.69
CA GLU C 167 -18.01 -21.31 2.39
C GLU C 167 -17.14 -21.92 1.30
N GLU C 168 -16.81 -23.21 1.43
CA GLU C 168 -15.90 -23.83 0.49
C GLU C 168 -16.50 -23.93 -0.90
N VAL C 169 -17.82 -24.10 -1.00
CA VAL C 169 -18.49 -24.30 -2.28
C VAL C 169 -18.81 -22.99 -2.97
N PHE C 170 -19.29 -21.99 -2.23
CA PHE C 170 -19.81 -20.76 -2.83
C PHE C 170 -18.94 -19.54 -2.65
N ASP C 171 -18.13 -19.48 -1.59
CA ASP C 171 -17.36 -18.28 -1.31
C ASP C 171 -15.90 -18.36 -1.72
N PHE C 172 -15.29 -19.56 -1.67
CA PHE C 172 -13.85 -19.69 -1.88
C PHE C 172 -13.54 -20.76 -2.92
N SER C 173 -14.47 -21.03 -3.83
CA SER C 173 -14.26 -22.06 -4.85
C SER C 173 -13.65 -21.51 -6.13
N ALA C 174 -13.89 -20.24 -6.45
CA ALA C 174 -13.45 -19.69 -7.72
C ALA C 174 -11.97 -19.94 -7.97
N GLU C 175 -11.14 -19.82 -6.94
CA GLU C 175 -9.71 -19.95 -7.08
C GLU C 175 -9.22 -21.39 -6.98
N GLN C 176 -9.94 -22.26 -6.27
CA GLN C 176 -9.40 -23.52 -5.79
C GLN C 176 -9.98 -24.76 -6.48
N MET C 177 -11.00 -24.60 -7.30
CA MET C 177 -11.62 -25.72 -8.01
C MET C 177 -11.70 -25.39 -9.49
N THR C 178 -11.83 -26.43 -10.31
CA THR C 178 -12.20 -26.22 -11.70
C THR C 178 -13.63 -25.70 -11.77
N GLN C 179 -13.94 -25.03 -12.88
CA GLN C 179 -15.29 -24.53 -13.09
C GLN C 179 -16.31 -25.64 -13.00
N ALA C 180 -16.02 -26.80 -13.60
CA ALA C 180 -16.97 -27.90 -13.60
C ALA C 180 -17.19 -28.46 -12.19
N LYS C 181 -16.13 -28.54 -11.39
CA LYS C 181 -16.28 -29.07 -10.04
C LYS C 181 -17.05 -28.09 -9.16
N ALA C 182 -16.78 -26.80 -9.31
CA ALA C 182 -17.52 -25.78 -8.57
C ALA C 182 -19.01 -25.88 -8.87
N LEU C 183 -19.37 -25.92 -10.16
CA LEU C 183 -20.78 -26.01 -10.53
C LEU C 183 -21.40 -27.29 -9.99
N HIS C 184 -20.67 -28.40 -10.05
CA HIS C 184 -21.20 -29.68 -9.55
C HIS C 184 -21.54 -29.60 -8.06
N LEU C 185 -20.67 -28.96 -7.27
CA LEU C 185 -20.93 -28.86 -5.84
C LEU C 185 -22.01 -27.82 -5.55
N LYS C 186 -21.99 -26.69 -6.26
CA LYS C 186 -23.05 -25.70 -6.07
C LYS C 186 -24.42 -26.30 -6.38
N ASN C 187 -24.54 -27.05 -7.49
CA ASN C 187 -25.79 -27.71 -7.82
C ASN C 187 -26.19 -28.72 -6.75
N SER C 188 -25.22 -29.50 -6.26
CA SER C 188 -25.54 -30.49 -5.24
C SER C 188 -26.10 -29.84 -3.98
N MET C 189 -25.44 -28.77 -3.51
CA MET C 189 -25.95 -28.06 -2.35
C MET C 189 -27.33 -27.47 -2.63
N SER C 190 -27.51 -26.89 -3.83
N SER C 190 -27.52 -26.90 -3.83
CA SER C 190 -28.81 -26.35 -4.20
CA SER C 190 -28.82 -26.36 -4.18
C SER C 190 -29.88 -27.44 -4.17
C SER C 190 -29.89 -27.45 -4.18
N LYS C 191 -29.56 -28.64 -4.68
CA LYS C 191 -30.55 -29.71 -4.77
C LYS C 191 -31.09 -30.09 -3.38
N GLU C 192 -30.23 -30.09 -2.37
CA GLU C 192 -30.61 -30.57 -1.05
C GLU C 192 -30.83 -29.44 -0.04
N PHE C 193 -30.92 -28.19 -0.48
CA PHE C 193 -30.97 -27.10 0.49
C PHE C 193 -32.32 -27.00 1.17
N GLU C 194 -33.41 -27.41 0.50
N GLU C 194 -33.41 -27.41 0.48
CA GLU C 194 -34.72 -27.35 1.13
CA GLU C 194 -34.73 -27.36 1.08
C GLU C 194 -34.72 -28.09 2.46
C GLU C 194 -34.75 -28.06 2.44
N GLN C 195 -34.05 -29.25 2.50
N GLN C 195 -34.07 -29.21 2.53
CA GLN C 195 -33.97 -30.01 3.75
CA GLN C 195 -34.03 -29.95 3.78
C GLN C 195 -33.07 -29.32 4.76
C GLN C 195 -33.05 -29.34 4.77
N ILE C 196 -31.96 -28.75 4.29
CA ILE C 196 -31.06 -28.03 5.20
C ILE C 196 -31.78 -26.85 5.83
N PHE C 197 -32.54 -26.11 5.02
CA PHE C 197 -33.26 -24.95 5.56
C PHE C 197 -34.31 -25.38 6.58
N LYS C 198 -35.01 -26.48 6.33
CA LYS C 198 -35.99 -26.98 7.28
C LYS C 198 -35.36 -27.16 8.66
N LEU C 199 -34.23 -27.87 8.72
CA LEU C 199 -33.53 -28.04 9.98
C LEU C 199 -33.13 -26.69 10.57
N CYS C 200 -32.63 -25.78 9.74
CA CYS C 200 -32.17 -24.48 10.22
CA CYS C 200 -32.17 -24.50 10.25
C CYS C 200 -33.31 -23.67 10.83
N PHE C 201 -34.46 -23.65 10.14
CA PHE C 201 -35.59 -22.86 10.63
C PHE C 201 -36.18 -23.45 11.91
N GLN C 202 -36.24 -24.78 12.00
CA GLN C 202 -36.77 -25.40 13.21
C GLN C 202 -35.90 -25.08 14.42
N VAL C 203 -34.58 -25.20 14.28
CA VAL C 203 -33.68 -24.86 15.38
C VAL C 203 -33.89 -23.42 15.82
N LEU C 204 -34.02 -22.51 14.86
CA LEU C 204 -34.21 -21.10 15.21
C LEU C 204 -35.55 -20.87 15.89
N GLU C 205 -36.60 -21.54 15.40
CA GLU C 205 -37.93 -21.30 15.95
C GLU C 205 -38.06 -21.89 17.36
N GLN C 206 -37.49 -23.06 17.58
CA GLN C 206 -37.69 -23.82 18.81
C GLN C 206 -36.55 -23.68 19.81
N GLY C 207 -35.31 -23.84 19.34
CA GLY C 207 -34.15 -23.99 20.20
C GLY C 207 -33.99 -22.98 21.31
N SER C 208 -33.43 -23.44 22.44
CA SER C 208 -33.05 -22.59 23.56
C SER C 208 -31.54 -22.36 23.63
N SER C 209 -30.75 -23.38 23.30
CA SER C 209 -29.31 -23.31 23.42
C SER C 209 -28.73 -22.12 22.66
N SER C 210 -28.32 -21.09 23.39
CA SER C 210 -27.68 -19.94 22.76
C SER C 210 -26.57 -20.37 21.81
N SER C 211 -25.68 -21.23 22.27
CA SER C 211 -24.55 -21.65 21.43
C SER C 211 -25.05 -22.30 20.14
N LEU C 212 -26.14 -23.05 20.22
CA LEU C 212 -26.71 -23.68 19.02
C LEU C 212 -27.38 -22.65 18.13
N ILE C 213 -28.11 -21.70 18.72
CA ILE C 213 -28.74 -20.64 17.93
C ILE C 213 -27.68 -19.87 17.15
N VAL C 214 -26.59 -19.50 17.83
CA VAL C 214 -25.56 -18.69 17.19
C VAL C 214 -24.92 -19.45 16.04
N ALA C 215 -24.59 -20.73 16.26
CA ALA C 215 -24.02 -21.53 15.18
C ALA C 215 -24.95 -21.58 13.98
N THR C 216 -26.26 -21.72 14.24
CA THR C 216 -27.21 -21.79 13.14
C THR C 216 -27.29 -20.46 12.39
N LEU C 217 -27.29 -19.34 13.13
CA LEU C 217 -27.32 -18.04 12.46
C LEU C 217 -26.03 -17.75 11.71
N GLU C 218 -24.89 -18.22 12.24
N GLU C 218 -24.89 -18.21 12.24
CA GLU C 218 -23.64 -18.08 11.50
CA GLU C 218 -23.64 -18.09 11.52
C GLU C 218 -23.70 -18.82 10.18
C GLU C 218 -23.70 -18.82 10.18
N SER C 219 -24.33 -20.00 10.16
CA SER C 219 -24.48 -20.73 8.90
C SER C 219 -25.46 -20.02 7.99
N LEU C 220 -26.54 -19.46 8.55
CA LEU C 220 -27.49 -18.71 7.74
C LEU C 220 -26.81 -17.54 7.04
N LEU C 221 -25.89 -16.86 7.73
CA LEU C 221 -25.15 -15.77 7.11
C LEU C 221 -24.52 -16.23 5.79
N ARG C 222 -23.93 -17.43 5.81
CA ARG C 222 -23.31 -17.95 4.57
C ARG C 222 -24.37 -18.30 3.53
N TYR C 223 -25.47 -18.91 3.95
CA TYR C 223 -26.51 -19.29 3.00
C TYR C 223 -27.02 -18.09 2.22
N LEU C 224 -27.15 -16.94 2.89
CA LEU C 224 -27.71 -15.76 2.26
C LEU C 224 -26.85 -15.24 1.13
N HIS C 225 -25.60 -15.68 1.01
CA HIS C 225 -24.77 -15.28 -0.13
C HIS C 225 -25.32 -15.83 -1.43
N TRP C 226 -26.06 -16.95 -1.39
CA TRP C 226 -26.45 -17.62 -2.64
C TRP C 226 -27.90 -18.11 -2.70
N ILE C 227 -28.63 -18.28 -1.60
CA ILE C 227 -29.90 -18.99 -1.67
C ILE C 227 -30.97 -18.13 -2.35
N PRO C 228 -32.02 -18.75 -2.91
CA PRO C 228 -33.11 -17.98 -3.49
C PRO C 228 -33.87 -17.19 -2.43
N TYR C 229 -34.31 -15.99 -2.82
CA TYR C 229 -34.97 -15.09 -1.89
C TYR C 229 -36.22 -15.71 -1.25
N ARG C 230 -36.83 -16.71 -1.90
CA ARG C 230 -38.09 -17.24 -1.40
C ARG C 230 -37.94 -17.87 -0.02
N TYR C 231 -36.80 -18.49 0.25
CA TYR C 231 -36.55 -19.03 1.59
C TYR C 231 -36.57 -17.94 2.65
N ILE C 232 -36.37 -16.68 2.26
CA ILE C 232 -36.28 -15.59 3.22
C ILE C 232 -37.61 -14.85 3.33
N TYR C 233 -38.35 -14.77 2.22
CA TYR C 233 -39.57 -13.98 2.21
C TYR C 233 -40.85 -14.80 2.28
N GLU C 234 -40.80 -16.11 2.01
CA GLU C 234 -41.97 -16.95 2.11
C GLU C 234 -42.00 -17.78 3.39
N THR C 235 -41.09 -17.52 4.32
CA THR C 235 -41.10 -18.10 5.65
C THR C 235 -41.21 -16.96 6.66
N ASN C 236 -41.31 -17.33 7.94
CA ASN C 236 -41.38 -16.34 9.00
C ASN C 236 -40.00 -15.94 9.51
N ILE C 237 -38.94 -16.20 8.74
CA ILE C 237 -37.60 -16.07 9.30
C ILE C 237 -37.22 -14.61 9.49
N LEU C 238 -37.71 -13.70 8.65
CA LEU C 238 -37.41 -12.29 8.84
C LEU C 238 -37.93 -11.80 10.19
N GLU C 239 -39.17 -12.17 10.53
CA GLU C 239 -39.72 -11.82 11.83
C GLU C 239 -38.80 -12.29 12.96
N LEU C 240 -38.38 -13.56 12.90
CA LEU C 240 -37.48 -14.08 13.92
C LEU C 240 -36.20 -13.26 13.99
N LEU C 241 -35.61 -12.96 12.82
CA LEU C 241 -34.34 -12.24 12.81
C LEU C 241 -34.49 -10.82 13.35
N SER C 242 -35.59 -10.15 12.99
CA SER C 242 -35.73 -8.72 13.28
C SER C 242 -36.39 -8.43 14.62
N THR C 243 -36.83 -9.46 15.35
CA THR C 243 -37.40 -9.26 16.69
C THR C 243 -36.65 -10.09 17.72
N LYS C 244 -37.03 -11.36 17.84
CA LYS C 244 -36.45 -12.30 18.80
C LYS C 244 -34.93 -12.17 18.94
N PHE C 245 -34.21 -12.33 17.82
CA PHE C 245 -32.76 -12.46 17.88
C PHE C 245 -32.04 -11.12 17.99
N MET C 246 -32.75 -10.00 17.82
CA MET C 246 -32.14 -8.71 18.11
C MET C 246 -32.18 -8.37 19.59
N THR C 247 -33.04 -9.02 20.36
CA THR C 247 -33.19 -8.68 21.79
C THR C 247 -32.10 -9.32 22.64
N SER C 248 -31.64 -10.52 22.27
CA SER C 248 -30.55 -11.17 22.98
C SER C 248 -29.21 -10.69 22.43
N PRO C 249 -28.28 -10.21 23.27
CA PRO C 249 -27.00 -9.76 22.71
C PRO C 249 -26.16 -10.88 22.14
N ASP C 250 -26.33 -12.11 22.62
CA ASP C 250 -25.61 -13.26 22.07
C ASP C 250 -25.89 -13.41 20.58
N THR C 251 -27.15 -13.26 20.17
CA THR C 251 -27.54 -13.43 18.77
C THR C 251 -27.53 -12.13 17.99
N ARG C 252 -27.33 -10.99 18.65
CA ARG C 252 -27.59 -9.70 18.02
C ARG C 252 -26.56 -9.39 16.94
N ALA C 253 -25.28 -9.66 17.19
CA ALA C 253 -24.25 -9.31 16.22
C ALA C 253 -24.43 -10.10 14.93
N ILE C 254 -24.61 -11.41 15.04
CA ILE C 254 -24.74 -12.23 13.83
C ILE C 254 -26.05 -11.93 13.13
N THR C 255 -27.13 -11.72 13.89
CA THR C 255 -28.42 -11.42 13.30
C THR C 255 -28.38 -10.15 12.49
N LEU C 256 -27.72 -9.11 13.02
CA LEU C 256 -27.56 -7.87 12.28
C LEU C 256 -26.81 -8.10 10.98
N LYS C 257 -25.75 -8.91 11.02
CA LYS C 257 -25.01 -9.22 9.80
C LYS C 257 -25.88 -9.97 8.81
N CYS C 258 -26.73 -10.88 9.29
CA CYS C 258 -27.67 -11.57 8.41
C CYS C 258 -28.63 -10.58 7.75
N LEU C 259 -29.19 -9.67 8.56
CA LEU C 259 -30.14 -8.70 8.01
C LEU C 259 -29.48 -7.78 7.00
N THR C 260 -28.19 -7.48 7.19
CA THR C 260 -27.46 -6.70 6.20
C THR C 260 -27.41 -7.43 4.87
N GLU C 261 -27.11 -8.72 4.90
CA GLU C 261 -27.08 -9.50 3.66
C GLU C 261 -28.47 -9.62 3.07
N VAL C 262 -29.50 -9.83 3.90
CA VAL C 262 -30.87 -9.85 3.41
C VAL C 262 -31.15 -8.61 2.59
N SER C 263 -30.68 -7.45 3.07
CA SER C 263 -30.87 -6.21 2.34
C SER C 263 -30.21 -6.23 0.96
N ASN C 264 -29.42 -7.27 0.65
CA ASN C 264 -28.78 -7.41 -0.66
C ASN C 264 -29.33 -8.57 -1.48
N LEU C 265 -30.40 -9.22 -1.04
CA LEU C 265 -30.94 -10.33 -1.80
C LEU C 265 -31.52 -9.85 -3.12
N LYS C 266 -31.38 -10.69 -4.15
CA LYS C 266 -32.04 -10.41 -5.42
C LYS C 266 -33.54 -10.58 -5.25
N ILE C 267 -34.29 -9.51 -5.44
CA ILE C 267 -35.67 -9.43 -5.00
C ILE C 267 -36.55 -8.83 -6.10
N PRO C 268 -37.71 -9.41 -6.41
CA PRO C 268 -38.61 -8.76 -7.37
C PRO C 268 -39.02 -7.38 -6.89
N GLN C 269 -39.02 -6.42 -7.80
CA GLN C 269 -39.24 -5.01 -7.47
C GLN C 269 -40.65 -4.54 -7.76
N ASP C 270 -41.53 -5.42 -8.25
CA ASP C 270 -42.90 -5.05 -8.57
C ASP C 270 -43.92 -5.66 -7.62
N ASN C 271 -43.49 -6.47 -6.66
CA ASN C 271 -44.39 -7.10 -5.71
C ASN C 271 -44.56 -6.20 -4.50
N ASP C 272 -45.81 -5.82 -4.21
CA ASP C 272 -46.07 -4.93 -3.07
C ASP C 272 -45.99 -5.66 -1.74
N LEU C 273 -46.24 -6.98 -1.72
CA LEU C 273 -46.10 -7.73 -0.48
C LEU C 273 -44.65 -7.83 -0.06
N ILE C 274 -43.76 -8.14 -1.00
CA ILE C 274 -42.33 -8.14 -0.73
C ILE C 274 -41.90 -6.80 -0.17
N LYS C 275 -42.41 -5.71 -0.75
CA LYS C 275 -42.03 -4.38 -0.29
C LYS C 275 -42.43 -4.16 1.16
N ARG C 276 -43.63 -4.60 1.53
CA ARG C 276 -44.07 -4.44 2.91
C ARG C 276 -43.26 -5.32 3.86
N GLN C 277 -42.84 -6.50 3.40
CA GLN C 277 -41.94 -7.33 4.21
C GLN C 277 -40.58 -6.67 4.39
N THR C 278 -40.12 -5.95 3.36
CA THR C 278 -38.83 -5.28 3.43
C THR C 278 -38.90 -4.07 4.36
N VAL C 279 -40.03 -3.35 4.33
CA VAL C 279 -40.26 -2.29 5.31
C VAL C 279 -40.33 -2.90 6.71
N LEU C 280 -41.00 -4.04 6.85
CA LEU C 280 -41.34 -4.52 8.18
C LEU C 280 -40.11 -4.96 8.96
N PHE C 281 -39.17 -5.66 8.33
CA PHE C 281 -38.03 -6.13 9.11
C PHE C 281 -37.12 -4.98 9.51
N PHE C 282 -37.08 -3.92 8.70
CA PHE C 282 -36.35 -2.71 9.08
C PHE C 282 -37.03 -2.05 10.27
N GLN C 283 -38.35 -1.89 10.21
CA GLN C 283 -39.11 -1.31 11.30
C GLN C 283 -38.87 -2.09 12.60
N ASN C 284 -38.98 -3.43 12.53
CA ASN C 284 -38.77 -4.26 13.71
C ASN C 284 -37.36 -4.05 14.29
N THR C 285 -36.35 -4.05 13.41
CA THR C 285 -34.97 -3.96 13.86
C THR C 285 -34.69 -2.63 14.54
N LEU C 286 -35.12 -1.52 13.93
CA LEU C 286 -34.93 -0.23 14.54
C LEU C 286 -35.68 -0.13 15.86
N GLN C 287 -36.85 -0.76 15.94
CA GLN C 287 -37.60 -0.78 17.19
C GLN C 287 -36.81 -1.49 18.28
N GLN C 288 -36.24 -2.67 17.95
CA GLN C 288 -35.48 -3.41 18.96
C GLN C 288 -34.25 -2.64 19.39
N ILE C 289 -33.63 -1.90 18.48
CA ILE C 289 -32.44 -1.13 18.83
C ILE C 289 -32.80 -0.03 19.81
N ALA C 290 -33.89 0.71 19.53
CA ALA C 290 -34.29 1.83 20.37
C ALA C 290 -34.72 1.38 21.76
N THR C 291 -35.27 0.17 21.88
CA THR C 291 -35.76 -0.30 23.18
C THR C 291 -34.77 -1.18 23.92
N SER C 292 -33.92 -1.93 23.21
CA SER C 292 -33.02 -2.87 23.87
C SER C 292 -31.56 -2.43 23.91
N VAL C 293 -31.15 -1.45 23.10
CA VAL C 293 -29.74 -1.10 23.01
C VAL C 293 -29.51 0.35 23.42
N MET C 294 -30.00 1.30 22.62
CA MET C 294 -29.88 2.71 22.99
C MET C 294 -30.89 3.52 22.19
N PRO C 295 -31.44 4.58 22.77
CA PRO C 295 -32.34 5.45 21.99
C PRO C 295 -31.58 6.29 20.97
N VAL C 296 -32.34 6.89 20.06
CA VAL C 296 -31.73 7.64 18.96
C VAL C 296 -31.02 8.89 19.45
N THR C 297 -31.30 9.36 20.67
CA THR C 297 -30.59 10.50 21.23
C THR C 297 -29.22 10.14 21.82
N ALA C 298 -28.90 8.85 21.94
CA ALA C 298 -27.70 8.44 22.67
C ALA C 298 -26.43 8.97 21.99
N ASP C 299 -25.43 9.22 22.82
CA ASP C 299 -24.14 9.77 22.38
C ASP C 299 -23.27 8.60 21.94
N LEU C 300 -23.36 8.23 20.66
CA LEU C 300 -22.61 7.10 20.16
C LEU C 300 -21.12 7.40 20.10
N LYS C 301 -20.75 8.65 19.88
CA LYS C 301 -19.35 9.05 19.93
C LYS C 301 -18.71 8.64 21.24
N ALA C 302 -19.40 8.93 22.36
CA ALA C 302 -18.88 8.59 23.68
C ALA C 302 -18.91 7.08 23.91
N THR C 303 -20.00 6.42 23.54
CA THR C 303 -20.07 4.97 23.67
C THR C 303 -18.92 4.30 22.92
N TYR C 304 -18.70 4.69 21.67
CA TYR C 304 -17.63 4.07 20.89
C TYR C 304 -16.28 4.32 21.56
N ALA C 305 -16.05 5.54 22.06
CA ALA C 305 -14.78 5.86 22.70
C ALA C 305 -14.53 4.99 23.93
N ASN C 306 -15.57 4.74 24.73
CA ASN C 306 -15.41 3.94 25.95
C ASN C 306 -15.01 2.50 25.64
N ALA C 307 -15.45 1.97 24.50
CA ALA C 307 -14.98 0.68 24.01
C ALA C 307 -15.27 -0.46 24.98
N ASN C 308 -16.44 -0.40 25.62
CA ASN C 308 -16.89 -1.51 26.45
C ASN C 308 -17.27 -2.70 25.59
N GLY C 309 -17.05 -3.90 26.12
CA GLY C 309 -17.43 -5.14 25.47
C GLY C 309 -17.28 -5.12 23.96
N ASN C 310 -18.39 -5.38 23.26
CA ASN C 310 -18.40 -5.42 21.80
C ASN C 310 -19.11 -4.20 21.20
N ASP C 311 -19.16 -3.09 21.94
CA ASP C 311 -19.91 -1.93 21.46
C ASP C 311 -19.37 -1.42 20.13
N GLN C 312 -18.04 -1.42 19.96
CA GLN C 312 -17.45 -0.86 18.75
C GLN C 312 -17.84 -1.67 17.52
N SER C 313 -17.73 -3.00 17.62
N SER C 313 -17.73 -3.00 17.61
CA SER C 313 -18.13 -3.85 16.50
CA SER C 313 -18.13 -3.84 16.49
C SER C 313 -19.63 -3.73 16.24
C SER C 313 -19.63 -3.78 16.24
N PHE C 314 -20.43 -3.59 17.29
CA PHE C 314 -21.87 -3.45 17.12
C PHE C 314 -22.20 -2.15 16.39
N LEU C 315 -21.57 -1.05 16.80
CA LEU C 315 -21.82 0.22 16.13
C LEU C 315 -21.30 0.20 14.70
N GLN C 316 -20.16 -0.45 14.46
CA GLN C 316 -19.72 -0.67 13.09
C GLN C 316 -20.77 -1.44 12.30
N ASP C 317 -21.28 -2.54 12.86
CA ASP C 317 -22.26 -3.36 12.14
C ASP C 317 -23.57 -2.61 11.96
N LEU C 318 -23.96 -1.76 12.91
CA LEU C 318 -25.17 -0.99 12.74
C LEU C 318 -25.03 0.00 11.58
N ALA C 319 -23.87 0.65 11.48
CA ALA C 319 -23.63 1.55 10.36
C ALA C 319 -23.73 0.81 9.04
N MET C 320 -23.13 -0.37 8.95
CA MET C 320 -23.20 -1.16 7.73
C MET C 320 -24.65 -1.53 7.39
N PHE C 321 -25.43 -1.95 8.38
CA PHE C 321 -26.82 -2.33 8.14
C PHE C 321 -27.64 -1.13 7.68
N LEU C 322 -27.58 -0.03 8.42
CA LEU C 322 -28.35 1.16 8.04
C LEU C 322 -27.96 1.65 6.65
N THR C 323 -26.66 1.85 6.41
CA THR C 323 -26.24 2.36 5.11
C THR C 323 -26.61 1.40 3.98
N THR C 324 -26.43 0.10 4.19
CA THR C 324 -26.75 -0.87 3.14
C THR C 324 -28.25 -0.86 2.83
N TYR C 325 -29.08 -0.93 3.86
CA TYR C 325 -30.53 -0.98 3.65
C TYR C 325 -31.03 0.31 3.02
N LEU C 326 -30.59 1.46 3.54
CA LEU C 326 -31.15 2.73 3.08
C LEU C 326 -30.71 3.06 1.67
N ALA C 327 -29.47 2.70 1.30
CA ALA C 327 -29.03 2.92 -0.07
C ALA C 327 -29.89 2.14 -1.06
N ARG C 328 -30.42 0.99 -0.65
CA ARG C 328 -31.25 0.20 -1.54
C ARG C 328 -32.73 0.57 -1.43
N ASN C 329 -33.22 0.89 -0.22
CA ASN C 329 -34.66 0.82 0.04
C ASN C 329 -35.27 2.09 0.62
N ARG C 330 -34.54 3.19 0.74
CA ARG C 330 -35.11 4.34 1.45
C ARG C 330 -36.34 4.88 0.72
N ALA C 331 -36.40 4.74 -0.60
CA ALA C 331 -37.60 5.16 -1.32
C ALA C 331 -38.84 4.45 -0.82
N LEU C 332 -38.70 3.22 -0.33
CA LEU C 332 -39.85 2.52 0.25
C LEU C 332 -40.43 3.24 1.45
N LEU C 333 -39.64 4.09 2.12
CA LEU C 333 -40.07 4.78 3.32
C LEU C 333 -40.47 6.23 3.07
N GLU C 334 -40.28 6.74 1.86
CA GLU C 334 -40.32 8.18 1.62
C GLU C 334 -41.69 8.72 1.25
N SER C 335 -42.63 7.87 0.82
CA SER C 335 -43.95 8.35 0.42
C SER C 335 -45.01 8.11 1.50
N ASP C 336 -44.98 6.96 2.16
CA ASP C 336 -45.95 6.64 3.20
C ASP C 336 -45.68 7.52 4.43
N GLU C 337 -46.67 8.35 4.79
CA GLU C 337 -46.47 9.25 5.93
C GLU C 337 -46.36 8.49 7.23
N SER C 338 -46.94 7.30 7.32
CA SER C 338 -46.79 6.48 8.52
C SER C 338 -45.38 5.93 8.68
N LEU C 339 -44.53 6.05 7.64
CA LEU C 339 -43.16 5.56 7.70
C LEU C 339 -42.15 6.69 7.84
N ARG C 340 -42.61 7.93 8.00
CA ARG C 340 -41.67 9.06 8.02
C ARG C 340 -40.82 9.06 9.28
N GLU C 341 -41.42 8.77 10.44
CA GLU C 341 -40.65 8.70 11.67
C GLU C 341 -39.56 7.64 11.57
N LEU C 342 -39.89 6.48 10.97
CA LEU C 342 -38.91 5.42 10.79
C LEU C 342 -37.76 5.88 9.92
N LEU C 343 -38.06 6.50 8.78
CA LEU C 343 -37.03 6.97 7.88
C LEU C 343 -36.10 7.95 8.57
N LEU C 344 -36.66 8.91 9.31
CA LEU C 344 -35.83 9.93 9.93
C LEU C 344 -35.09 9.41 11.16
N ASN C 345 -35.70 8.50 11.93
CA ASN C 345 -34.98 7.87 13.04
C ASN C 345 -33.78 7.09 12.54
N ALA C 346 -33.94 6.32 11.46
CA ALA C 346 -32.82 5.59 10.90
C ALA C 346 -31.70 6.54 10.50
N HIS C 347 -32.05 7.66 9.86
CA HIS C 347 -31.03 8.63 9.48
C HIS C 347 -30.45 9.36 10.69
N GLN C 348 -31.24 9.54 11.73
CA GLN C 348 -30.71 10.20 12.92
C GLN C 348 -29.66 9.32 13.60
N TYR C 349 -29.90 8.00 13.63
CA TYR C 349 -28.86 7.08 14.11
C TYR C 349 -27.59 7.24 13.29
N LEU C 350 -27.72 7.40 11.98
CA LEU C 350 -26.55 7.57 11.13
C LEU C 350 -25.84 8.89 11.44
N ILE C 351 -26.60 9.96 11.69
CA ILE C 351 -25.99 11.21 12.14
C ILE C 351 -25.14 10.96 13.38
N GLN C 352 -25.69 10.23 14.35
CA GLN C 352 -24.96 9.99 15.59
C GLN C 352 -23.75 9.11 15.34
N LEU C 353 -23.88 8.10 14.49
CA LEU C 353 -22.74 7.27 14.13
C LEU C 353 -21.66 8.09 13.43
N SER C 354 -22.05 9.14 12.71
CA SER C 354 -21.10 9.94 11.95
C SER C 354 -20.25 10.85 12.83
N LYS C 355 -20.59 11.00 14.10
CA LYS C 355 -19.79 11.78 15.04
C LYS C 355 -18.71 10.95 15.71
N ILE C 356 -18.74 9.63 15.55
CA ILE C 356 -17.72 8.77 16.14
C ILE C 356 -16.35 9.14 15.58
N GLU C 357 -15.36 9.16 16.46
CA GLU C 357 -13.97 9.40 16.07
C GLU C 357 -13.35 8.04 15.67
N GLU C 358 -13.47 7.70 14.39
CA GLU C 358 -12.97 6.45 13.84
C GLU C 358 -12.96 6.63 12.33
N ARG C 359 -11.77 6.81 11.77
N ARG C 359 -11.76 6.80 11.77
CA ARG C 359 -11.65 7.27 10.38
CA ARG C 359 -11.65 7.28 10.39
C ARG C 359 -12.32 6.32 9.41
C ARG C 359 -12.31 6.32 9.41
N GLU C 360 -12.13 5.01 9.59
CA GLU C 360 -12.63 4.05 8.61
C GLU C 360 -14.15 3.96 8.66
N LEU C 361 -14.73 4.05 9.86
CA LEU C 361 -16.18 4.06 9.98
C LEU C 361 -16.77 5.36 9.45
N PHE C 362 -16.10 6.49 9.70
CA PHE C 362 -16.56 7.74 9.13
C PHE C 362 -16.64 7.66 7.61
N LYS C 363 -15.66 6.99 6.98
CA LYS C 363 -15.67 6.84 5.54
C LYS C 363 -16.85 6.00 5.07
N THR C 364 -17.25 5.01 5.87
CA THR C 364 -18.40 4.19 5.53
C THR C 364 -19.69 5.01 5.57
N THR C 365 -19.88 5.81 6.63
CA THR C 365 -21.05 6.67 6.70
C THR C 365 -20.99 7.78 5.66
N LEU C 366 -19.78 8.28 5.38
CA LEU C 366 -19.66 9.37 4.40
C LEU C 366 -20.04 8.88 3.01
N ASP C 367 -19.66 7.65 2.66
CA ASP C 367 -20.09 7.07 1.39
C ASP C 367 -21.60 7.08 1.26
N TYR C 368 -22.30 6.72 2.34
CA TYR C 368 -23.76 6.75 2.30
C TYR C 368 -24.28 8.17 2.15
N TRP C 369 -23.72 9.11 2.92
CA TRP C 369 -24.18 10.49 2.80
C TRP C 369 -24.05 11.00 1.38
N HIS C 370 -22.94 10.66 0.70
CA HIS C 370 -22.80 11.01 -0.71
C HIS C 370 -23.95 10.43 -1.52
N ASN C 371 -24.27 9.16 -1.29
CA ASN C 371 -25.37 8.52 -1.98
C ASN C 371 -26.67 9.30 -1.78
N LEU C 372 -26.88 9.82 -0.57
CA LEU C 372 -28.13 10.49 -0.26
C LEU C 372 -28.18 11.90 -0.86
N VAL C 373 -27.14 12.71 -0.64
CA VAL C 373 -27.24 14.11 -1.06
C VAL C 373 -27.17 14.22 -2.58
N ALA C 374 -26.44 13.31 -3.23
CA ALA C 374 -26.49 13.27 -4.69
C ALA C 374 -27.90 13.02 -5.19
N ASP C 375 -28.64 12.13 -4.53
CA ASP C 375 -30.01 11.85 -4.94
C ASP C 375 -30.93 13.04 -4.65
N LEU C 376 -30.75 13.69 -3.51
CA LEU C 376 -31.56 14.87 -3.19
C LEU C 376 -31.29 16.00 -4.17
N PHE C 377 -30.11 16.04 -4.76
CA PHE C 377 -29.73 17.09 -5.70
C PHE C 377 -30.41 16.92 -7.05
N TYR C 378 -30.72 15.68 -7.44
CA TYR C 378 -31.29 15.39 -8.75
C TYR C 378 -32.75 14.95 -8.70
N GLU C 379 -33.17 14.24 -7.66
CA GLU C 379 -34.49 13.60 -7.66
C GLU C 379 -35.56 14.59 -7.20
N PRO C 380 -36.64 14.78 -7.96
CA PRO C 380 -37.65 15.77 -7.57
C PRO C 380 -38.31 15.46 -6.24
N LEU C 381 -38.64 16.52 -5.51
CA LEU C 381 -39.54 16.45 -4.36
C LEU C 381 -39.02 15.56 -3.25
N LYS C 382 -37.69 15.44 -3.11
CA LYS C 382 -37.12 14.62 -2.05
C LYS C 382 -36.39 15.42 -0.98
N LYS C 383 -35.75 16.54 -1.32
CA LYS C 383 -34.83 17.17 -0.38
C LYS C 383 -35.54 17.74 0.85
N HIS C 384 -36.81 18.12 0.73
CA HIS C 384 -37.52 18.69 1.88
C HIS C 384 -37.70 17.66 2.99
N ILE C 385 -37.76 16.38 2.66
CA ILE C 385 -37.90 15.34 3.67
C ILE C 385 -36.72 15.38 4.63
N TYR C 386 -35.52 15.68 4.13
CA TYR C 386 -34.28 15.47 4.85
C TYR C 386 -33.66 16.77 5.34
N GLU C 387 -34.42 17.87 5.35
CA GLU C 387 -33.83 19.18 5.63
C GLU C 387 -33.13 19.20 6.98
N GLU C 388 -33.76 18.60 8.01
CA GLU C 388 -33.16 18.62 9.34
C GLU C 388 -31.99 17.65 9.43
N ILE C 389 -32.07 16.51 8.75
CA ILE C 389 -30.92 15.61 8.66
C ILE C 389 -29.75 16.33 7.99
N CYS C 390 -30.02 17.01 6.88
CA CYS C 390 -28.95 17.66 6.12
C CYS C 390 -28.33 18.79 6.94
N SER C 391 -29.14 19.52 7.69
CA SER C 391 -28.64 20.61 8.50
C SER C 391 -27.64 20.10 9.53
N GLN C 392 -27.96 19.02 10.21
CA GLN C 392 -27.02 18.41 11.14
C GLN C 392 -25.77 17.91 10.40
N LEU C 393 -25.94 17.39 9.19
CA LEU C 393 -24.82 16.82 8.47
C LEU C 393 -23.81 17.89 8.08
N ARG C 394 -24.29 19.08 7.71
CA ARG C 394 -23.40 20.19 7.42
C ARG C 394 -22.43 20.43 8.56
N LEU C 395 -22.96 20.43 9.80
CA LEU C 395 -22.09 20.67 10.96
C LEU C 395 -21.11 19.52 11.16
N VAL C 396 -21.57 18.28 11.00
CA VAL C 396 -20.69 17.14 11.19
C VAL C 396 -19.53 17.20 10.20
N ILE C 397 -19.82 17.49 8.95
N ILE C 397 -19.81 17.49 8.94
CA ILE C 397 -18.78 17.49 7.91
CA ILE C 397 -18.76 17.47 7.94
C ILE C 397 -17.82 18.65 8.14
C ILE C 397 -17.81 18.66 8.13
N ILE C 398 -18.36 19.85 8.38
CA ILE C 398 -17.51 21.00 8.61
C ILE C 398 -16.57 20.75 9.79
N GLU C 399 -17.09 20.15 10.86
CA GLU C 399 -16.28 19.94 12.06
C GLU C 399 -15.28 18.80 11.93
N ASN C 400 -15.42 17.91 10.95
CA ASN C 400 -14.47 16.83 10.75
C ASN C 400 -13.72 16.96 9.43
N MET C 401 -13.74 18.14 8.83
N MET C 401 -13.71 18.15 8.85
CA MET C 401 -12.93 18.40 7.65
CA MET C 401 -12.96 18.36 7.61
C MET C 401 -11.48 18.01 7.93
C MET C 401 -11.47 18.10 7.85
N VAL C 402 -10.87 17.30 6.99
CA VAL C 402 -9.47 16.92 7.12
C VAL C 402 -8.64 17.73 6.14
N ARG C 403 -7.32 17.69 6.33
CA ARG C 403 -6.39 18.53 5.61
C ARG C 403 -6.39 18.21 4.12
N PRO C 404 -6.67 19.19 3.25
CA PRO C 404 -6.51 18.94 1.82
C PRO C 404 -5.04 18.89 1.48
N GLU C 405 -4.71 18.65 0.20
CA GLU C 405 -3.32 18.57 -0.22
C GLU C 405 -2.45 19.64 0.43
N GLU C 406 -3.04 20.78 0.76
CA GLU C 406 -2.32 21.85 1.48
C GLU C 406 -2.57 21.73 2.99
N THR C 427 -6.05 10.60 3.45
CA THR C 427 -6.41 11.93 3.90
C THR C 427 -6.82 12.81 2.73
N ILE C 428 -6.02 12.80 1.66
CA ILE C 428 -6.38 13.54 0.46
C ILE C 428 -7.65 12.97 -0.14
N GLN C 429 -7.75 11.65 -0.22
CA GLN C 429 -8.97 11.02 -0.72
C GLN C 429 -10.16 11.37 0.17
N LEU C 430 -9.95 11.42 1.49
CA LEU C 430 -11.04 11.72 2.40
C LEU C 430 -11.47 13.18 2.27
N TYR C 431 -10.52 14.10 2.09
CA TYR C 431 -10.88 15.49 1.87
C TYR C 431 -11.79 15.61 0.65
N LYS C 432 -11.42 14.96 -0.45
CA LYS C 432 -12.20 15.07 -1.68
C LYS C 432 -13.61 14.51 -1.50
N SER C 433 -13.74 13.39 -0.78
CA SER C 433 -15.07 12.86 -0.48
C SER C 433 -15.86 13.84 0.36
N GLU C 434 -15.24 14.40 1.41
CA GLU C 434 -15.91 15.37 2.25
C GLU C 434 -16.32 16.59 1.44
N ARG C 435 -15.42 17.11 0.61
CA ARG C 435 -15.74 18.25 -0.23
C ARG C 435 -16.96 17.98 -1.10
N GLU C 436 -17.02 16.79 -1.70
CA GLU C 436 -18.13 16.47 -2.60
C GLU C 436 -19.47 16.53 -1.87
N VAL C 437 -19.54 15.91 -0.69
CA VAL C 437 -20.80 15.92 0.07
C VAL C 437 -21.15 17.34 0.46
N LEU C 438 -20.17 18.11 0.92
CA LEU C 438 -20.44 19.45 1.41
C LEU C 438 -20.86 20.38 0.28
N VAL C 439 -20.33 20.16 -0.92
CA VAL C 439 -20.76 20.94 -2.09
C VAL C 439 -22.23 20.66 -2.39
N TYR C 440 -22.60 19.37 -2.42
CA TYR C 440 -24.01 19.03 -2.56
C TYR C 440 -24.83 19.69 -1.47
N LEU C 441 -24.38 19.58 -0.22
CA LEU C 441 -25.12 20.15 0.90
C LEU C 441 -25.24 21.66 0.78
N THR C 442 -24.24 22.31 0.20
CA THR C 442 -24.32 23.76 0.01
C THR C 442 -25.36 24.11 -1.04
N HIS C 443 -25.35 23.41 -2.17
N HIS C 443 -25.37 23.40 -2.16
CA HIS C 443 -26.38 23.62 -3.19
CA HIS C 443 -26.40 23.69 -3.16
C HIS C 443 -27.77 23.41 -2.60
C HIS C 443 -27.79 23.36 -2.65
N LEU C 444 -27.91 22.44 -1.70
CA LEU C 444 -29.22 22.10 -1.16
C LEU C 444 -29.75 23.21 -0.26
N ASN C 445 -28.87 23.89 0.47
CA ASN C 445 -29.31 25.07 1.26
C ASN C 445 -28.11 25.98 1.48
N VAL C 446 -27.91 26.91 0.54
CA VAL C 446 -26.76 27.82 0.62
C VAL C 446 -26.83 28.67 1.87
N ILE C 447 -28.05 29.07 2.25
CA ILE C 447 -28.22 29.97 3.39
C ILE C 447 -27.83 29.28 4.69
N ASP C 448 -28.24 28.02 4.86
CA ASP C 448 -27.89 27.29 6.07
C ASP C 448 -26.39 27.07 6.16
N THR C 449 -25.73 26.82 5.03
CA THR C 449 -24.29 26.57 5.06
C THR C 449 -23.53 27.84 5.46
N GLU C 450 -23.88 28.96 4.84
CA GLU C 450 -23.23 30.21 5.21
C GLU C 450 -23.36 30.48 6.69
N GLU C 451 -24.57 30.32 7.24
CA GLU C 451 -24.81 30.64 8.64
C GLU C 451 -23.96 29.79 9.56
N ILE C 452 -23.89 28.48 9.32
CA ILE C 452 -23.06 27.61 10.16
C ILE C 452 -21.61 28.08 10.11
N MET C 453 -21.10 28.37 8.92
CA MET C 453 -19.69 28.73 8.79
C MET C 453 -19.39 30.06 9.48
N ILE C 454 -20.23 31.07 9.29
CA ILE C 454 -20.02 32.33 9.99
C ILE C 454 -20.10 32.12 11.50
N SER C 455 -21.08 31.34 11.96
CA SER C 455 -21.21 31.06 13.38
C SER C 455 -19.96 30.40 13.94
N LYS C 456 -19.48 29.34 13.27
CA LYS C 456 -18.26 28.68 13.71
C LYS C 456 -17.12 29.68 13.81
N LEU C 457 -17.08 30.67 12.92
CA LEU C 457 -15.99 31.63 12.91
C LEU C 457 -16.05 32.54 14.13
N ALA C 458 -17.26 32.95 14.54
CA ALA C 458 -17.39 33.77 15.74
C ALA C 458 -16.85 33.04 16.98
N ARG C 459 -17.16 31.76 17.10
CA ARG C 459 -16.64 30.98 18.23
C ARG C 459 -15.14 30.73 18.14
N GLN C 460 -14.53 31.00 16.98
CA GLN C 460 -13.07 31.09 16.92
C GLN C 460 -12.60 32.43 17.45
N ILE C 461 -13.34 33.50 17.16
CA ILE C 461 -12.96 34.84 17.60
C ILE C 461 -13.22 35.00 19.09
N ASP C 462 -14.39 34.55 19.57
CA ASP C 462 -14.67 34.68 21.00
C ASP C 462 -13.91 33.66 21.86
N GLY C 463 -12.97 32.90 21.29
CA GLY C 463 -12.10 32.02 22.03
C GLY C 463 -12.73 30.77 22.59
N SER C 464 -14.05 30.58 22.43
CA SER C 464 -14.71 29.44 23.06
C SER C 464 -14.39 28.12 22.37
N GLU C 465 -14.07 28.17 21.07
CA GLU C 465 -13.64 26.98 20.34
C GLU C 465 -12.29 27.21 19.66
N TRP C 466 -11.56 28.25 20.07
CA TRP C 466 -10.31 28.58 19.41
C TRP C 466 -9.25 27.51 19.64
N SER C 467 -8.64 27.05 18.56
CA SER C 467 -7.44 26.22 18.61
C SER C 467 -6.89 26.12 17.21
N TRP C 468 -5.59 25.82 17.12
CA TRP C 468 -4.94 25.65 15.83
C TRP C 468 -5.70 24.65 14.95
N HIS C 469 -6.00 23.47 15.50
CA HIS C 469 -6.73 22.47 14.75
C HIS C 469 -8.09 23.00 14.31
N ASN C 470 -8.77 23.76 15.17
CA ASN C 470 -10.16 24.13 14.90
C ASN C 470 -10.26 25.26 13.88
N ILE C 471 -9.32 26.20 13.87
CA ILE C 471 -9.36 27.24 12.85
C ILE C 471 -8.90 26.68 11.50
N ASN C 472 -7.99 25.70 11.52
CA ASN C 472 -7.59 25.05 10.28
C ASN C 472 -8.75 24.28 9.66
N THR C 473 -9.43 23.47 10.46
N THR C 473 -9.42 23.46 10.46
CA THR C 473 -10.54 22.67 9.92
CA THR C 473 -10.55 22.67 9.97
C THR C 473 -11.62 23.55 9.33
C THR C 473 -11.60 23.56 9.33
N LEU C 474 -11.96 24.66 10.00
CA LEU C 474 -12.99 25.54 9.48
C LEU C 474 -12.54 26.20 8.18
N SER C 475 -11.26 26.59 8.11
CA SER C 475 -10.75 27.22 6.90
C SER C 475 -10.80 26.27 5.72
N TRP C 476 -10.46 25.00 5.96
CA TRP C 476 -10.54 24.00 4.89
C TRP C 476 -11.98 23.83 4.41
N ALA C 477 -12.93 23.81 5.36
CA ALA C 477 -14.34 23.69 5.01
C ALA C 477 -14.80 24.88 4.18
N ILE C 478 -14.48 26.09 4.63
CA ILE C 478 -14.85 27.28 3.86
C ILE C 478 -14.23 27.23 2.47
N GLY C 479 -12.96 26.84 2.39
CA GLY C 479 -12.32 26.73 1.09
C GLY C 479 -12.98 25.69 0.20
N SER C 480 -13.55 24.64 0.79
CA SER C 480 -13.97 23.49 0.01
C SER C 480 -15.23 23.76 -0.82
N ILE C 481 -16.03 24.76 -0.47
CA ILE C 481 -17.30 24.99 -1.14
C ILE C 481 -17.21 26.07 -2.20
N SER C 482 -16.01 26.52 -2.54
N SER C 482 -16.01 26.51 -2.55
CA SER C 482 -15.83 27.48 -3.62
CA SER C 482 -15.86 27.52 -3.59
C SER C 482 -16.55 26.99 -4.87
C SER C 482 -16.47 27.04 -4.90
N GLY C 483 -17.30 27.88 -5.50
CA GLY C 483 -17.99 27.57 -6.75
C GLY C 483 -19.44 27.20 -6.59
N THR C 484 -19.95 27.08 -5.37
CA THR C 484 -21.32 26.68 -5.13
C THR C 484 -22.26 27.85 -4.93
N MET C 485 -21.76 28.97 -4.41
CA MET C 485 -22.58 30.16 -4.23
C MET C 485 -22.59 30.98 -5.51
N SER C 486 -23.62 31.81 -5.66
CA SER C 486 -23.60 32.82 -6.70
C SER C 486 -22.41 33.75 -6.46
N GLU C 487 -22.00 34.44 -7.53
CA GLU C 487 -20.84 35.31 -7.44
C GLU C 487 -21.10 36.46 -6.46
N ASP C 488 -22.33 36.99 -6.44
CA ASP C 488 -22.65 38.06 -5.51
C ASP C 488 -22.65 37.56 -4.06
N THR C 489 -23.28 36.41 -3.81
CA THR C 489 -23.28 35.87 -2.46
C THR C 489 -21.87 35.44 -2.03
N GLU C 490 -21.13 34.82 -2.95
CA GLU C 490 -19.74 34.47 -2.65
C GLU C 490 -18.91 35.71 -2.31
N LYS C 491 -19.14 36.81 -3.03
CA LYS C 491 -18.39 38.04 -2.76
C LYS C 491 -18.62 38.52 -1.34
N ARG C 492 -19.88 38.65 -0.93
CA ARG C 492 -20.20 39.05 0.44
C ARG C 492 -19.61 38.05 1.44
N PHE C 493 -19.75 36.76 1.15
CA PHE C 493 -19.27 35.73 2.07
C PHE C 493 -17.77 35.79 2.21
N VAL C 494 -17.05 35.90 1.09
CA VAL C 494 -15.59 35.92 1.12
C VAL C 494 -15.09 37.13 1.91
N VAL C 495 -15.63 38.32 1.60
CA VAL C 495 -15.26 39.52 2.33
C VAL C 495 -15.42 39.30 3.83
N THR C 496 -16.62 38.89 4.25
CA THR C 496 -16.87 38.67 5.68
C THR C 496 -15.84 37.72 6.29
N VAL C 497 -15.53 36.64 5.59
CA VAL C 497 -14.63 35.63 6.15
C VAL C 497 -13.24 36.21 6.34
N ILE C 498 -12.73 36.93 5.35
CA ILE C 498 -11.37 37.46 5.42
C ILE C 498 -11.30 38.61 6.44
N LYS C 499 -12.35 39.44 6.51
CA LYS C 499 -12.40 40.45 7.56
C LYS C 499 -12.31 39.81 8.94
N ASP C 500 -13.12 38.78 9.18
CA ASP C 500 -13.10 38.12 10.48
C ASP C 500 -11.76 37.49 10.77
N LEU C 501 -11.11 36.94 9.73
CA LEU C 501 -9.83 36.27 9.94
C LEU C 501 -8.73 37.28 10.24
N LEU C 502 -8.77 38.45 9.61
CA LEU C 502 -7.77 39.48 9.88
C LEU C 502 -7.90 40.00 11.30
N GLY C 503 -9.13 40.27 11.76
CA GLY C 503 -9.33 40.62 13.15
C GLY C 503 -8.86 39.51 14.08
N LEU C 504 -9.07 38.26 13.70
CA LEU C 504 -8.60 37.14 14.51
C LEU C 504 -7.08 37.15 14.62
N CYS C 505 -6.39 37.46 13.53
CA CYS C 505 -4.92 37.45 13.55
C CYS C 505 -4.38 38.59 14.41
N GLU C 506 -4.83 39.82 14.16
CA GLU C 506 -4.46 40.93 15.02
C GLU C 506 -4.65 40.58 16.49
N GLN C 507 -5.78 39.91 16.80
CA GLN C 507 -6.15 39.66 18.18
C GLN C 507 -5.19 38.71 18.88
N LYS C 508 -4.53 37.83 18.14
CA LYS C 508 -3.65 36.85 18.75
C LYS C 508 -2.26 37.42 18.96
N ARG C 509 -1.55 36.86 19.94
CA ARG C 509 -0.17 37.24 20.25
C ARG C 509 0.78 36.11 19.87
N GLY C 510 1.98 36.49 19.49
CA GLY C 510 3.03 35.50 19.23
C GLY C 510 3.04 35.03 17.80
N LYS C 511 4.24 34.68 17.34
CA LYS C 511 4.43 34.26 15.96
C LYS C 511 3.72 32.94 15.67
N ASP C 512 3.62 32.06 16.67
CA ASP C 512 2.97 30.77 16.46
C ASP C 512 1.54 30.96 15.99
N ASN C 513 0.74 31.67 16.79
CA ASN C 513 -0.67 31.84 16.46
C ASN C 513 -0.86 32.71 15.22
N LYS C 514 -0.20 33.88 15.19
CA LYS C 514 -0.35 34.76 14.04
C LYS C 514 0.02 34.06 12.74
N ALA C 515 0.97 33.13 12.78
CA ALA C 515 1.34 32.39 11.58
C ALA C 515 0.22 31.45 11.14
N VAL C 516 -0.40 30.75 12.08
CA VAL C 516 -1.47 29.82 11.74
C VAL C 516 -2.62 30.55 11.08
N VAL C 517 -3.07 31.66 11.68
CA VAL C 517 -4.21 32.38 11.14
C VAL C 517 -3.87 32.97 9.78
N ALA C 518 -2.67 33.54 9.65
CA ALA C 518 -2.27 34.14 8.37
C ALA C 518 -2.18 33.09 7.27
N SER C 519 -1.75 31.87 7.60
CA SER C 519 -1.75 30.80 6.62
C SER C 519 -3.16 30.48 6.15
N ASP C 520 -4.07 30.25 7.11
CA ASP C 520 -5.46 29.96 6.76
C ASP C 520 -6.06 31.08 5.92
N ILE C 521 -5.75 32.33 6.24
CA ILE C 521 -6.19 33.44 5.41
C ILE C 521 -5.73 33.22 3.98
N MET C 522 -4.43 32.94 3.80
CA MET C 522 -3.92 32.72 2.46
C MET C 522 -4.49 31.45 1.83
N TYR C 523 -4.90 30.48 2.65
CA TYR C 523 -5.51 29.28 2.09
C TYR C 523 -6.89 29.58 1.50
N VAL C 524 -7.72 30.29 2.26
CA VAL C 524 -9.06 30.63 1.77
C VAL C 524 -8.96 31.43 0.47
N VAL C 525 -8.12 32.47 0.45
N VAL C 525 -8.14 32.48 0.48
CA VAL C 525 -8.05 33.31 -0.74
CA VAL C 525 -7.98 33.33 -0.70
C VAL C 525 -7.60 32.49 -1.94
C VAL C 525 -7.62 32.48 -1.91
N GLY C 526 -6.64 31.58 -1.74
CA GLY C 526 -6.21 30.73 -2.83
C GLY C 526 -7.30 29.81 -3.35
N GLN C 527 -8.36 29.60 -2.59
CA GLN C 527 -9.45 28.72 -3.00
C GLN C 527 -10.58 29.44 -3.73
N TYR C 528 -10.53 30.76 -3.84
CA TYR C 528 -11.61 31.54 -4.44
C TYR C 528 -11.07 32.39 -5.59
N PRO C 529 -10.61 31.74 -6.66
CA PRO C 529 -10.05 32.50 -7.79
C PRO C 529 -11.07 33.35 -8.51
N ARG C 530 -12.34 32.93 -8.56
CA ARG C 530 -13.36 33.77 -9.18
C ARG C 530 -13.39 35.15 -8.52
N PHE C 531 -13.29 35.19 -7.21
CA PHE C 531 -13.28 36.46 -6.48
C PHE C 531 -12.04 37.28 -6.83
N LEU C 532 -10.87 36.63 -6.82
CA LEU C 532 -9.63 37.34 -7.17
C LEU C 532 -9.68 37.89 -8.57
N LYS C 533 -10.21 37.11 -9.52
CA LYS C 533 -10.23 37.54 -10.91
C LYS C 533 -11.04 38.81 -11.10
N ALA C 534 -12.03 39.06 -10.25
CA ALA C 534 -12.91 40.20 -10.39
C ALA C 534 -12.48 41.40 -9.55
N HIS C 535 -11.49 41.23 -8.67
CA HIS C 535 -11.02 42.31 -7.78
C HIS C 535 -9.51 42.38 -7.92
N TRP C 536 -9.04 43.00 -9.01
CA TRP C 536 -7.62 43.07 -9.26
C TRP C 536 -6.89 43.74 -8.10
N ASN C 537 -7.33 44.93 -7.70
CA ASN C 537 -6.70 45.64 -6.59
C ASN C 537 -6.45 44.70 -5.43
N PHE C 538 -7.45 43.89 -5.09
CA PHE C 538 -7.29 42.94 -3.98
C PHE C 538 -6.28 41.86 -4.34
N LEU C 539 -6.44 41.24 -5.51
CA LEU C 539 -5.47 40.22 -5.95
C LEU C 539 -4.06 40.75 -5.87
N ARG C 540 -3.84 41.99 -6.32
N ARG C 540 -3.85 41.99 -6.31
CA ARG C 540 -2.51 42.59 -6.22
CA ARG C 540 -2.52 42.59 -6.24
C ARG C 540 -2.04 42.63 -4.79
C ARG C 540 -2.04 42.67 -4.79
N THR C 541 -2.92 43.07 -3.88
CA THR C 541 -2.55 43.14 -2.47
C THR C 541 -2.17 41.77 -1.91
N VAL C 542 -2.89 40.73 -2.32
CA VAL C 542 -2.58 39.37 -1.89
C VAL C 542 -1.14 39.02 -2.28
N ILE C 543 -0.81 39.16 -3.57
CA ILE C 543 0.50 38.73 -4.05
C ILE C 543 1.60 39.47 -3.31
N LEU C 544 1.44 40.79 -3.15
CA LEU C 544 2.46 41.57 -2.48
C LEU C 544 2.63 41.14 -1.03
N LYS C 545 1.57 40.62 -0.40
CA LYS C 545 1.72 40.12 0.95
C LYS C 545 2.47 38.80 0.97
N LEU C 546 2.14 37.90 0.05
CA LEU C 546 2.92 36.67 -0.10
C LEU C 546 4.39 37.00 -0.30
N PHE C 547 4.68 38.00 -1.13
CA PHE C 547 6.07 38.40 -1.34
C PHE C 547 6.71 38.83 -0.01
N GLU C 548 6.01 39.65 0.77
CA GLU C 548 6.49 39.99 2.10
C GLU C 548 6.76 38.74 2.93
N PHE C 549 5.86 37.75 2.85
CA PHE C 549 6.01 36.54 3.64
C PHE C 549 7.18 35.68 3.19
N MET C 550 7.64 35.85 1.96
CA MET C 550 8.79 35.08 1.48
C MET C 550 10.09 35.50 2.15
N HIS C 551 10.07 36.58 2.93
CA HIS C 551 11.20 36.96 3.77
C HIS C 551 11.01 36.56 5.23
N GLU C 552 9.85 36.03 5.58
CA GLU C 552 9.57 35.60 6.94
C GLU C 552 10.31 34.29 7.22
N THR C 553 11.06 34.27 8.33
CA THR C 553 11.87 33.11 8.68
C THR C 553 11.13 32.08 9.51
N HIS C 554 9.95 32.41 10.04
CA HIS C 554 9.20 31.44 10.81
C HIS C 554 8.95 30.18 9.98
N GLU C 555 9.13 29.03 10.61
CA GLU C 555 9.05 27.76 9.89
C GLU C 555 7.70 27.61 9.21
N GLY C 556 7.73 27.32 7.91
CA GLY C 556 6.54 27.03 7.14
C GLY C 556 5.95 28.21 6.40
N VAL C 557 6.26 29.44 6.82
CA VAL C 557 5.65 30.61 6.19
C VAL C 557 6.13 30.74 4.75
N GLN C 558 7.43 30.55 4.51
CA GLN C 558 7.96 30.70 3.17
C GLN C 558 7.37 29.65 2.22
N ASP C 559 7.38 28.38 2.64
CA ASP C 559 6.75 27.34 1.84
C ASP C 559 5.28 27.68 1.56
N MET C 560 4.60 28.26 2.56
CA MET C 560 3.21 28.61 2.38
C MET C 560 3.04 29.73 1.35
N ALA C 561 3.85 30.77 1.46
CA ALA C 561 3.76 31.88 0.53
C ALA C 561 4.01 31.42 -0.92
N CYS C 562 4.96 30.50 -1.11
CA CYS C 562 5.30 30.06 -2.46
C CYS C 562 4.20 29.18 -3.03
N ASP C 563 3.75 28.19 -2.26
CA ASP C 563 2.67 27.32 -2.72
C ASP C 563 1.42 28.11 -3.05
N THR C 564 1.10 29.13 -2.24
CA THR C 564 -0.05 29.97 -2.52
C THR C 564 0.17 30.77 -3.81
N PHE C 565 1.39 31.26 -4.03
CA PHE C 565 1.68 32.05 -5.22
C PHE C 565 1.41 31.26 -6.48
N ILE C 566 2.01 30.06 -6.59
CA ILE C 566 1.84 29.30 -7.83
C ILE C 566 0.40 28.82 -7.98
N LYS C 567 -0.29 28.55 -6.87
CA LYS C 567 -1.67 28.10 -6.94
C LYS C 567 -2.59 29.19 -7.47
N ILE C 568 -2.38 30.44 -7.03
CA ILE C 568 -3.19 31.55 -7.54
C ILE C 568 -2.87 31.81 -9.00
N VAL C 569 -1.60 31.69 -9.37
CA VAL C 569 -1.18 31.98 -10.74
C VAL C 569 -1.80 31.00 -11.72
N GLN C 570 -1.81 29.71 -11.37
CA GLN C 570 -2.41 28.70 -12.25
C GLN C 570 -3.85 29.06 -12.62
N LYS C 571 -4.57 29.64 -11.66
N LYS C 571 -4.59 29.62 -11.66
CA LYS C 571 -5.99 29.94 -11.81
CA LYS C 571 -5.99 29.95 -11.92
C LYS C 571 -6.26 31.35 -12.33
C LYS C 571 -6.19 31.34 -12.49
N CYS C 572 -5.30 32.29 -12.18
CA CYS C 572 -5.54 33.69 -12.52
C CYS C 572 -4.47 34.26 -13.45
N LYS C 573 -3.69 33.40 -14.09
CA LYS C 573 -2.53 33.85 -14.88
C LYS C 573 -2.90 34.97 -15.85
N TYR C 574 -4.09 34.92 -16.45
CA TYR C 574 -4.47 35.93 -17.44
C TYR C 574 -4.40 37.33 -16.86
N HIS C 575 -4.73 37.50 -15.58
CA HIS C 575 -4.74 38.83 -14.98
C HIS C 575 -3.35 39.34 -14.62
N PHE C 576 -2.32 38.49 -14.74
CA PHE C 576 -0.94 38.93 -14.58
C PHE C 576 -0.30 39.32 -15.90
N VAL C 577 -0.88 38.91 -17.03
CA VAL C 577 -0.23 39.07 -18.33
C VAL C 577 -0.80 40.24 -19.13
N ILE C 578 -2.01 40.71 -18.80
CA ILE C 578 -2.56 41.90 -19.42
C ILE C 578 -2.19 43.11 -18.59
N GLN C 579 -2.29 44.29 -19.20
CA GLN C 579 -2.19 45.53 -18.45
C GLN C 579 -3.54 45.87 -17.86
N GLN C 580 -3.62 45.89 -16.53
CA GLN C 580 -4.88 46.17 -15.87
C GLN C 580 -5.23 47.65 -16.03
N PRO C 581 -6.52 47.99 -15.96
CA PRO C 581 -6.89 49.41 -15.95
C PRO C 581 -6.18 50.12 -14.81
N ARG C 582 -5.68 51.32 -15.09
CA ARG C 582 -5.03 52.21 -14.13
C ARG C 582 -3.65 51.72 -13.71
N GLU C 583 -3.13 50.62 -14.27
CA GLU C 583 -1.78 50.18 -13.99
C GLU C 583 -0.86 50.56 -15.15
N SER C 584 0.43 50.68 -14.83
CA SER C 584 1.41 51.13 -15.81
C SER C 584 1.91 50.00 -16.71
N GLU C 585 1.82 48.74 -16.27
CA GLU C 585 2.38 47.64 -17.04
C GLU C 585 1.73 46.34 -16.57
N PRO C 586 1.75 45.29 -17.40
CA PRO C 586 1.38 43.96 -16.90
C PRO C 586 2.14 43.63 -15.63
N PHE C 587 1.42 43.07 -14.66
CA PHE C 587 2.02 42.80 -13.36
C PHE C 587 3.18 41.81 -13.44
N ILE C 588 3.20 40.95 -14.46
CA ILE C 588 4.32 40.02 -14.61
C ILE C 588 5.63 40.77 -14.73
N GLN C 589 5.60 41.94 -15.37
CA GLN C 589 6.82 42.75 -15.47
C GLN C 589 7.26 43.25 -14.11
N THR C 590 6.30 43.64 -13.27
CA THR C 590 6.65 44.09 -11.92
C THR C 590 7.24 42.95 -11.11
N ILE C 591 6.69 41.75 -11.24
CA ILE C 591 7.24 40.58 -10.55
C ILE C 591 8.68 40.34 -10.98
N ILE C 592 8.92 40.39 -12.29
CA ILE C 592 10.24 40.04 -12.81
C ILE C 592 11.28 41.08 -12.39
N ARG C 593 10.91 42.36 -12.43
CA ARG C 593 11.86 43.41 -12.09
C ARG C 593 12.41 43.21 -10.68
N ASP C 594 11.57 42.85 -9.72
CA ASP C 594 11.95 42.75 -8.32
C ASP C 594 12.32 41.33 -7.90
N ILE C 595 12.50 40.41 -8.86
CA ILE C 595 12.60 39.00 -8.52
C ILE C 595 13.77 38.73 -7.59
N GLN C 596 14.88 39.44 -7.77
CA GLN C 596 16.04 39.22 -6.92
C GLN C 596 15.71 39.53 -5.46
N LYS C 597 15.08 40.68 -5.22
CA LYS C 597 14.67 41.02 -3.86
C LYS C 597 13.65 40.03 -3.33
N THR C 598 12.61 39.75 -4.12
CA THR C 598 11.50 38.93 -3.64
C THR C 598 11.98 37.57 -3.15
N THR C 599 12.95 36.97 -3.83
CA THR C 599 13.37 35.60 -3.55
C THR C 599 14.66 35.52 -2.76
N ALA C 600 15.22 36.66 -2.33
CA ALA C 600 16.55 36.67 -1.74
C ALA C 600 16.67 35.74 -0.54
N ASP C 601 15.56 35.51 0.19
CA ASP C 601 15.60 34.74 1.43
C ASP C 601 15.00 33.34 1.29
N LEU C 602 14.70 32.91 0.07
CA LEU C 602 14.11 31.59 -0.16
C LEU C 602 15.19 30.55 -0.38
N GLN C 603 14.86 29.29 -0.06
CA GLN C 603 15.72 28.18 -0.40
C GLN C 603 15.66 27.93 -1.91
N PRO C 604 16.68 27.28 -2.47
CA PRO C 604 16.66 27.01 -3.92
C PRO C 604 15.37 26.36 -4.42
N GLN C 605 14.85 25.35 -3.71
CA GLN C 605 13.62 24.70 -4.16
C GLN C 605 12.48 25.71 -4.29
N GLN C 606 12.39 26.64 -3.34
CA GLN C 606 11.30 27.62 -3.35
C GLN C 606 11.52 28.68 -4.43
N VAL C 607 12.78 29.02 -4.72
CA VAL C 607 13.07 29.91 -5.84
C VAL C 607 12.59 29.31 -7.15
N HIS C 608 12.83 28.02 -7.35
CA HIS C 608 12.46 27.37 -8.61
C HIS C 608 10.95 27.32 -8.78
N THR C 609 10.22 27.08 -7.69
CA THR C 609 8.77 27.20 -7.74
C THR C 609 8.35 28.60 -8.17
N PHE C 610 9.02 29.63 -7.66
CA PHE C 610 8.71 31.01 -8.04
C PHE C 610 8.90 31.21 -9.54
N TYR C 611 10.04 30.75 -10.07
CA TYR C 611 10.30 30.88 -11.51
C TYR C 611 9.31 30.09 -12.33
N LYS C 612 8.96 28.88 -11.89
CA LYS C 612 7.93 28.11 -12.58
C LYS C 612 6.60 28.86 -12.62
N ALA C 613 6.21 29.48 -11.50
CA ALA C 613 5.00 30.28 -11.50
C ALA C 613 5.06 31.38 -12.55
N CYS C 614 6.22 32.04 -12.67
CA CYS C 614 6.38 33.07 -13.69
C CYS C 614 6.26 32.48 -15.08
N GLY C 615 6.80 31.28 -15.29
CA GLY C 615 6.68 30.63 -16.58
C GLY C 615 5.24 30.36 -16.97
N ILE C 616 4.40 29.98 -15.99
CA ILE C 616 2.98 29.80 -16.26
C ILE C 616 2.38 31.10 -16.80
N ILE C 617 2.68 32.23 -16.17
CA ILE C 617 2.16 33.52 -16.62
C ILE C 617 2.68 33.83 -18.02
N ILE C 618 3.99 33.70 -18.22
CA ILE C 618 4.59 34.11 -19.48
C ILE C 618 4.00 33.34 -20.65
N SER C 619 3.61 32.08 -20.43
CA SER C 619 3.08 31.28 -21.52
C SER C 619 1.67 31.72 -21.94
N GLU C 620 0.98 32.52 -21.14
CA GLU C 620 -0.30 33.05 -21.58
C GLU C 620 -0.15 34.21 -22.55
N GLU C 621 1.05 34.78 -22.68
CA GLU C 621 1.31 35.81 -23.67
C GLU C 621 1.53 35.13 -25.02
N ARG C 622 0.61 35.35 -25.96
CA ARG C 622 0.67 34.63 -27.23
C ARG C 622 1.34 35.41 -28.35
N SER C 623 1.60 36.70 -28.16
CA SER C 623 2.51 37.41 -29.07
C SER C 623 3.93 36.89 -28.84
N VAL C 624 4.53 36.34 -29.89
CA VAL C 624 5.80 35.62 -29.73
C VAL C 624 6.90 36.54 -29.24
N ALA C 625 7.00 37.74 -29.83
CA ALA C 625 8.10 38.63 -29.49
C ALA C 625 8.03 39.08 -28.04
N GLU C 626 6.82 39.34 -27.53
CA GLU C 626 6.70 39.74 -26.13
C GLU C 626 6.94 38.56 -25.20
N ARG C 627 6.44 37.38 -25.57
CA ARG C 627 6.68 36.20 -24.74
C ARG C 627 8.18 35.90 -24.64
N ASN C 628 8.89 35.93 -25.78
CA ASN C 628 10.32 35.66 -25.76
C ASN C 628 11.07 36.71 -24.95
N ARG C 629 10.61 37.97 -25.01
CA ARG C 629 11.25 39.03 -24.23
C ARG C 629 11.01 38.80 -22.74
N LEU C 630 9.77 38.50 -22.34
CA LEU C 630 9.50 38.17 -20.95
C LEU C 630 10.35 36.99 -20.50
N LEU C 631 10.50 35.98 -21.36
CA LEU C 631 11.26 34.81 -20.99
C LEU C 631 12.73 35.15 -20.75
N SER C 632 13.33 35.97 -21.62
CA SER C 632 14.73 36.31 -21.43
C SER C 632 14.92 37.25 -20.25
N ASP C 633 13.92 38.07 -19.93
CA ASP C 633 14.01 38.89 -18.72
C ASP C 633 13.92 38.02 -17.47
N LEU C 634 13.00 37.06 -17.44
CA LEU C 634 12.89 36.17 -16.29
C LEU C 634 14.19 35.41 -16.05
N MET C 635 14.83 34.95 -17.11
CA MET C 635 16.04 34.15 -16.99
C MET C 635 17.31 34.97 -16.86
N GLN C 636 17.19 36.29 -16.68
CA GLN C 636 18.38 37.14 -16.66
C GLN C 636 19.36 36.71 -15.58
N LEU C 637 18.88 36.55 -14.35
CA LEU C 637 19.78 36.20 -13.24
C LEU C 637 20.45 34.86 -13.46
N PRO C 638 19.73 33.76 -13.74
CA PRO C 638 20.43 32.49 -14.02
C PRO C 638 21.30 32.51 -15.27
N ASN C 639 20.91 33.27 -16.29
CA ASN C 639 21.73 33.33 -17.51
C ASN C 639 23.05 34.03 -17.25
N MET C 640 23.04 35.08 -16.42
CA MET C 640 24.28 35.77 -16.10
C MET C 640 25.19 34.90 -15.25
N ALA C 641 24.63 34.25 -14.22
CA ALA C 641 25.41 33.27 -13.47
C ALA C 641 25.93 32.19 -14.40
N TRP C 642 25.09 31.73 -15.33
CA TRP C 642 25.51 30.71 -16.29
C TRP C 642 26.67 31.20 -17.15
N ASP C 643 26.51 32.37 -17.79
CA ASP C 643 27.58 32.89 -18.63
C ASP C 643 28.89 33.00 -17.88
N THR C 644 28.82 33.46 -16.63
CA THR C 644 30.04 33.57 -15.83
C THR C 644 30.71 32.22 -15.66
N ILE C 645 29.96 31.21 -15.22
CA ILE C 645 30.57 29.91 -14.94
C ILE C 645 31.12 29.27 -16.21
N VAL C 646 30.38 29.39 -17.32
CA VAL C 646 30.87 28.80 -18.56
C VAL C 646 32.16 29.47 -19.01
N GLU C 647 32.30 30.77 -18.74
CA GLU C 647 33.56 31.44 -19.03
C GLU C 647 34.68 30.96 -18.12
N GLN C 648 34.36 30.70 -16.85
CA GLN C 648 35.36 30.26 -15.88
C GLN C 648 35.67 28.77 -16.05
N SER C 649 34.70 27.91 -15.75
CA SER C 649 34.95 26.47 -15.73
C SER C 649 35.60 25.99 -17.02
N THR C 650 35.35 26.67 -18.14
CA THR C 650 36.04 26.31 -19.38
C THR C 650 37.52 26.66 -19.32
N ALA C 651 37.87 27.72 -18.58
CA ALA C 651 39.26 28.12 -18.46
C ALA C 651 40.02 27.25 -17.46
N ASN C 652 39.40 26.93 -16.33
CA ASN C 652 40.02 26.11 -15.29
C ASN C 652 39.05 24.98 -14.90
N PRO C 653 39.06 23.88 -15.65
CA PRO C 653 38.18 22.76 -15.31
C PRO C 653 38.29 22.27 -13.88
N THR C 654 39.37 22.63 -13.17
CA THR C 654 39.48 22.27 -11.76
C THR C 654 38.37 22.93 -10.93
N LEU C 655 37.91 24.11 -11.35
CA LEU C 655 36.91 24.84 -10.59
C LEU C 655 35.67 23.99 -10.30
N LEU C 656 35.36 23.03 -11.18
CA LEU C 656 34.20 22.18 -10.99
C LEU C 656 34.36 21.21 -9.83
N LEU C 657 35.55 21.05 -9.28
CA LEU C 657 35.71 20.30 -8.04
C LEU C 657 35.31 21.11 -6.82
N ASP C 658 35.13 22.42 -6.97
CA ASP C 658 34.60 23.27 -5.91
C ASP C 658 33.12 22.97 -5.72
N SER C 659 32.77 22.43 -4.55
CA SER C 659 31.38 22.04 -4.30
C SER C 659 30.43 23.22 -4.45
N GLU C 660 30.91 24.45 -4.24
CA GLU C 660 30.03 25.60 -4.33
C GLU C 660 29.65 25.90 -5.77
N THR C 661 30.62 25.84 -6.69
CA THR C 661 30.31 26.02 -8.11
C THR C 661 29.38 24.92 -8.61
N VAL C 662 29.62 23.68 -8.17
CA VAL C 662 28.76 22.57 -8.56
C VAL C 662 27.33 22.84 -8.14
N LYS C 663 27.14 23.27 -6.90
CA LYS C 663 25.80 23.55 -6.40
C LYS C 663 25.15 24.70 -7.17
N ILE C 664 25.91 25.77 -7.43
CA ILE C 664 25.38 26.87 -8.23
C ILE C 664 24.95 26.37 -9.61
N ILE C 665 25.79 25.56 -10.25
CA ILE C 665 25.47 25.06 -11.58
C ILE C 665 24.17 24.25 -11.55
N ALA C 666 24.04 23.36 -10.56
CA ALA C 666 22.84 22.52 -10.50
C ALA C 666 21.60 23.37 -10.31
N ASN C 667 21.69 24.42 -9.50
CA ASN C 667 20.52 25.27 -9.26
C ASN C 667 20.15 26.06 -10.52
N ILE C 668 21.14 26.52 -11.29
CA ILE C 668 20.85 27.17 -12.56
C ILE C 668 20.03 26.22 -13.44
N ILE C 669 20.51 24.99 -13.59
CA ILE C 669 19.83 24.03 -14.46
CA ILE C 669 19.83 24.04 -14.46
C ILE C 669 18.46 23.70 -13.89
N LYS C 670 18.35 23.55 -12.58
CA LYS C 670 17.05 23.30 -11.98
C LYS C 670 16.08 24.45 -12.26
N THR C 671 16.59 25.67 -12.28
CA THR C 671 15.74 26.81 -12.62
C THR C 671 15.22 26.69 -14.05
N ASN C 672 16.09 26.25 -14.98
CA ASN C 672 15.66 26.05 -16.36
C ASN C 672 14.62 24.94 -16.46
N VAL C 673 14.81 23.84 -15.72
CA VAL C 673 13.82 22.77 -15.70
C VAL C 673 12.48 23.30 -15.23
N ALA C 674 12.48 24.05 -14.12
CA ALA C 674 11.23 24.56 -13.56
C ALA C 674 10.48 25.40 -14.59
N VAL C 675 11.17 26.33 -15.24
CA VAL C 675 10.51 27.20 -16.22
C VAL C 675 10.10 26.40 -17.44
N CYS C 676 10.95 25.46 -17.87
CA CYS C 676 10.58 24.62 -19.01
C CYS C 676 9.36 23.77 -18.69
N THR C 677 9.20 23.36 -17.43
CA THR C 677 8.05 22.52 -17.06
C THR C 677 6.74 23.23 -17.36
N SER C 678 6.66 24.53 -17.07
CA SER C 678 5.42 25.27 -17.24
C SER C 678 5.30 25.89 -18.63
N MET C 679 6.41 26.11 -19.34
CA MET C 679 6.35 26.73 -20.65
C MET C 679 6.39 25.73 -21.81
N GLY C 680 7.01 24.56 -21.60
CA GLY C 680 6.98 23.53 -22.62
C GLY C 680 7.56 24.00 -23.93
N ALA C 681 6.75 23.95 -24.99
CA ALA C 681 7.21 24.32 -26.32
C ALA C 681 7.74 25.76 -26.35
N ASP C 682 7.15 26.66 -25.56
CA ASP C 682 7.58 28.05 -25.57
C ASP C 682 8.96 28.25 -24.99
N PHE C 683 9.52 27.26 -24.29
CA PHE C 683 10.83 27.40 -23.68
C PHE C 683 11.96 27.38 -24.69
N TYR C 684 11.70 26.97 -25.93
CA TYR C 684 12.77 26.72 -26.89
C TYR C 684 13.78 27.85 -27.01
N PRO C 685 13.40 29.13 -27.03
CA PRO C 685 14.43 30.18 -27.16
C PRO C 685 15.44 30.16 -26.03
N GLN C 686 14.99 29.95 -24.79
CA GLN C 686 15.91 29.87 -23.66
C GLN C 686 16.80 28.64 -23.75
N LEU C 687 16.23 27.51 -24.18
CA LEU C 687 17.06 26.32 -24.38
C LEU C 687 18.15 26.59 -25.41
N GLY C 688 17.83 27.32 -26.47
CA GLY C 688 18.83 27.65 -27.47
C GLY C 688 19.95 28.50 -26.94
N HIS C 689 19.67 29.31 -25.91
CA HIS C 689 20.71 30.17 -25.35
C HIS C 689 21.79 29.35 -24.64
N ILE C 690 21.42 28.23 -24.02
CA ILE C 690 22.35 27.48 -23.18
C ILE C 690 22.74 26.13 -23.79
N TYR C 691 22.08 25.69 -24.87
CA TYR C 691 22.12 24.29 -25.25
C TYR C 691 23.54 23.81 -25.48
N TYR C 692 24.28 24.47 -26.38
CA TYR C 692 25.57 23.95 -26.80
C TYR C 692 26.57 23.95 -25.65
N ASN C 693 26.62 25.01 -24.86
CA ASN C 693 27.54 25.03 -23.73
C ASN C 693 27.10 24.04 -22.65
N MET C 694 25.79 23.83 -22.50
CA MET C 694 25.31 22.87 -21.52
C MET C 694 25.79 21.45 -21.83
N LEU C 695 25.79 21.07 -23.11
CA LEU C 695 26.27 19.75 -23.47
C LEU C 695 27.78 19.66 -23.33
N GLN C 696 28.50 20.76 -23.55
CA GLN C 696 29.92 20.79 -23.24
C GLN C 696 30.16 20.62 -21.75
N LEU C 697 29.36 21.31 -20.93
CA LEU C 697 29.45 21.11 -19.48
C LEU C 697 29.18 19.65 -19.12
N TYR C 698 28.19 19.03 -19.76
CA TYR C 698 27.91 17.62 -19.55
C TYR C 698 29.15 16.77 -19.79
N ARG C 699 29.89 17.05 -20.88
CA ARG C 699 31.10 16.29 -21.17
C ARG C 699 32.17 16.52 -20.11
N ALA C 700 32.36 17.77 -19.70
CA ALA C 700 33.40 18.07 -18.72
C ALA C 700 33.12 17.39 -17.40
N VAL C 701 31.88 17.49 -16.90
N VAL C 701 31.89 17.53 -16.89
CA VAL C 701 31.57 16.85 -15.62
CA VAL C 701 31.50 16.86 -15.65
C VAL C 701 31.65 15.34 -15.74
C VAL C 701 31.70 15.36 -15.77
N SER C 702 31.34 14.79 -16.92
CA SER C 702 31.52 13.35 -17.14
C SER C 702 32.99 12.97 -17.00
N SER C 703 33.89 13.75 -17.58
CA SER C 703 35.32 13.46 -17.45
C SER C 703 35.75 13.47 -15.99
N MET C 704 35.24 14.43 -15.22
CA MET C 704 35.65 14.54 -13.82
C MET C 704 35.11 13.37 -12.99
N ILE C 705 33.90 12.91 -13.26
CA ILE C 705 33.36 11.74 -12.58
C ILE C 705 34.25 10.53 -12.86
N SER C 706 34.53 10.28 -14.14
CA SER C 706 35.40 9.16 -14.49
C SER C 706 36.78 9.30 -13.86
N ALA C 707 37.34 10.52 -13.89
CA ALA C 707 38.64 10.74 -13.27
C ALA C 707 38.61 10.43 -11.78
N GLN C 708 37.52 10.78 -11.11
CA GLN C 708 37.43 10.53 -9.67
C GLN C 708 37.30 9.04 -9.37
N VAL C 709 36.48 8.32 -10.15
CA VAL C 709 36.34 6.88 -9.95
C VAL C 709 37.68 6.19 -10.16
N ALA C 710 38.46 6.66 -11.14
CA ALA C 710 39.76 6.06 -11.42
C ALA C 710 40.73 6.28 -10.27
N ALA C 711 40.71 7.46 -9.66
CA ALA C 711 41.68 7.79 -8.63
C ALA C 711 41.28 7.29 -7.25
N GLU C 712 39.98 7.14 -6.99
CA GLU C 712 39.50 6.77 -5.67
C GLU C 712 38.80 5.42 -5.61
N GLY C 713 38.40 4.85 -6.75
CA GLY C 713 37.63 3.62 -6.76
C GLY C 713 36.14 3.87 -6.82
N LEU C 714 35.38 2.76 -6.87
CA LEU C 714 33.94 2.87 -6.98
C LEU C 714 33.32 3.64 -5.82
N ILE C 715 33.98 3.64 -4.66
CA ILE C 715 33.45 4.37 -3.51
C ILE C 715 33.27 5.85 -3.83
N ALA C 716 34.00 6.36 -4.82
CA ALA C 716 33.86 7.76 -5.19
C ALA C 716 32.43 8.12 -5.57
N THR C 717 31.66 7.16 -6.11
CA THR C 717 30.29 7.45 -6.51
C THR C 717 29.41 7.81 -5.33
N LYS C 718 29.83 7.48 -4.11
CA LYS C 718 29.07 7.82 -2.91
C LYS C 718 29.46 9.17 -2.31
N THR C 719 30.56 9.77 -2.77
CA THR C 719 31.06 10.99 -2.16
C THR C 719 30.17 12.18 -2.52
N PRO C 720 30.07 13.18 -1.63
CA PRO C 720 29.33 14.39 -1.99
C PRO C 720 29.82 15.05 -3.27
N LYS C 721 31.14 15.02 -3.53
CA LYS C 721 31.67 15.63 -4.75
C LYS C 721 31.06 15.02 -6.00
N VAL C 722 31.11 13.69 -6.11
CA VAL C 722 30.66 13.04 -7.34
C VAL C 722 29.14 13.03 -7.42
N ARG C 723 28.44 12.84 -6.30
CA ARG C 723 26.99 12.96 -6.33
C ARG C 723 26.57 14.35 -6.81
N GLY C 724 27.30 15.38 -6.39
CA GLY C 724 27.03 16.71 -6.92
C GLY C 724 27.26 16.80 -8.41
N LEU C 725 28.33 16.18 -8.91
CA LEU C 725 28.61 16.22 -10.33
C LEU C 725 27.56 15.47 -11.13
N ARG C 726 27.11 14.31 -10.62
CA ARG C 726 26.07 13.56 -11.32
C ARG C 726 24.74 14.27 -11.27
N THR C 727 24.48 15.06 -10.22
CA THR C 727 23.26 15.86 -10.20
C THR C 727 23.23 16.80 -11.41
N ILE C 728 24.35 17.44 -11.72
CA ILE C 728 24.41 18.28 -12.92
C ILE C 728 23.99 17.47 -14.14
N LYS C 729 24.60 16.30 -14.32
CA LYS C 729 24.26 15.48 -15.49
C LYS C 729 22.79 15.10 -15.50
N LYS C 730 22.24 14.73 -14.34
CA LYS C 730 20.85 14.29 -14.28
C LYS C 730 19.89 15.44 -14.56
N GLU C 731 20.20 16.64 -14.08
CA GLU C 731 19.33 17.78 -14.35
C GLU C 731 19.40 18.18 -15.82
N ILE C 732 20.59 18.12 -16.43
CA ILE C 732 20.71 18.39 -17.87
C ILE C 732 19.83 17.44 -18.67
N LEU C 733 19.92 16.14 -18.36
CA LEU C 733 19.07 15.17 -19.06
C LEU C 733 17.59 15.46 -18.81
N LYS C 734 17.23 15.79 -17.56
CA LYS C 734 15.84 16.09 -17.25
C LYS C 734 15.35 17.31 -18.02
N LEU C 735 16.19 18.34 -18.14
CA LEU C 735 15.82 19.52 -18.91
C LEU C 735 15.53 19.15 -20.37
N VAL C 736 16.44 18.42 -21.00
CA VAL C 736 16.25 18.04 -22.40
C VAL C 736 15.03 17.16 -22.54
N GLU C 737 14.84 16.21 -21.62
CA GLU C 737 13.67 15.34 -21.67
C GLU C 737 12.39 16.15 -21.51
N THR C 738 12.39 17.11 -20.58
CA THR C 738 11.19 17.92 -20.35
C THR C 738 10.83 18.72 -21.59
N TYR C 739 11.82 19.33 -22.25
CA TYR C 739 11.48 20.10 -23.44
C TYR C 739 10.99 19.20 -24.56
N ILE C 740 11.74 18.14 -24.88
CA ILE C 740 11.38 17.32 -26.04
C ILE C 740 10.01 16.68 -25.85
N SER C 741 9.66 16.34 -24.60
CA SER C 741 8.36 15.72 -24.36
C SER C 741 7.20 16.66 -24.66
N LYS C 742 7.43 17.97 -24.64
CA LYS C 742 6.39 18.96 -24.90
C LYS C 742 6.61 19.74 -26.20
N ALA C 743 7.68 19.44 -26.94
CA ALA C 743 7.99 20.23 -28.12
C ALA C 743 6.93 20.05 -29.20
N ARG C 744 6.58 21.14 -29.86
CA ARG C 744 5.67 21.11 -31.01
C ARG C 744 6.41 21.14 -32.34
N ASN C 745 7.60 21.73 -32.39
CA ASN C 745 8.41 21.79 -33.61
C ASN C 745 9.40 20.64 -33.55
N LEU C 746 9.04 19.53 -34.19
CA LEU C 746 9.89 18.34 -34.15
C LEU C 746 10.99 18.38 -35.19
N ASP C 747 10.85 19.19 -36.24
CA ASP C 747 11.95 19.39 -37.18
C ASP C 747 13.18 19.97 -36.49
N ASP C 748 12.97 20.98 -35.64
CA ASP C 748 14.09 21.55 -34.89
C ASP C 748 14.67 20.55 -33.91
N VAL C 749 13.81 19.76 -33.25
CA VAL C 749 14.29 18.73 -32.33
C VAL C 749 15.26 17.82 -33.06
N VAL C 750 14.86 17.31 -34.22
CA VAL C 750 15.70 16.39 -34.98
C VAL C 750 16.95 17.10 -35.49
N LYS C 751 16.76 18.27 -36.10
CA LYS C 751 17.85 18.91 -36.84
C LYS C 751 18.82 19.66 -35.95
N VAL C 752 18.39 20.10 -34.76
CA VAL C 752 19.21 20.93 -33.89
C VAL C 752 19.60 20.21 -32.62
N LEU C 753 18.66 19.50 -31.99
CA LEU C 753 18.88 19.00 -30.64
C LEU C 753 19.45 17.57 -30.59
N VAL C 754 18.94 16.66 -31.42
CA VAL C 754 19.20 15.23 -31.21
C VAL C 754 20.68 14.91 -31.43
N GLU C 755 21.26 15.41 -32.53
CA GLU C 755 22.63 15.04 -32.87
C GLU C 755 23.61 15.39 -31.75
N PRO C 756 23.72 16.65 -31.32
CA PRO C 756 24.61 16.94 -30.19
C PRO C 756 24.28 16.14 -28.95
N LEU C 757 23.00 15.85 -28.71
CA LEU C 757 22.62 15.11 -27.51
C LEU C 757 23.20 13.71 -27.53
N LEU C 758 22.97 12.96 -28.62
CA LEU C 758 23.47 11.60 -28.69
C LEU C 758 24.99 11.56 -28.58
N ASN C 759 25.67 12.49 -29.27
N ASN C 759 25.67 12.49 -29.28
CA ASN C 759 27.12 12.53 -29.21
CA ASN C 759 27.12 12.52 -29.19
C ASN C 759 27.61 12.84 -27.80
C ASN C 759 27.60 12.81 -27.78
N ALA C 760 26.83 13.61 -27.03
CA ALA C 760 27.23 13.96 -25.67
C ALA C 760 27.00 12.83 -24.66
N VAL C 761 25.99 11.98 -24.86
CA VAL C 761 25.55 11.10 -23.77
C VAL C 761 25.79 9.62 -24.04
N LEU C 762 25.78 9.17 -25.32
CA LEU C 762 25.73 7.73 -25.57
C LEU C 762 27.07 7.07 -25.30
N GLU C 763 28.13 7.55 -25.95
CA GLU C 763 29.45 6.96 -25.73
C GLU C 763 29.83 7.05 -24.25
N ASP C 764 29.53 8.17 -23.60
CA ASP C 764 29.87 8.33 -22.20
C ASP C 764 29.18 7.28 -21.34
N TYR C 765 27.92 6.97 -21.64
CA TYR C 765 27.21 5.91 -20.93
C TYR C 765 27.85 4.56 -21.19
N MET C 766 28.08 4.24 -22.46
CA MET C 766 28.61 2.93 -22.82
C MET C 766 29.96 2.66 -22.17
N ASN C 767 30.82 3.68 -22.09
CA ASN C 767 32.21 3.47 -21.71
C ASN C 767 32.51 3.83 -20.26
N ASN C 768 31.49 4.11 -19.46
CA ASN C 768 31.64 4.18 -18.01
C ASN C 768 31.44 2.80 -17.41
N VAL C 769 32.04 2.59 -16.24
CA VAL C 769 31.83 1.35 -15.51
C VAL C 769 30.38 1.31 -15.06
N PRO C 770 29.78 0.14 -14.85
CA PRO C 770 28.34 0.07 -14.51
C PRO C 770 27.91 1.01 -13.38
N ASP C 771 28.69 1.13 -12.31
CA ASP C 771 28.28 1.93 -11.17
C ASP C 771 28.24 3.43 -11.46
N ALA C 772 28.77 3.86 -12.60
CA ALA C 772 28.79 5.27 -12.96
C ALA C 772 27.83 5.62 -14.08
N ARG C 773 27.06 4.65 -14.57
CA ARG C 773 26.09 4.92 -15.62
C ARG C 773 24.79 5.45 -15.01
N ASP C 774 24.25 6.51 -15.62
CA ASP C 774 23.03 7.14 -15.14
C ASP C 774 21.83 6.51 -15.84
N ALA C 775 20.93 5.92 -15.07
CA ALA C 775 19.70 5.39 -15.64
C ALA C 775 18.90 6.48 -16.34
N GLU C 776 19.08 7.74 -15.93
CA GLU C 776 18.37 8.85 -16.56
C GLU C 776 18.73 8.99 -18.05
N VAL C 777 19.89 8.50 -18.47
CA VAL C 777 20.20 8.46 -19.89
C VAL C 777 19.15 7.63 -20.62
N LEU C 778 18.84 6.44 -20.08
CA LEU C 778 17.83 5.60 -20.70
C LEU C 778 16.49 6.31 -20.73
N ASN C 779 16.10 6.94 -19.62
CA ASN C 779 14.82 7.65 -19.57
C ASN C 779 14.77 8.75 -20.61
N CYS C 780 15.84 9.52 -20.74
CA CYS C 780 15.86 10.60 -21.73
C CYS C 780 15.77 10.05 -23.15
N MET C 781 16.49 8.95 -23.43
CA MET C 781 16.41 8.35 -24.76
C MET C 781 15.01 7.82 -25.05
N THR C 782 14.31 7.34 -24.02
CA THR C 782 12.95 6.87 -24.23
C THR C 782 12.06 7.99 -24.77
N THR C 783 12.23 9.20 -24.24
CA THR C 783 11.43 10.32 -24.72
C THR C 783 11.83 10.72 -26.13
N VAL C 784 13.14 10.74 -26.43
CA VAL C 784 13.59 11.05 -27.79
C VAL C 784 12.92 10.11 -28.78
N VAL C 785 12.98 8.81 -28.52
CA VAL C 785 12.40 7.83 -29.45
C VAL C 785 10.90 8.02 -29.54
N GLU C 786 10.25 8.19 -28.39
CA GLU C 786 8.80 8.39 -28.36
C GLU C 786 8.36 9.54 -29.24
N LYS C 787 9.09 10.65 -29.22
N LYS C 787 9.10 10.65 -29.21
CA LYS C 787 8.62 11.86 -29.88
CA LYS C 787 8.67 11.89 -29.84
C LYS C 787 9.11 12.01 -31.30
C LYS C 787 9.10 11.98 -31.29
N VAL C 788 10.33 11.58 -31.61
CA VAL C 788 10.88 11.76 -32.94
C VAL C 788 11.56 10.48 -33.44
N GLY C 789 11.27 9.36 -32.77
CA GLY C 789 11.89 8.10 -33.17
C GLY C 789 11.66 7.76 -34.63
N HIS C 790 10.44 8.03 -35.12
CA HIS C 790 10.11 7.76 -36.51
C HIS C 790 10.96 8.59 -37.48
N MET C 791 11.58 9.68 -37.03
CA MET C 791 12.32 10.56 -37.91
C MET C 791 13.83 10.33 -37.86
N ILE C 792 14.33 9.46 -36.99
CA ILE C 792 15.77 9.31 -36.81
C ILE C 792 16.16 7.85 -36.76
N PRO C 793 15.87 7.07 -37.81
CA PRO C 793 16.20 5.63 -37.74
C PRO C 793 17.66 5.35 -37.43
N GLN C 794 18.60 6.10 -38.02
CA GLN C 794 20.01 5.87 -37.71
C GLN C 794 20.33 6.26 -36.27
N GLY C 795 19.60 7.24 -35.72
CA GLY C 795 19.81 7.61 -34.33
C GLY C 795 19.33 6.56 -33.36
N VAL C 796 18.24 5.88 -33.69
CA VAL C 796 17.75 4.82 -32.82
C VAL C 796 18.72 3.64 -32.84
N ILE C 797 19.24 3.29 -34.02
CA ILE C 797 20.27 2.26 -34.10
C ILE C 797 21.44 2.61 -33.19
N LEU C 798 21.86 3.88 -33.22
CA LEU C 798 22.97 4.32 -32.38
C LEU C 798 22.64 4.17 -30.90
N ILE C 799 21.40 4.46 -30.51
CA ILE C 799 20.98 4.30 -29.12
C ILE C 799 21.11 2.84 -28.69
N LEU C 800 20.50 1.94 -29.46
CA LEU C 800 20.61 0.51 -29.14
C LEU C 800 22.07 0.08 -29.04
N GLN C 801 22.88 0.45 -30.03
CA GLN C 801 24.27 0.03 -30.02
C GLN C 801 24.98 0.46 -28.74
N SER C 802 24.65 1.64 -28.22
CA SER C 802 25.38 2.19 -27.09
C SER C 802 24.86 1.75 -25.73
N VAL C 803 23.59 1.35 -25.61
CA VAL C 803 23.03 1.03 -24.31
C VAL C 803 22.52 -0.40 -24.20
N PHE C 804 22.24 -1.11 -25.30
CA PHE C 804 21.50 -2.36 -25.20
C PHE C 804 22.31 -3.44 -24.49
N GLU C 805 23.43 -3.86 -25.07
CA GLU C 805 24.16 -4.99 -24.52
C GLU C 805 24.77 -4.67 -23.16
N CYS C 806 25.31 -3.46 -22.98
CA CYS C 806 25.98 -3.16 -21.73
C CYS C 806 25.00 -3.00 -20.58
N THR C 807 23.79 -2.50 -20.85
CA THR C 807 22.78 -2.43 -19.81
C THR C 807 22.20 -3.82 -19.51
N LEU C 808 21.98 -4.62 -20.55
CA LEU C 808 21.50 -5.98 -20.33
C LEU C 808 22.45 -6.78 -19.45
N ASP C 809 23.76 -6.61 -19.65
CA ASP C 809 24.72 -7.33 -18.82
C ASP C 809 24.71 -6.85 -17.38
N MET C 810 24.25 -5.62 -17.15
CA MET C 810 24.12 -5.13 -15.77
C MET C 810 22.97 -5.82 -15.03
N ILE C 811 21.92 -6.22 -15.74
CA ILE C 811 20.67 -6.60 -15.10
C ILE C 811 20.30 -8.07 -15.29
N ASN C 812 21.14 -8.86 -15.94
CA ASN C 812 20.79 -10.25 -16.25
C ASN C 812 21.52 -11.25 -15.37
N LYS C 813 22.06 -10.83 -14.23
CA LYS C 813 22.67 -11.75 -13.28
C LYS C 813 21.80 -12.03 -12.07
N ASP C 814 20.79 -11.20 -11.84
CA ASP C 814 19.83 -11.39 -10.76
C ASP C 814 18.67 -10.44 -11.04
N PHE C 815 17.71 -10.41 -10.11
CA PHE C 815 16.55 -9.54 -10.24
C PHE C 815 16.64 -8.28 -9.38
N THR C 816 17.76 -8.07 -8.68
CA THR C 816 17.85 -7.04 -7.65
C THR C 816 18.72 -5.85 -8.05
N GLU C 817 19.90 -6.09 -8.61
CA GLU C 817 20.85 -5.01 -8.81
C GLU C 817 20.35 -4.02 -9.87
N TYR C 818 20.79 -2.78 -9.72
CA TYR C 818 20.52 -1.73 -10.71
C TYR C 818 19.02 -1.60 -11.02
N PRO C 819 18.19 -1.38 -9.99
CA PRO C 819 16.73 -1.41 -10.19
C PRO C 819 16.21 -0.33 -11.13
N GLU C 820 16.79 0.87 -11.11
CA GLU C 820 16.31 1.90 -12.02
C GLU C 820 16.69 1.59 -13.46
N HIS C 821 17.94 1.18 -13.71
CA HIS C 821 18.35 0.78 -15.05
C HIS C 821 17.42 -0.29 -15.60
N ARG C 822 17.05 -1.25 -14.76
CA ARG C 822 16.13 -2.31 -15.12
C ARG C 822 14.84 -1.76 -15.69
N VAL C 823 14.17 -0.89 -14.92
CA VAL C 823 12.88 -0.34 -15.34
C VAL C 823 13.04 0.48 -16.62
N GLU C 824 14.00 1.41 -16.62
CA GLU C 824 14.17 2.28 -17.78
C GLU C 824 14.58 1.48 -19.01
N PHE C 825 15.36 0.41 -18.81
CA PHE C 825 15.81 -0.41 -19.92
C PHE C 825 14.64 -0.98 -20.71
N TYR C 826 13.65 -1.55 -20.03
CA TYR C 826 12.55 -2.17 -20.73
C TYR C 826 11.53 -1.15 -21.24
N LYS C 827 11.47 0.03 -20.63
CA LYS C 827 10.68 1.11 -21.22
C LYS C 827 11.30 1.59 -22.52
N LEU C 828 12.64 1.62 -22.59
CA LEU C 828 13.28 2.04 -23.84
C LEU C 828 13.06 1.01 -24.94
N LEU C 829 13.25 -0.27 -24.64
CA LEU C 829 13.01 -1.31 -25.65
C LEU C 829 11.56 -1.30 -26.12
N LYS C 830 10.63 -1.12 -25.18
CA LYS C 830 9.21 -1.04 -25.54
C LYS C 830 8.96 0.04 -26.59
N VAL C 831 9.41 1.27 -26.33
CA VAL C 831 9.11 2.34 -27.27
C VAL C 831 9.85 2.13 -28.58
N ILE C 832 11.06 1.58 -28.55
CA ILE C 832 11.76 1.28 -29.80
C ILE C 832 11.00 0.21 -30.59
N ASN C 833 10.49 -0.81 -29.89
CA ASN C 833 9.69 -1.83 -30.56
C ASN C 833 8.42 -1.22 -31.16
N GLU C 834 7.88 -0.18 -30.53
CA GLU C 834 6.65 0.46 -31.02
C GLU C 834 6.95 1.36 -32.22
N LYS C 835 7.97 2.21 -32.11
CA LYS C 835 8.15 3.33 -33.02
C LYS C 835 9.22 3.12 -34.08
N SER C 836 10.22 2.27 -33.82
CA SER C 836 11.32 2.08 -34.76
CA SER C 836 11.34 2.07 -34.73
C SER C 836 11.73 0.60 -34.77
N PHE C 837 10.76 -0.26 -35.06
CA PHE C 837 11.04 -1.69 -35.12
C PHE C 837 12.17 -2.00 -36.09
N ALA C 838 12.36 -1.16 -37.11
CA ALA C 838 13.42 -1.41 -38.07
C ALA C 838 14.78 -1.56 -37.38
N ALA C 839 14.96 -0.90 -36.24
CA ALA C 839 16.25 -0.95 -35.56
C ALA C 839 16.55 -2.36 -35.04
N PHE C 840 15.53 -3.12 -34.67
CA PHE C 840 15.77 -4.51 -34.27
C PHE C 840 16.04 -5.39 -35.48
N LEU C 841 15.46 -5.06 -36.63
CA LEU C 841 15.78 -5.80 -37.85
C LEU C 841 17.25 -5.68 -38.20
N GLU C 842 17.84 -4.51 -37.98
CA GLU C 842 19.25 -4.29 -38.33
C GLU C 842 20.22 -4.94 -37.35
N LEU C 843 19.75 -5.42 -36.21
CA LEU C 843 20.65 -6.05 -35.26
C LEU C 843 21.28 -7.29 -35.90
N PRO C 844 22.55 -7.57 -35.63
CA PRO C 844 23.10 -8.86 -36.03
C PRO C 844 22.38 -9.99 -35.32
N PRO C 845 22.27 -11.16 -35.95
CA PRO C 845 21.46 -12.24 -35.35
C PRO C 845 21.79 -12.53 -33.91
N ALA C 846 23.06 -12.45 -33.53
CA ALA C 846 23.44 -12.74 -32.15
C ALA C 846 22.85 -11.72 -31.18
N ALA C 847 22.75 -10.46 -31.61
CA ALA C 847 22.17 -9.42 -30.76
C ALA C 847 20.65 -9.49 -30.74
N PHE C 848 20.03 -9.87 -31.86
CA PHE C 848 18.59 -10.09 -31.84
C PHE C 848 18.23 -11.22 -30.89
N LYS C 849 19.09 -12.24 -30.78
CA LYS C 849 18.82 -13.32 -29.83
C LYS C 849 18.91 -12.83 -28.39
N LEU C 850 19.85 -11.91 -28.11
CA LEU C 850 19.88 -11.29 -26.78
C LEU C 850 18.62 -10.48 -26.53
N PHE C 851 18.07 -9.86 -27.58
CA PHE C 851 16.81 -9.15 -27.43
C PHE C 851 15.69 -10.09 -27.00
N VAL C 852 15.64 -11.28 -27.61
CA VAL C 852 14.62 -12.26 -27.22
C VAL C 852 14.87 -12.76 -25.81
N ASP C 853 16.12 -13.08 -25.48
CA ASP C 853 16.46 -13.44 -24.10
C ASP C 853 16.03 -12.37 -23.12
N ALA C 854 16.25 -11.09 -23.48
CA ALA C 854 15.92 -10.00 -22.57
C ALA C 854 14.42 -9.94 -22.30
N ILE C 855 13.61 -10.16 -23.32
CA ILE C 855 12.15 -10.13 -23.16
C ILE C 855 11.71 -11.23 -22.20
N CYS C 856 12.20 -12.45 -22.39
CA CYS C 856 11.83 -13.55 -21.51
C CYS C 856 12.36 -13.32 -20.11
N TRP C 857 13.57 -12.78 -19.98
CA TRP C 857 14.08 -12.36 -18.68
C TRP C 857 13.09 -11.43 -17.99
N ALA C 858 12.47 -10.53 -18.75
CA ALA C 858 11.49 -9.63 -18.15
C ALA C 858 10.28 -10.41 -17.63
N PHE C 859 9.83 -11.43 -18.39
CA PHE C 859 8.72 -12.27 -17.93
C PHE C 859 8.91 -12.72 -16.50
N LYS C 860 10.12 -13.16 -16.16
CA LYS C 860 10.40 -13.81 -14.90
C LYS C 860 10.53 -12.84 -13.72
N HIS C 861 10.49 -11.53 -13.99
CA HIS C 861 10.52 -10.57 -12.90
C HIS C 861 9.19 -10.60 -12.15
N ASN C 862 9.27 -10.40 -10.83
CA ASN C 862 8.07 -10.13 -10.05
C ASN C 862 7.79 -8.64 -9.94
N ASN C 863 8.83 -7.81 -10.05
CA ASN C 863 8.66 -6.38 -10.22
C ASN C 863 7.67 -6.09 -11.34
N ARG C 864 6.55 -5.43 -10.99
CA ARG C 864 5.50 -5.20 -11.96
C ARG C 864 5.96 -4.27 -13.08
N ASP C 865 6.80 -3.29 -12.76
CA ASP C 865 7.26 -2.36 -13.79
C ASP C 865 7.96 -3.11 -14.93
N VAL C 866 8.76 -4.12 -14.59
CA VAL C 866 9.49 -4.87 -15.60
C VAL C 866 8.59 -5.89 -16.28
N GLU C 867 7.86 -6.67 -15.47
CA GLU C 867 7.07 -7.78 -16.00
C GLU C 867 6.06 -7.29 -17.04
N VAL C 868 5.31 -6.23 -16.72
CA VAL C 868 4.25 -5.76 -17.60
C VAL C 868 4.83 -5.34 -18.95
N ASN C 869 5.93 -4.59 -18.93
CA ASN C 869 6.57 -4.18 -20.17
C ASN C 869 7.14 -5.37 -20.93
N GLY C 870 7.72 -6.32 -20.21
CA GLY C 870 8.24 -7.52 -20.86
C GLY C 870 7.17 -8.25 -21.66
N LEU C 871 5.99 -8.42 -21.05
CA LEU C 871 4.90 -9.12 -21.74
C LEU C 871 4.35 -8.30 -22.88
N GLN C 872 4.31 -6.97 -22.74
CA GLN C 872 3.83 -6.13 -23.82
C GLN C 872 4.81 -6.08 -24.98
N ILE C 873 6.12 -6.07 -24.68
CA ILE C 873 7.11 -6.12 -25.75
C ILE C 873 6.95 -7.40 -26.54
N ALA C 874 6.78 -8.53 -25.85
CA ALA C 874 6.59 -9.81 -26.54
C ALA C 874 5.37 -9.76 -27.44
N LEU C 875 4.26 -9.20 -26.94
CA LEU C 875 3.04 -9.09 -27.74
C LEU C 875 3.26 -8.20 -28.95
N ASP C 876 3.81 -7.00 -28.73
CA ASP C 876 4.06 -6.08 -29.84
C ASP C 876 5.05 -6.67 -30.83
N LEU C 877 6.05 -7.39 -30.33
CA LEU C 877 7.03 -8.01 -31.22
C LEU C 877 6.37 -9.03 -32.14
N VAL C 878 5.51 -9.88 -31.59
CA VAL C 878 4.79 -10.85 -32.43
C VAL C 878 3.98 -10.13 -33.49
N LYS C 879 3.30 -9.05 -33.11
CA LYS C 879 2.50 -8.30 -34.08
C LYS C 879 3.39 -7.62 -35.11
N ASN C 880 4.53 -7.08 -34.68
CA ASN C 880 5.49 -6.53 -35.64
C ASN C 880 5.93 -7.59 -36.64
N ILE C 881 6.26 -8.79 -36.15
CA ILE C 881 6.69 -9.88 -37.04
C ILE C 881 5.54 -10.29 -37.95
N GLU C 882 4.35 -10.49 -37.38
CA GLU C 882 3.20 -10.86 -38.19
C GLU C 882 2.97 -9.86 -39.31
N ARG C 883 3.10 -8.57 -39.01
CA ARG C 883 2.86 -7.53 -40.02
C ARG C 883 3.77 -7.69 -41.23
N MET C 884 4.97 -8.26 -41.05
CA MET C 884 5.92 -8.36 -42.14
C MET C 884 5.48 -9.31 -43.24
N GLY C 885 4.39 -10.04 -43.04
CA GLY C 885 3.96 -10.98 -44.04
C GLY C 885 4.89 -12.17 -44.12
N ASN C 886 4.87 -12.83 -45.29
CA ASN C 886 5.62 -14.06 -45.52
C ASN C 886 6.96 -13.70 -46.16
N VAL C 887 7.88 -13.25 -45.33
CA VAL C 887 9.23 -12.91 -45.78
C VAL C 887 10.26 -13.71 -45.00
N PRO C 888 11.53 -13.73 -45.43
CA PRO C 888 12.52 -14.57 -44.74
C PRO C 888 12.75 -14.19 -43.28
N PHE C 889 12.74 -12.90 -42.93
CA PHE C 889 13.00 -12.55 -41.53
C PHE C 889 11.90 -13.08 -40.62
N ALA C 890 10.64 -12.96 -41.05
CA ALA C 890 9.53 -13.48 -40.25
C ALA C 890 9.54 -15.00 -40.22
N ASN C 891 9.81 -15.63 -41.36
CA ASN C 891 9.94 -17.08 -41.40
C ASN C 891 11.01 -17.55 -40.42
N GLU C 892 12.19 -16.93 -40.47
CA GLU C 892 13.28 -17.31 -39.59
C GLU C 892 12.94 -17.02 -38.13
N PHE C 893 12.17 -15.95 -37.87
CA PHE C 893 11.82 -15.62 -36.50
C PHE C 893 11.01 -16.74 -35.86
N HIS C 894 9.98 -17.23 -36.56
CA HIS C 894 9.15 -18.30 -36.00
C HIS C 894 9.97 -19.57 -35.80
N LYS C 895 10.76 -19.94 -36.81
CA LYS C 895 11.59 -21.13 -36.69
C LYS C 895 12.49 -21.05 -35.45
N ASN C 896 13.05 -19.89 -35.19
CA ASN C 896 14.01 -19.75 -34.10
C ASN C 896 13.37 -19.48 -32.75
N TYR C 897 12.22 -18.80 -32.71
CA TYR C 897 11.75 -18.22 -31.45
C TYR C 897 10.30 -18.50 -31.10
N PHE C 898 9.47 -19.01 -32.01
CA PHE C 898 8.07 -19.23 -31.67
C PHE C 898 7.92 -20.11 -30.43
N PHE C 899 8.57 -21.28 -30.43
CA PHE C 899 8.40 -22.20 -29.31
C PHE C 899 9.12 -21.72 -28.05
N ILE C 900 10.17 -20.91 -28.20
CA ILE C 900 10.77 -20.27 -27.03
C ILE C 900 9.74 -19.39 -26.34
N PHE C 901 8.98 -18.60 -27.11
CA PHE C 901 7.99 -17.72 -26.50
C PHE C 901 6.81 -18.52 -25.94
N VAL C 902 6.42 -19.60 -26.60
CA VAL C 902 5.31 -20.41 -26.12
C VAL C 902 5.66 -21.06 -24.78
N SER C 903 6.84 -21.65 -24.68
CA SER C 903 7.19 -22.38 -23.47
C SER C 903 7.58 -21.46 -22.33
N GLU C 904 8.21 -20.31 -22.62
CA GLU C 904 8.53 -19.35 -21.57
C GLU C 904 7.25 -18.73 -21.01
N THR C 905 6.27 -18.47 -21.86
CA THR C 905 4.98 -17.98 -21.37
C THR C 905 4.29 -19.03 -20.54
N PHE C 906 4.28 -20.28 -21.01
CA PHE C 906 3.69 -21.36 -20.21
C PHE C 906 4.41 -21.49 -18.88
N PHE C 907 5.73 -21.34 -18.86
CA PHE C 907 6.48 -21.51 -17.61
C PHE C 907 6.02 -20.53 -16.54
N VAL C 908 5.88 -19.26 -16.89
CA VAL C 908 5.46 -18.28 -15.87
C VAL C 908 3.97 -18.39 -15.56
N LEU C 909 3.17 -18.90 -16.49
CA LEU C 909 1.76 -19.14 -16.19
C LEU C 909 1.58 -20.19 -15.10
N THR C 910 2.44 -21.22 -15.09
CA THR C 910 2.22 -22.41 -14.28
C THR C 910 3.10 -22.53 -13.05
N ASP C 911 4.02 -21.59 -12.81
CA ASP C 911 5.00 -21.79 -11.75
C ASP C 911 4.61 -21.15 -10.42
N SER C 912 3.42 -20.56 -10.33
CA SER C 912 2.87 -20.05 -9.08
C SER C 912 3.62 -18.85 -8.50
N ASP C 913 4.63 -18.33 -9.21
CA ASP C 913 5.39 -17.18 -8.71
C ASP C 913 5.17 -15.93 -9.56
N HIS C 914 4.24 -15.96 -10.52
CA HIS C 914 3.96 -14.79 -11.35
C HIS C 914 2.46 -14.62 -11.55
N LYS C 915 1.70 -14.76 -10.46
CA LYS C 915 0.24 -14.65 -10.55
C LYS C 915 -0.19 -13.28 -11.05
N SER C 916 0.59 -12.24 -10.76
CA SER C 916 0.19 -10.88 -11.09
C SER C 916 0.12 -10.65 -12.60
N GLY C 917 0.79 -11.47 -13.40
CA GLY C 917 0.78 -11.26 -14.84
C GLY C 917 -0.09 -12.23 -15.61
N PHE C 918 -1.01 -12.90 -14.91
CA PHE C 918 -1.81 -13.94 -15.55
C PHE C 918 -2.50 -13.44 -16.81
N SER C 919 -3.23 -12.32 -16.70
CA SER C 919 -4.03 -11.84 -17.83
C SER C 919 -3.17 -11.55 -19.05
N LYS C 920 -2.02 -10.89 -18.86
CA LYS C 920 -1.16 -10.57 -19.98
C LYS C 920 -0.45 -11.81 -20.51
N GLN C 921 -0.10 -12.75 -19.63
CA GLN C 921 0.44 -14.03 -20.08
C GLN C 921 -0.56 -14.77 -20.94
N ALA C 922 -1.82 -14.80 -20.50
CA ALA C 922 -2.86 -15.49 -21.27
C ALA C 922 -3.05 -14.84 -22.62
N LEU C 923 -3.03 -13.51 -22.68
CA LEU C 923 -3.20 -12.81 -23.94
C LEU C 923 -2.07 -13.17 -24.90
N LEU C 924 -0.83 -13.09 -24.42
CA LEU C 924 0.31 -13.47 -25.25
C LEU C 924 0.17 -14.91 -25.72
N LEU C 925 -0.17 -15.83 -24.81
CA LEU C 925 -0.30 -17.22 -25.20
C LEU C 925 -1.41 -17.41 -26.21
N MET C 926 -2.52 -16.69 -26.03
CA MET C 926 -3.62 -16.84 -26.98
C MET C 926 -3.21 -16.33 -28.36
N LYS C 927 -2.44 -15.24 -28.40
CA LYS C 927 -1.96 -14.74 -29.68
C LYS C 927 -1.06 -15.76 -30.37
N LEU C 928 -0.16 -16.39 -29.62
CA LEU C 928 0.76 -17.34 -30.22
C LEU C 928 0.01 -18.54 -30.79
N ILE C 929 -0.91 -19.10 -30.02
CA ILE C 929 -1.64 -20.28 -30.48
C ILE C 929 -2.50 -19.93 -31.69
N SER C 930 -3.06 -18.73 -31.72
CA SER C 930 -3.95 -18.36 -32.82
C SER C 930 -3.17 -18.17 -34.12
N LEU C 931 -1.90 -17.76 -34.06
CA LEU C 931 -1.09 -17.71 -35.26
C LEU C 931 -1.08 -19.05 -35.99
N VAL C 932 -0.95 -20.15 -35.23
CA VAL C 932 -0.86 -21.46 -35.86
C VAL C 932 -2.21 -21.90 -36.39
N TYR C 933 -3.28 -21.62 -35.65
CA TYR C 933 -4.61 -22.07 -36.06
C TYR C 933 -5.31 -21.10 -37.00
N ASP C 934 -4.63 -20.01 -37.39
CA ASP C 934 -5.03 -19.21 -38.53
C ASP C 934 -4.06 -19.39 -39.70
N ASN C 935 -3.13 -20.34 -39.59
CA ASN C 935 -2.10 -20.54 -40.62
C ASN C 935 -1.47 -19.22 -41.04
N LYS C 936 -1.13 -18.38 -40.05
CA LYS C 936 -0.38 -17.17 -40.29
C LYS C 936 1.13 -17.40 -40.21
N ILE C 937 1.56 -18.61 -39.88
CA ILE C 937 2.96 -19.01 -39.96
C ILE C 937 3.10 -19.84 -41.24
N SER C 938 3.91 -19.35 -42.17
CA SER C 938 3.94 -19.86 -43.53
C SER C 938 4.95 -20.99 -43.75
N VAL C 939 5.74 -21.34 -42.74
CA VAL C 939 6.74 -22.39 -42.88
C VAL C 939 6.47 -23.44 -41.81
N PRO C 940 6.92 -24.67 -42.03
CA PRO C 940 6.86 -25.68 -40.96
C PRO C 940 7.68 -25.24 -39.76
N LEU C 941 7.10 -25.39 -38.57
CA LEU C 941 7.81 -25.11 -37.33
C LEU C 941 8.72 -26.26 -36.91
N TYR C 942 8.64 -27.41 -37.57
CA TYR C 942 9.41 -28.58 -37.21
C TYR C 942 10.60 -28.76 -38.14
N GLN C 943 11.45 -29.72 -37.77
CA GLN C 943 12.59 -30.09 -38.59
C GLN C 943 12.18 -31.05 -39.70
N GLU C 944 13.07 -31.21 -40.68
CA GLU C 944 12.83 -32.16 -41.75
C GLU C 944 12.50 -33.54 -41.21
N ALA C 945 13.30 -34.01 -40.25
CA ALA C 945 13.30 -35.43 -39.90
C ALA C 945 12.21 -35.80 -38.90
N GLU C 946 11.90 -34.91 -37.95
CA GLU C 946 11.13 -35.32 -36.78
C GLU C 946 9.64 -35.50 -37.05
N VAL C 947 9.15 -35.13 -38.23
CA VAL C 947 7.73 -35.26 -38.53
C VAL C 947 7.55 -35.51 -40.03
N PRO C 948 6.59 -36.35 -40.46
CA PRO C 948 6.40 -36.56 -41.91
C PRO C 948 6.16 -35.26 -42.66
N GLN C 949 6.38 -35.29 -43.97
CA GLN C 949 6.11 -34.11 -44.79
C GLN C 949 4.61 -33.86 -44.87
N GLY C 950 4.25 -32.57 -44.87
CA GLY C 950 2.86 -32.17 -44.98
C GLY C 950 2.14 -31.99 -43.66
N THR C 951 2.70 -32.47 -42.56
CA THR C 951 2.08 -32.29 -41.26
C THR C 951 1.82 -30.80 -41.01
N SER C 952 0.58 -30.49 -40.63
CA SER C 952 0.23 -29.11 -40.34
C SER C 952 0.96 -28.64 -39.08
N ASN C 953 1.22 -27.33 -39.02
CA ASN C 953 1.74 -26.75 -37.80
C ASN C 953 0.78 -26.95 -36.64
N GLN C 954 -0.52 -27.06 -36.93
CA GLN C 954 -1.49 -27.36 -35.88
C GLN C 954 -1.16 -28.68 -35.19
N VAL C 955 -1.04 -29.76 -35.97
CA VAL C 955 -0.70 -31.05 -35.39
C VAL C 955 0.62 -30.98 -34.64
N TYR C 956 1.61 -30.30 -35.22
CA TYR C 956 2.92 -30.27 -34.57
C TYR C 956 2.86 -29.47 -33.27
N LEU C 957 2.16 -28.34 -33.26
CA LEU C 957 2.05 -27.54 -32.04
C LEU C 957 1.39 -28.34 -30.93
N SER C 958 0.28 -29.00 -31.23
CA SER C 958 -0.41 -29.83 -30.25
C SER C 958 0.51 -30.93 -29.74
N GLN C 959 1.36 -31.45 -30.63
CA GLN C 959 2.30 -32.50 -30.27
C GLN C 959 3.42 -31.97 -29.39
N TYR C 960 4.00 -30.84 -29.78
CA TYR C 960 5.06 -30.22 -28.99
C TYR C 960 4.55 -29.88 -27.59
N LEU C 961 3.33 -29.37 -27.50
CA LEU C 961 2.80 -28.96 -26.20
C LEU C 961 2.47 -30.16 -25.33
N ALA C 962 1.92 -31.23 -25.92
CA ALA C 962 1.66 -32.44 -25.14
C ALA C 962 2.94 -32.96 -24.52
N ASN C 963 4.02 -33.03 -25.30
CA ASN C 963 5.30 -33.51 -24.79
C ASN C 963 5.86 -32.56 -23.73
N MET C 964 5.78 -31.25 -23.97
CA MET C 964 6.27 -30.27 -23.01
C MET C 964 5.55 -30.41 -21.67
N LEU C 965 4.22 -30.51 -21.70
CA LEU C 965 3.48 -30.60 -20.44
C LEU C 965 3.66 -31.95 -19.78
N SER C 966 3.86 -33.01 -20.56
CA SER C 966 4.10 -34.33 -19.96
C SER C 966 5.38 -34.32 -19.13
N ASN C 967 6.45 -33.72 -19.66
CA ASN C 967 7.72 -33.70 -18.93
C ASN C 967 7.69 -32.72 -17.76
N ALA C 968 6.98 -31.60 -17.92
CA ALA C 968 6.94 -30.58 -16.88
C ALA C 968 5.99 -30.96 -15.75
N PHE C 969 4.93 -31.70 -16.05
CA PHE C 969 3.93 -32.10 -15.07
C PHE C 969 3.69 -33.59 -15.21
N PRO C 970 4.67 -34.41 -14.83
CA PRO C 970 4.59 -35.86 -15.10
C PRO C 970 3.44 -36.56 -14.39
N HIS C 971 2.80 -35.93 -13.41
CA HIS C 971 1.71 -36.56 -12.68
C HIS C 971 0.36 -36.38 -13.37
N LEU C 972 0.31 -35.60 -14.45
CA LEU C 972 -0.89 -35.53 -15.25
C LEU C 972 -0.97 -36.77 -16.16
N THR C 973 -2.20 -37.22 -16.40
CA THR C 973 -2.40 -38.28 -17.39
C THR C 973 -2.36 -37.68 -18.79
N SER C 974 -2.03 -38.54 -19.76
CA SER C 974 -2.07 -38.13 -21.16
C SER C 974 -3.44 -37.59 -21.53
N GLU C 975 -4.50 -38.14 -20.95
CA GLU C 975 -5.86 -37.70 -21.27
C GLU C 975 -6.11 -36.28 -20.78
N GLN C 976 -5.64 -35.96 -19.57
CA GLN C 976 -5.74 -34.59 -19.05
C GLN C 976 -5.07 -33.60 -19.99
N ILE C 977 -3.83 -33.89 -20.38
CA ILE C 977 -3.07 -32.99 -21.23
C ILE C 977 -3.77 -32.80 -22.57
N ALA C 978 -4.26 -33.89 -23.16
CA ALA C 978 -4.87 -33.79 -24.49
C ALA C 978 -6.20 -33.05 -24.43
N SER C 979 -6.99 -33.27 -23.37
CA SER C 979 -8.25 -32.53 -23.23
C SER C 979 -8.00 -31.06 -22.97
N PHE C 980 -6.99 -30.74 -22.16
CA PHE C 980 -6.63 -29.36 -21.91
C PHE C 980 -6.24 -28.64 -23.20
N LEU C 981 -5.43 -29.29 -24.02
CA LEU C 981 -4.94 -28.62 -25.24
C LEU C 981 -6.04 -28.50 -26.27
N SER C 982 -6.90 -29.53 -26.40
CA SER C 982 -8.02 -29.45 -27.32
CA SER C 982 -8.02 -29.45 -27.32
C SER C 982 -8.92 -28.26 -26.98
N ALA C 983 -9.26 -28.12 -25.69
CA ALA C 983 -10.09 -26.99 -25.26
C ALA C 983 -9.36 -25.67 -25.47
N LEU C 984 -8.13 -25.58 -24.98
CA LEU C 984 -7.37 -24.34 -25.09
C LEU C 984 -7.23 -23.91 -26.54
N THR C 985 -6.93 -24.86 -27.42
CA THR C 985 -6.80 -24.57 -28.84
C THR C 985 -8.13 -24.08 -29.42
N LYS C 986 -9.22 -24.80 -29.16
CA LYS C 986 -10.53 -24.40 -29.65
C LYS C 986 -10.89 -22.99 -29.22
N GLN C 987 -10.44 -22.56 -28.04
CA GLN C 987 -10.90 -21.34 -27.41
C GLN C 987 -9.94 -20.17 -27.63
N CYS C 988 -9.05 -20.27 -28.63
CA CYS C 988 -8.01 -19.27 -28.78
C CYS C 988 -8.50 -17.98 -29.43
N LYS C 989 -9.79 -17.85 -29.72
CA LYS C 989 -10.38 -16.58 -30.12
C LYS C 989 -11.22 -15.95 -29.01
N ASP C 990 -11.40 -16.64 -27.89
CA ASP C 990 -12.29 -16.22 -26.81
C ASP C 990 -11.47 -16.09 -25.52
N LEU C 991 -11.07 -14.86 -25.20
CA LEU C 991 -10.07 -14.65 -24.15
C LEU C 991 -10.60 -15.04 -22.77
N VAL C 992 -11.85 -14.67 -22.46
CA VAL C 992 -12.43 -15.00 -21.15
C VAL C 992 -12.51 -16.51 -20.96
N VAL C 993 -12.89 -17.24 -22.01
CA VAL C 993 -13.02 -18.69 -21.90
C VAL C 993 -11.64 -19.34 -21.84
N PHE C 994 -10.77 -18.96 -22.79
CA PHE C 994 -9.36 -19.34 -22.76
C PHE C 994 -8.76 -19.20 -21.37
N LYS C 995 -8.97 -18.03 -20.75
CA LYS C 995 -8.45 -17.80 -19.41
C LYS C 995 -9.06 -18.76 -18.41
N GLY C 996 -10.37 -19.02 -18.52
CA GLY C 996 -11.00 -19.99 -17.65
C GLY C 996 -10.34 -21.36 -17.75
N THR C 997 -10.01 -21.77 -18.98
CA THR C 997 -9.38 -23.08 -19.17
C THR C 997 -7.98 -23.10 -18.56
N LEU C 998 -7.24 -21.99 -18.68
CA LEU C 998 -5.93 -21.92 -18.04
C LEU C 998 -6.06 -22.03 -16.53
N ARG C 999 -7.02 -21.33 -15.93
N ARG C 999 -7.04 -21.36 -15.92
CA ARG C 999 -7.25 -21.44 -14.50
CA ARG C 999 -7.20 -21.45 -14.48
C ARG C 999 -7.57 -22.87 -14.10
C ARG C 999 -7.65 -22.84 -14.05
N ASP C 1000 -8.43 -23.53 -14.88
CA ASP C 1000 -8.75 -24.92 -14.62
C ASP C 1000 -7.49 -25.78 -14.61
N PHE C 1001 -6.59 -25.53 -15.56
CA PHE C 1001 -5.34 -26.27 -15.63
C PHE C 1001 -4.46 -26.00 -14.41
N LEU C 1002 -4.46 -24.76 -13.92
CA LEU C 1002 -3.65 -24.43 -12.75
C LEU C 1002 -4.18 -25.12 -11.50
N VAL C 1003 -5.48 -25.38 -11.44
CA VAL C 1003 -6.03 -26.17 -10.34
C VAL C 1003 -5.61 -27.63 -10.47
N GLN C 1004 -5.70 -28.18 -11.68
CA GLN C 1004 -5.47 -29.61 -11.84
C GLN C 1004 -4.01 -30.00 -11.62
N ILE C 1005 -3.06 -29.13 -11.99
CA ILE C 1005 -1.65 -29.46 -11.78
C ILE C 1005 -1.28 -29.47 -10.31
N LYS C 1006 -2.15 -28.99 -9.44
CA LYS C 1006 -1.90 -28.97 -8.00
C LYS C 1006 -2.35 -30.25 -7.31
N GLU C 1007 -2.96 -31.18 -8.02
CA GLU C 1007 -3.46 -32.41 -7.44
C GLU C 1007 -3.20 -33.55 -8.41
N VAL C 1008 -3.57 -34.76 -7.99
CA VAL C 1008 -3.48 -35.95 -8.80
C VAL C 1008 -4.90 -36.38 -9.15
N GLY C 1009 -5.09 -36.81 -10.39
CA GLY C 1009 -6.35 -37.40 -10.79
C GLY C 1009 -7.43 -36.43 -11.20
N GLY C 1010 -7.06 -35.24 -11.66
CA GLY C 1010 -8.07 -34.31 -12.13
C GLY C 1010 -8.87 -34.89 -13.30
N ASP C 1011 -10.12 -34.48 -13.37
CA ASP C 1011 -11.04 -35.03 -14.38
C ASP C 1011 -10.82 -34.34 -15.73
N PRO C 1012 -10.45 -35.07 -16.78
CA PRO C 1012 -10.23 -34.40 -18.08
C PRO C 1012 -11.49 -33.87 -18.74
N THR C 1013 -12.68 -34.34 -18.35
CA THR C 1013 -13.90 -33.76 -18.87
C THR C 1013 -14.14 -32.34 -18.35
N ASP C 1014 -13.41 -31.91 -17.33
CA ASP C 1014 -13.58 -30.54 -16.83
C ASP C 1014 -13.31 -29.52 -17.93
N TYR C 1015 -12.42 -29.84 -18.87
CA TYR C 1015 -12.07 -28.91 -19.93
C TYR C 1015 -13.16 -28.78 -21.00
N LEU C 1016 -14.23 -29.57 -20.90
CA LEU C 1016 -15.41 -29.37 -21.73
C LEU C 1016 -16.41 -28.39 -21.12
N PHE C 1017 -16.05 -27.73 -20.01
CA PHE C 1017 -16.99 -26.90 -19.28
C PHE C 1017 -17.65 -25.87 -20.19
N ALA C 1018 -16.85 -25.11 -20.93
CA ALA C 1018 -17.43 -24.11 -21.84
C ALA C 1018 -18.42 -24.75 -22.79
N GLU C 1019 -17.95 -25.69 -23.61
CA GLU C 1019 -18.75 -26.64 -24.40
C GLU C 1019 -18.00 -27.01 -25.67
N ILE D 12 -10.79 44.95 1.35
CA ILE D 12 -10.26 44.42 2.60
C ILE D 12 -8.87 45.01 2.85
N ASP D 13 -8.61 45.41 4.09
CA ASP D 13 -7.30 45.95 4.47
C ASP D 13 -6.36 44.79 4.77
N LEU D 14 -6.06 44.02 3.71
CA LEU D 14 -5.09 42.94 3.81
C LEU D 14 -3.67 43.47 3.86
N SER D 15 -3.45 44.72 3.47
CA SER D 15 -2.11 45.29 3.48
C SER D 15 -1.50 45.28 4.88
N GLY D 16 -2.33 45.37 5.92
CA GLY D 16 -1.87 45.46 7.28
C GLY D 16 -1.62 44.15 8.00
N LEU D 17 -1.88 43.02 7.35
CA LEU D 17 -1.63 41.73 7.97
C LEU D 17 -0.17 41.63 8.39
N THR D 18 0.08 41.17 9.61
CA THR D 18 1.43 41.14 10.15
C THR D 18 1.59 39.99 11.13
N LEU D 19 2.78 39.41 11.16
CA LEU D 19 3.12 38.30 12.03
C LEU D 19 3.80 38.76 13.32
N GLN D 20 3.72 40.04 13.65
CA GLN D 20 4.42 40.59 14.80
C GLN D 20 3.56 41.64 15.50
PG GNP E . 7.91 -13.57 3.34
O1G GNP E . 8.29 -14.50 2.16
O2G GNP E . 6.48 -13.88 3.76
O3G GNP E . 8.87 -13.77 4.54
N3B GNP E . 8.08 -11.97 2.86
PB GNP E . 7.77 -10.67 3.91
O1B GNP E . 8.43 -10.91 5.29
O2B GNP E . 6.29 -10.47 4.07
O3A GNP E . 8.46 -9.32 3.24
PA GNP E . 9.96 -8.75 3.63
O1A GNP E . 10.98 -9.86 3.58
O2A GNP E . 9.94 -8.16 5.05
O5' GNP E . 10.37 -7.55 2.53
C5' GNP E . 10.20 -7.80 1.17
C4' GNP E . 10.71 -6.59 0.42
O4' GNP E . 9.89 -5.56 0.59
C3' GNP E . 12.06 -6.16 1.00
O3' GNP E . 12.91 -5.81 0.00
C2' GNP E . 11.70 -4.94 1.89
O2' GNP E . 12.92 -4.05 2.05
C1' GNP E . 10.72 -4.34 1.23
N9 GNP E . 9.84 -3.57 2.07
C8 GNP E . 9.20 -3.90 3.24
N7 GNP E . 8.49 -2.86 3.63
C5 GNP E . 8.64 -1.87 2.71
C6 GNP E . 8.12 -0.61 2.64
O6 GNP E . 7.38 -0.20 3.48
N1 GNP E . 8.43 0.18 1.61
C2 GNP E . 9.26 -0.28 0.65
N2 GNP E . 9.58 0.69 -0.51
N3 GNP E . 9.78 -1.52 0.71
C4 GNP E . 9.47 -2.33 1.76
HNB3 GNP E . 8.44 -11.81 2.09
H5'2 GNP E . 10.71 -8.59 0.91
H5'1 GNP E . 9.25 -7.94 0.97
H4' GNP E . 10.80 -6.79 -0.53
H3' GNP E . 12.44 -6.88 1.54
H2' GNP E . 11.38 -5.24 2.75
HO2' GNP E . 13.32 -4.24 2.77
H1' GNP E . 11.08 -3.79 0.52
H8 GNP E . 9.29 -4.70 3.68
HN1 GNP E . 8.11 0.97 1.56
HN21 GNP E . 10.13 0.45 -1.12
HN22 GNP E . 9.20 1.45 -0.54
MG MG F . 9.18 -12.65 6.15
C1 GOL G . -4.22 -18.34 2.16
O1 GOL G . -3.79 -18.77 3.44
C2 GOL G . -3.03 -18.22 1.23
O2 GOL G . -2.17 -19.34 1.38
C3 GOL G . -3.51 -18.14 -0.22
O3 GOL G . -4.03 -16.84 -0.46
H2 GOL G . -2.49 -17.31 1.47
HO2 GOL G . -2.66 -20.15 1.14
H31 GOL G . -4.29 -18.89 -0.39
H32 GOL G . -2.68 -18.34 -0.90
HO3 GOL G . -4.01 -16.66 -1.42
C1 GOL H . -39.28 -21.62 0.39
O1 GOL H . -39.83 -21.11 -0.80
C2 GOL H . -39.93 -22.96 0.71
O2 GOL H . -39.22 -23.59 1.76
C3 GOL H . -41.37 -22.72 1.13
O3 GOL H . -41.42 -22.10 2.40
H2 GOL H . -39.92 -23.58 -0.18
HO2 GOL H . -39.25 -23.03 2.56
H31 GOL H . -41.90 -23.67 1.17
H32 GOL H . -41.86 -22.08 0.40
HO3 GOL H . -41.33 -22.79 3.10
C1 GOL I . 19.10 -15.08 -20.89
O1 GOL I . 20.18 -15.95 -20.67
C2 GOL I . 18.73 -14.35 -19.61
O2 GOL I . 19.67 -14.61 -18.59
C3 GOL I . 18.65 -12.84 -19.87
O3 GOL I . 19.90 -12.35 -20.31
H2 GOL I . 17.75 -14.69 -19.30
HO2 GOL I . 20.55 -14.27 -18.87
H31 GOL I . 18.34 -12.32 -18.96
H32 GOL I . 17.90 -12.65 -20.64
HO3 GOL I . 19.89 -11.36 -20.27
CL CL J . -13.11 10.05 12.17
#